data_7TVE
#
_entry.id   7TVE
#
loop_
_entity.id
_entity.type
_entity.pdbx_description
1 polymer 'DNA (68-MER)'
2 polymer 'DNA (78-MER)'
3 polymer 'Non-structural maintenance of chromosomes element 1'
4 polymer 'Structural maintenance of chromosomes protein 6'
5 polymer 'Structural maintenance of chromosomes protein 5'
6 polymer 'Non-structural maintenance of chromosome element 3'
7 polymer 'Non-structural maintenance of chromosome element 4'
8 non-polymer "ADENOSINE-5'-TRIPHOSPHATE"
#
loop_
_entity_poly.entity_id
_entity_poly.type
_entity_poly.pdbx_seq_one_letter_code
_entity_poly.pdbx_strand_id
1 'polydeoxyribonucleotide'
;(DA)(DA)(DA)(DA)(DA)(DA)(DA)(DA)(DA)(DA)(DA)(DA)(DA)(DA)(DA)(DA)(DA)(DA)(DA)(DA)
(DA)(DA)(DA)(DA)(DA)(DA)(DA)(DA)(DA)(DA)(DA)(DA)(DA)(DA)(DA)(DA)(DA)(DA)(DA)(DA)
(DA)(DA)(DA)(DA)(DA)(DA)(DA)(DA)(DA)(DA)(DA)(DA)(DA)(DA)(DA)(DA)(DA)(DA)(DA)(DA)
(DA)(DA)(DA)(DA)(DA)(DA)(DA)(DA)
;
A
2 'polydeoxyribonucleotide'
;(DT)(DT)(DT)(DT)(DT)(DT)(DT)(DT)(DT)(DT)(DT)(DT)(DT)(DT)(DT)(DT)(DT)(DT)(DT)(DT)
(DT)(DT)(DT)(DT)(DT)(DT)(DT)(DT)(DT)(DT)(DT)(DT)(DT)(DT)(DT)(DT)(DT)(DT)(DT)(DT)
(DT)(DT)(DT)(DT)(DT)(DT)(DT)(DT)(DT)(DT)(DT)(DT)(DT)(DT)(DT)(DT)(DT)(DT)(DT)(DT)
(DT)(DT)(DT)(DT)(DT)(DT)(DT)(DT)(DT)(DT)(DT)(DT)(DT)(DT)(DT)(DT)(DT)(DT)
;
B
3 'polypeptide(L)'
;MEVHEEHVSAPVTGDATAKYLLQYILSARGICHENALILALMRLETDASTLNTEWSIQQWVDKLNDYINAINVKLNLLGY
KIIRINHGIGRNAVTLKAKQNFESFEDNTAIRAHDNDYAVLQSIVLPESNRFFVYVNLASTEETKLATRFNQNEIEFIKW
AIEQFMISGETIVEGPALDTSIIVREVNRILVAATGDSNLAKWRKFSTFTVGSTNLFQFQELTATDIEDLLLRLCELKWF
YRTQEGKFGIDLRCIAELEEYLTSMYNLNTCQNCHKLAIQGVRCGNESCREENEETGENSLSQIWHVDCFKHYITHVSKN
CDRCGSSLITEGVYVIG
;
C
4 'polypeptide(L)'
;MISTTISGKRPIEQVDDELLSLTAQQENEEQQQQRKRRRHQFAPMTQFNSNTLDEDSGFRSSSDVATADQDNFLEESPSG
YIKKVILRNFMCHEHFELELGSRLNFIVGNNGSGKSAILTAITIGLGAKASETNRGSSLKDLIREGCYSAKIILHLDNSK
YGAYQQGIFGNEIIVERIIKRDGPASFSLRSENGKEISNKKKDIQTVVDYFSVPVSNPMCFLSQDAARSFLTASTSQDKY
SHFMKGTLLQEITENLLYASAIHDSAQENMALHLENLKSLKAEYEDAKKLLRELNQTSDLNERKMLLQAKSLWIDVAHNT
DACKNLENEISGIQQKVDEVTEKIRNRQEKIERYTSDGTTIEAQIDAKVIYVNEKDSEHQNARELLRDVKSRFEKEKSNQ
AEAQSNIDQGRKKVDALNKTIAHLEEELTKEMGGDKDQMRQELEQLEKANEKLREVNNSLVVSLQDVKNEERDIQHERES
ELRTISRSIQNKKVELQNIAKGNDTFLMNFDRNMDRLLRTIEQRKNEFETPAIGPLGSLVTIRKGFEKWTRSIQRAISSS
LNAFVVSNPKDNRLFRDIMRSCGIRSNIPIVTYCLSQFDYSKGRAHGNYPTIVDALEFSKPEIECLFVDLSRIERIVLIE
DKNEARNFLQRNPVNVNMALSLRDRRSGFQLSGGYRLDTVTYQDKIRLKVNSSSDNGTQYLKDLIEQETKELQNIRDRYE
EKLSEVRSRLKEIDGRLKSTKNEMRKTNFRMTELKMNVGKVVDTGILNSKINERKNQEQAIASYEAAKEELGLKIEQIAQ
EAQPIKEQYDSTKLALVEAQDELQQLKEDINSRQSKIQKYKDDTIYYEDKKKVYLENIKKIEVNVAALKEGIQRQIQNAC
AFCSKERIENVDLPDTQEEIKRELDKVSRMIQKAEKSLGLSQEEVIALFEKCRNKYKEGQKKYMEIDEALNRLHNSLKAR
DQNYKNAEKGTCFDADMDFRASLKVRKFSGNLSFIKDTKSLEIYILTTNDEKARNVDTLSGGEKSFSQMALLLATWKPMR
SRIIALDQFDVFMDQVNRKIGTTLIVKKLKDIARTQTIIITPQDIGKIADIDSSGVSIHRMRDPERQNNSNFYNGSLEVL
FQGPGGSSAWSHPQFEKGGGSGGGSGGGSWSHPQFEK
;
D
5 'polypeptide(L)'
;MTSLIDLGRYVERTHHGEDTEPRSKRVKIAKPDLSSFQPGSIIKIRLQDFVTYTLTEFNLSPSLNMIIGPNGSGKSTFVC
AVCLGLAGKPEYIGRSKKVEDFIKNGQDVSKIEITLKNSPNVTDIEYIDARDETIKITRIITRSKRRSDYLINDYQVSES
VVKTLVAQLNIQLDNLCQFLSQERVEEFARLKSVKLLVETIRSIDASLLDVLDELRELQGNEQSLQKDLDFKKAKIVHLR
QESDKLRKSVESLRDFQNKKGEIELHSQLLPYVKVKDHKEKLNIYKEEYERAKANLRAILKDKKPFANTKKTLENQVEEL
TEKCSLKTDEFLKAKEKINEIFEKLNTIRDEVIKKKNQNEYYRGRTKKLQATIISTKEDFLRSQEILAQTHLPEKSVFED
IDIKRKEIINKEGEIRDLISEIDAKANAINHEMRSIQRQAESKTKSLTTTDKIGILNQDQDLKEVRDAVLMVREHPEMKD
KILEPPIMTVSAINAQFAAYLAQCVDYNTSKALTVVDSDSYKLFANPILDKFKVNLRELSSADTTPPVPAETVRDLGFEG
YLSDFITGDKRVMKMLCQTSKIHTIPVSRRELTPAQIKKLITPRPNGKILFKRIIHGNRLVDIKQSAYGSKQVFPTDVSI
KQTNFYQGSIMSNEQKIRIENEIINLKNEYNDRKSTLDALSNQKSGYRHELSELASKNDDINREAHQLNEIRKKYTMRKS
TIETLREKLDQLKREARKDVSQKIKDIDDQIQQLLLKQRHLLSKMASSMKSLKNCQKELISTQILQFEAQNMDVSMNDVI
GFFNEREADLKSQYEDKKKFVKEMRDTPEFQSWMREIRSYDQDTKEKLNKVAEKYEEEGNFNLSFVQDVLDKLESEIAMV
NHDESAVTILDQVTAELRELEHTVPQQSKDLETIKAKLKEDHAVLEPKLDDIVSKISARFARLFNNVGSAGAVRLEKPKD
YAEWKIEIMVKFRDNAPLKKLDSHTQSGGERAVSTVLYMIALQEFTSAPFRVVDQINQGMDSRNERIVHKAMVENACAEN
TSQYFLITPKLLTGLHYHEKMRIHCVMAGSWIPNPSEDPKMIHFGETSNYSFDG
;
E
6 'polypeptide(L)'
;MMSSIDNDSDVDLTEDLAVAKIVKENPVARKMVRYILSRGESQNSIITRNKLQSVIHEAAREENIAKPSFSKMFMDINAI
LYNVYGFELQGLPSKNNMNAGGNGSNSNTNKSMPEPLGHRAQKFILLNNVPHSKNFDDFKILQSAHTYEELIVTGEYIGD
DIASGTSNTLESKLSTDRDLVYKGVLSVILCIVFFSKNNILHQELIKFLETFGIPSDGSKIAILNITIEDLIKSLEKREY
IVRLEEKSDTDGEVISYRIGRRTQAELGLESLEKLVQEIMGLEKEQTKSLHDDIIKSIGDSYSIG
;
F
7 'polypeptide(L)'
;MSSTVISRKRRNSTVTEPDSSGETRKQKKSRSDEKSSSSKDGDPQLEFKVLQGYRDLESEMHKGRAQVTRTGDIGVAMDN
LNAVDSLFNKVIGIKNNGLFAHDARAMVSISELAQISVRNLKFDDSRSMVNLENIVNSLKRYMLKEHFKLNNIAENRNDL
TLAADEQSAADQQEESDGDIDRTPDDNHTDKATSSFKATSMRHSYLQQFSHYNEFSQFNWFRIGALYNTISKNAPITDHL
MGPLSIEKKPRVLTQRRRNNDQVGEKITAEKITQHSLNSTQQETTPEQVKKCFKKLSKKLGPEGSINLFKFIIDPNSFSR
SIENLFYTSFLIKEGKLLMEHDEEGLPTIKIKQSISHTDSRSKEIERQRRRAAHQNHIIFQMDMPTWRKLIKKYNITSPF
LDG
;
G
#
# COMPACT_ATOMS: atom_id res chain seq x y z
N THR C 13 13.08 7.87 -40.15
CA THR C 13 13.40 9.14 -39.50
C THR C 13 12.14 9.89 -39.10
N GLY C 14 10.98 9.46 -39.63
CA GLY C 14 9.70 10.05 -39.32
C GLY C 14 9.43 10.01 -37.83
N ASP C 15 9.54 8.82 -37.24
CA ASP C 15 9.53 8.70 -35.79
C ASP C 15 10.58 9.60 -35.15
N ALA C 16 11.82 9.53 -35.65
CA ALA C 16 12.91 10.28 -35.05
C ALA C 16 12.65 11.79 -35.11
N THR C 17 12.34 12.30 -36.30
CA THR C 17 12.22 13.75 -36.45
C THR C 17 10.99 14.28 -35.72
N ALA C 18 9.85 13.62 -35.89
CA ALA C 18 8.65 14.06 -35.22
C ALA C 18 8.70 13.83 -33.72
N LYS C 19 9.74 13.14 -33.27
CA LYS C 19 9.96 12.87 -31.86
C LYS C 19 10.88 13.96 -31.30
N TYR C 20 11.81 14.44 -32.13
CA TYR C 20 12.74 15.49 -31.71
C TYR C 20 12.05 16.83 -31.62
N LEU C 21 11.24 17.17 -32.63
CA LEU C 21 10.76 18.56 -32.73
C LEU C 21 9.79 18.92 -31.61
N LEU C 22 8.94 17.98 -31.21
CA LEU C 22 8.04 18.27 -30.10
C LEU C 22 8.83 18.45 -28.81
N GLN C 23 9.88 17.66 -28.61
CA GLN C 23 10.74 17.86 -27.46
C GLN C 23 11.33 19.27 -27.48
N TYR C 24 11.82 19.69 -28.64
CA TYR C 24 12.33 21.05 -28.80
C TYR C 24 11.31 22.08 -28.36
N ILE C 25 10.06 21.91 -28.79
CA ILE C 25 9.07 22.96 -28.59
C ILE C 25 8.50 22.98 -27.16
N LEU C 26 8.25 21.83 -26.55
CA LEU C 26 7.73 21.89 -25.19
C LEU C 26 8.83 21.94 -24.15
N SER C 27 10.10 21.83 -24.57
CA SER C 27 11.22 22.09 -23.66
C SER C 27 11.39 23.57 -23.38
N ALA C 28 11.12 24.41 -24.37
CA ALA C 28 11.29 25.85 -24.28
C ALA C 28 10.11 26.54 -23.61
N ARG C 29 9.36 25.81 -22.80
CA ARG C 29 8.14 26.23 -22.11
C ARG C 29 6.98 26.50 -23.05
N GLY C 30 7.05 26.02 -24.29
CA GLY C 30 5.99 26.32 -25.23
C GLY C 30 6.50 27.06 -26.43
N ILE C 31 6.17 28.35 -26.48
CA ILE C 31 6.45 29.27 -27.56
C ILE C 31 7.86 29.11 -28.12
N CYS C 32 7.98 29.11 -29.44
CA CYS C 32 9.30 29.10 -30.05
C CYS C 32 9.22 29.64 -31.46
N HIS C 33 10.11 30.59 -31.78
CA HIS C 33 10.12 31.25 -33.08
C HIS C 33 10.35 30.25 -34.20
N GLU C 34 9.86 30.59 -35.38
CA GLU C 34 9.90 29.68 -36.52
C GLU C 34 11.32 29.51 -37.05
N ASN C 35 12.12 30.58 -37.01
CA ASN C 35 13.49 30.48 -37.50
C ASN C 35 14.41 29.70 -36.56
N ALA C 36 13.90 29.22 -35.43
CA ALA C 36 14.63 28.28 -34.60
C ALA C 36 14.25 26.83 -34.93
N LEU C 37 12.96 26.57 -35.15
CA LEU C 37 12.54 25.25 -35.60
C LEU C 37 13.13 24.91 -36.96
N ILE C 38 13.18 25.87 -37.88
CA ILE C 38 13.75 25.59 -39.19
C ILE C 38 15.24 25.35 -39.12
N LEU C 39 15.91 25.78 -38.05
CA LEU C 39 17.31 25.42 -37.88
C LEU C 39 17.47 24.10 -37.14
N ALA C 40 16.59 23.80 -36.19
CA ALA C 40 16.60 22.48 -35.58
C ALA C 40 16.36 21.39 -36.60
N LEU C 41 15.60 21.69 -37.66
CA LEU C 41 15.41 20.70 -38.71
C LEU C 41 16.70 20.44 -39.46
N MET C 42 17.51 21.47 -39.71
CA MET C 42 18.80 21.24 -40.33
C MET C 42 19.76 20.56 -39.36
N ARG C 43 19.55 20.77 -38.07
CA ARG C 43 20.29 20.04 -37.04
C ARG C 43 20.04 18.54 -37.16
N LEU C 44 18.77 18.14 -37.23
CA LEU C 44 18.41 16.73 -37.14
C LEU C 44 18.46 16.01 -38.48
N GLU C 45 18.34 16.73 -39.60
CA GLU C 45 18.55 16.07 -40.88
C GLU C 45 20.01 15.71 -41.08
N THR C 46 20.91 16.30 -40.29
CA THR C 46 22.31 15.92 -40.29
C THR C 46 22.67 14.95 -39.18
N ASP C 47 21.82 14.86 -38.14
CA ASP C 47 22.09 13.89 -37.07
C ASP C 47 21.74 12.48 -37.49
N ALA C 48 20.82 12.33 -38.45
CA ALA C 48 20.57 11.06 -39.11
C ALA C 48 21.22 10.99 -40.49
N SER C 49 21.94 12.04 -40.88
CA SER C 49 22.66 12.10 -42.16
C SER C 49 21.74 11.84 -43.33
N THR C 50 20.79 12.76 -43.51
CA THR C 50 19.87 12.71 -44.63
C THR C 50 20.07 13.96 -45.50
N LEU C 51 21.33 14.28 -45.80
CA LEU C 51 21.74 15.54 -46.41
C LEU C 51 21.00 15.87 -47.69
N ASN C 52 21.00 17.15 -48.06
CA ASN C 52 20.23 17.64 -49.19
C ASN C 52 20.94 18.83 -49.82
N THR C 53 20.99 18.85 -51.14
CA THR C 53 21.61 19.94 -51.89
C THR C 53 20.67 20.64 -52.85
N GLU C 54 19.56 20.00 -53.26
CA GLU C 54 18.65 20.57 -54.24
C GLU C 54 17.53 21.37 -53.59
N TRP C 55 17.76 21.94 -52.41
CA TRP C 55 16.71 22.58 -51.65
C TRP C 55 16.99 24.06 -51.47
N SER C 56 15.93 24.83 -51.28
CA SER C 56 15.99 26.20 -50.77
C SER C 56 15.14 26.28 -49.51
N ILE C 57 15.01 27.49 -48.98
CA ILE C 57 14.31 27.67 -47.72
C ILE C 57 12.82 27.38 -47.88
N GLN C 58 12.30 27.46 -49.11
CA GLN C 58 10.89 27.19 -49.34
C GLN C 58 10.55 25.73 -49.05
N GLN C 59 11.30 24.79 -49.62
CA GLN C 59 11.09 23.38 -49.32
C GLN C 59 11.29 23.11 -47.84
N TRP C 60 12.20 23.85 -47.21
CA TRP C 60 12.49 23.63 -45.80
C TRP C 60 11.33 24.03 -44.92
N VAL C 61 10.77 25.22 -45.14
CA VAL C 61 9.62 25.63 -44.34
C VAL C 61 8.41 24.79 -44.69
N ASP C 62 8.35 24.28 -45.94
CA ASP C 62 7.31 23.34 -46.31
C ASP C 62 7.40 22.07 -45.49
N LYS C 63 8.60 21.50 -45.38
CA LYS C 63 8.78 20.26 -44.64
C LYS C 63 8.54 20.46 -43.16
N LEU C 64 8.96 21.61 -42.63
CA LEU C 64 8.66 21.94 -41.24
C LEU C 64 7.15 21.99 -41.02
N ASN C 65 6.41 22.63 -41.93
CA ASN C 65 4.96 22.68 -41.80
C ASN C 65 4.34 21.30 -41.91
N ASP C 66 4.89 20.45 -42.79
CA ASP C 66 4.39 19.09 -42.93
C ASP C 66 4.58 18.30 -41.65
N TYR C 67 5.78 18.38 -41.06
CA TYR C 67 6.04 17.67 -39.81
C TYR C 67 5.15 18.19 -38.71
N ILE C 68 4.90 19.50 -38.67
CA ILE C 68 4.02 20.05 -37.65
C ILE C 68 2.58 19.59 -37.89
N ASN C 69 2.18 19.42 -39.15
CA ASN C 69 0.85 18.89 -39.42
C ASN C 69 0.71 17.46 -38.93
N ALA C 70 1.74 16.63 -39.15
CA ALA C 70 1.67 15.25 -38.66
C ALA C 70 1.64 15.19 -37.14
N ILE C 71 2.54 15.94 -36.50
CA ILE C 71 2.58 16.00 -35.05
C ILE C 71 1.29 16.54 -34.49
N ASN C 72 0.64 17.45 -35.23
CA ASN C 72 -0.62 18.01 -34.80
C ASN C 72 -1.76 17.03 -34.96
N VAL C 73 -1.71 16.18 -35.99
CA VAL C 73 -2.68 15.08 -36.10
C VAL C 73 -2.60 14.21 -34.86
N LYS C 74 -1.39 13.76 -34.51
CA LYS C 74 -1.22 12.90 -33.34
C LYS C 74 -1.68 13.60 -32.06
N LEU C 75 -1.30 14.86 -31.89
CA LEU C 75 -1.62 15.57 -30.64
C LEU C 75 -3.12 15.86 -30.54
N ASN C 76 -3.72 16.34 -31.63
CA ASN C 76 -5.16 16.54 -31.63
C ASN C 76 -5.91 15.26 -31.37
N LEU C 77 -5.35 14.12 -31.77
CA LEU C 77 -5.90 12.85 -31.33
C LEU C 77 -5.70 12.67 -29.83
N LEU C 78 -4.61 13.22 -29.28
CA LEU C 78 -4.37 13.09 -27.85
C LEU C 78 -5.08 14.17 -27.04
N GLY C 79 -5.21 15.38 -27.58
CA GLY C 79 -5.93 16.41 -26.85
C GLY C 79 -5.16 17.70 -26.61
N TYR C 80 -3.94 17.80 -27.14
CA TYR C 80 -3.16 19.02 -27.12
C TYR C 80 -2.99 19.49 -28.56
N LYS C 81 -2.41 20.67 -28.75
CA LYS C 81 -2.37 21.21 -30.10
C LYS C 81 -1.20 22.15 -30.27
N ILE C 82 -0.69 22.21 -31.49
CA ILE C 82 0.35 23.15 -31.90
C ILE C 82 -0.33 24.20 -32.77
N ILE C 83 -0.65 25.35 -32.16
CA ILE C 83 -1.24 26.48 -32.87
C ILE C 83 -0.13 27.09 -33.71
N ARG C 84 -0.45 28.01 -34.61
CA ARG C 84 0.57 28.71 -35.39
C ARG C 84 0.15 30.17 -35.50
N ILE C 85 0.57 30.99 -34.52
CA ILE C 85 0.14 32.38 -34.44
C ILE C 85 1.29 33.30 -34.81
N ASN C 86 0.94 34.55 -35.09
CA ASN C 86 1.91 35.60 -35.42
C ASN C 86 2.08 36.55 -34.24
N HIS C 87 3.31 37.01 -34.04
CA HIS C 87 3.59 38.07 -33.09
C HIS C 87 3.44 39.40 -33.81
N GLY C 88 2.57 40.26 -33.29
CA GLY C 88 2.23 41.45 -34.02
C GLY C 88 3.10 42.67 -33.75
N ILE C 89 4.40 42.54 -33.94
CA ILE C 89 5.26 43.74 -33.94
C ILE C 89 6.03 43.77 -35.25
N GLY C 90 5.88 42.75 -36.06
CA GLY C 90 6.26 42.90 -37.46
C GLY C 90 7.53 42.15 -37.81
N ARG C 91 7.67 41.92 -39.12
CA ARG C 91 8.79 41.15 -39.67
C ARG C 91 10.13 41.75 -39.26
N ASN C 92 10.35 43.03 -39.60
CA ASN C 92 11.65 43.64 -39.36
C ASN C 92 11.97 43.68 -37.88
N ALA C 93 10.97 43.96 -37.04
CA ALA C 93 11.20 44.04 -35.61
C ALA C 93 11.61 42.68 -35.03
N VAL C 94 10.86 41.63 -35.35
CA VAL C 94 11.16 40.34 -34.74
C VAL C 94 12.45 39.76 -35.31
N THR C 95 12.71 39.95 -36.62
CA THR C 95 13.96 39.45 -37.16
C THR C 95 15.15 40.20 -36.58
N LEU C 96 15.00 41.50 -36.30
CA LEU C 96 16.01 42.24 -35.58
C LEU C 96 16.26 41.63 -34.21
N LYS C 97 15.19 41.45 -33.43
CA LYS C 97 15.36 40.98 -32.06
C LYS C 97 15.91 39.56 -31.99
N ALA C 98 15.63 38.73 -32.99
CA ALA C 98 16.10 37.34 -32.97
C ALA C 98 17.48 37.20 -33.59
N LYS C 99 17.62 37.52 -34.89
CA LYS C 99 18.91 37.39 -35.54
C LYS C 99 19.90 38.48 -35.14
N GLN C 100 19.53 39.34 -34.20
CA GLN C 100 20.49 40.21 -33.53
C GLN C 100 21.21 39.47 -32.40
N ASN C 101 20.61 38.41 -31.87
CA ASN C 101 21.22 37.57 -30.85
C ASN C 101 21.86 36.32 -31.46
N PHE C 102 21.96 36.25 -32.79
CA PHE C 102 22.58 35.12 -33.47
C PHE C 102 23.82 35.57 -34.24
N GLU C 103 24.59 36.49 -33.65
CA GLU C 103 25.78 37.02 -34.30
C GLU C 103 27.08 36.44 -33.74
N SER C 104 27.04 35.89 -32.53
CA SER C 104 28.24 35.33 -31.93
C SER C 104 28.32 33.82 -32.15
N PHE C 105 27.22 33.11 -31.90
CA PHE C 105 27.16 31.67 -32.09
C PHE C 105 26.48 31.27 -33.39
N GLU C 106 25.91 32.22 -34.12
CA GLU C 106 25.19 31.97 -35.38
C GLU C 106 24.11 30.89 -35.25
N LEU C 121 23.84 29.43 -39.32
CA LEU C 121 24.55 28.22 -39.68
C LEU C 121 24.98 28.24 -41.14
N GLN C 122 26.29 28.26 -41.35
CA GLN C 122 26.92 28.22 -42.68
C GLN C 122 26.42 29.32 -43.61
N SER C 123 26.10 30.49 -43.04
CA SER C 123 25.62 31.66 -43.79
C SER C 123 24.42 31.31 -44.66
N ILE C 124 23.38 30.79 -44.02
CA ILE C 124 22.12 30.57 -44.72
C ILE C 124 21.24 31.81 -44.60
N VAL C 125 20.41 32.03 -45.61
CA VAL C 125 19.48 33.15 -45.63
C VAL C 125 18.12 32.66 -45.18
N LEU C 126 17.49 33.43 -44.28
CA LEU C 126 16.17 33.11 -43.78
C LEU C 126 15.20 34.23 -44.12
N PRO C 127 13.99 33.89 -44.55
CA PRO C 127 12.98 34.93 -44.74
C PRO C 127 12.50 35.43 -43.38
N GLU C 128 12.43 36.76 -43.25
CA GLU C 128 12.13 37.36 -41.97
C GLU C 128 10.71 37.00 -41.57
N SER C 129 10.56 36.05 -40.65
CA SER C 129 9.29 35.43 -40.36
C SER C 129 8.79 35.86 -39.00
N ASN C 130 7.55 35.51 -38.71
CA ASN C 130 6.92 35.94 -37.47
C ASN C 130 6.06 34.87 -36.81
N ARG C 131 6.01 33.65 -37.35
CA ARG C 131 5.05 32.68 -36.86
C ARG C 131 5.58 32.01 -35.60
N PHE C 132 4.74 31.89 -34.58
CA PHE C 132 5.15 31.43 -33.26
C PHE C 132 4.32 30.23 -32.83
N PHE C 133 4.84 29.02 -33.09
CA PHE C 133 4.20 27.80 -32.65
C PHE C 133 4.07 27.78 -31.14
N VAL C 134 2.94 27.31 -30.64
CA VAL C 134 2.66 27.33 -29.22
C VAL C 134 2.03 26.00 -28.83
N TYR C 135 2.30 25.57 -27.60
CA TYR C 135 1.84 24.27 -27.12
C TYR C 135 0.87 24.50 -25.96
N VAL C 136 -0.42 24.29 -26.22
CA VAL C 136 -1.47 24.55 -25.24
C VAL C 136 -2.46 23.41 -25.22
N ASN C 137 -3.21 23.33 -24.14
CA ASN C 137 -4.28 22.33 -24.00
C ASN C 137 -5.61 22.98 -24.36
N LEU C 138 -6.48 22.20 -24.99
CA LEU C 138 -7.71 22.75 -25.55
C LEU C 138 -8.74 23.00 -24.46
N ALA C 139 -9.11 21.96 -23.72
CA ALA C 139 -10.17 22.03 -22.74
C ALA C 139 -9.61 21.98 -21.33
N SER C 140 -10.23 22.74 -20.43
CA SER C 140 -9.79 22.79 -19.03
C SER C 140 -10.48 21.68 -18.25
N THR C 141 -10.02 20.46 -18.47
CA THR C 141 -10.63 19.28 -17.86
C THR C 141 -10.26 19.21 -16.38
N GLU C 142 -10.60 18.09 -15.75
CA GLU C 142 -10.18 17.84 -14.38
C GLU C 142 -8.80 17.22 -14.30
N GLU C 143 -8.32 16.63 -15.41
CA GLU C 143 -7.01 15.98 -15.40
C GLU C 143 -5.89 17.01 -15.34
N THR C 144 -5.87 17.94 -16.30
CA THR C 144 -4.87 18.99 -16.31
C THR C 144 -5.29 20.20 -15.47
N LYS C 145 -6.19 19.99 -14.51
CA LYS C 145 -6.57 21.06 -13.60
C LYS C 145 -5.39 21.52 -12.77
N LEU C 146 -4.50 20.61 -12.40
CA LEU C 146 -3.35 20.91 -11.54
C LEU C 146 -2.08 20.62 -12.34
N ALA C 147 -1.65 21.60 -13.13
CA ALA C 147 -0.43 21.51 -13.92
C ALA C 147 0.44 22.73 -13.67
N THR C 148 0.42 23.24 -12.45
CA THR C 148 1.03 24.51 -12.12
C THR C 148 2.08 24.33 -11.02
N ARG C 149 2.94 25.33 -10.90
CA ARG C 149 3.76 25.49 -9.72
C ARG C 149 3.15 26.45 -8.72
N PHE C 150 2.15 27.22 -9.14
CA PHE C 150 1.63 28.33 -8.34
C PHE C 150 0.59 27.84 -7.35
N ASN C 151 0.51 28.52 -6.21
CA ASN C 151 -0.48 28.24 -5.19
C ASN C 151 -1.81 28.84 -5.61
N GLN C 152 -2.79 28.84 -4.70
CA GLN C 152 -4.10 29.41 -5.00
C GLN C 152 -4.02 30.93 -5.09
N ASN C 153 -3.41 31.57 -4.09
CA ASN C 153 -3.30 33.02 -4.07
C ASN C 153 -2.52 33.54 -5.28
N GLU C 154 -1.60 32.75 -5.80
CA GLU C 154 -0.74 33.23 -6.87
C GLU C 154 -1.48 33.27 -8.20
N ILE C 155 -2.27 32.24 -8.53
CA ILE C 155 -3.08 32.35 -9.74
C ILE C 155 -4.24 33.32 -9.55
N GLU C 156 -4.73 33.46 -8.31
CA GLU C 156 -5.71 34.51 -8.04
C GLU C 156 -5.14 35.88 -8.39
N PHE C 157 -3.89 36.13 -7.98
CA PHE C 157 -3.21 37.34 -8.40
C PHE C 157 -3.03 37.39 -9.91
N ILE C 158 -2.79 36.24 -10.56
CA ILE C 158 -2.60 36.28 -12.01
C ILE C 158 -3.85 36.77 -12.72
N LYS C 159 -5.01 36.24 -12.32
CA LYS C 159 -6.26 36.68 -12.94
C LYS C 159 -6.56 38.14 -12.59
N TRP C 160 -6.33 38.53 -11.34
CA TRP C 160 -6.49 39.92 -10.94
C TRP C 160 -5.61 40.84 -11.77
N ALA C 161 -4.36 40.43 -11.98
CA ALA C 161 -3.45 41.23 -12.80
C ALA C 161 -3.96 41.34 -14.22
N ILE C 162 -4.44 40.24 -14.80
CA ILE C 162 -4.80 40.30 -16.22
C ILE C 162 -6.07 41.12 -16.41
N GLU C 163 -6.98 41.14 -15.43
CA GLU C 163 -8.13 42.03 -15.57
C GLU C 163 -7.69 43.48 -15.43
N GLN C 164 -6.69 43.76 -14.58
CA GLN C 164 -6.10 45.10 -14.58
C GLN C 164 -5.46 45.43 -15.93
N PHE C 165 -4.82 44.44 -16.56
CA PHE C 165 -4.19 44.65 -17.87
C PHE C 165 -5.22 45.11 -18.89
N MET C 166 -6.33 44.39 -18.98
CA MET C 166 -7.33 44.73 -19.98
C MET C 166 -8.04 46.04 -19.64
N ILE C 167 -8.34 46.28 -18.37
CA ILE C 167 -9.02 47.51 -17.98
C ILE C 167 -8.14 48.73 -18.25
N SER C 168 -6.84 48.62 -17.98
CA SER C 168 -5.94 49.71 -18.38
C SER C 168 -5.82 49.79 -19.89
N GLY C 169 -6.05 48.69 -20.59
CA GLY C 169 -6.01 48.74 -22.05
C GLY C 169 -7.15 49.54 -22.64
N GLU C 170 -8.34 49.46 -22.03
CA GLU C 170 -9.49 50.14 -22.63
C GLU C 170 -9.36 51.66 -22.60
N THR C 171 -8.63 52.20 -21.62
CA THR C 171 -8.58 53.63 -21.39
C THR C 171 -7.56 54.29 -22.31
N ILE C 172 -8.01 55.32 -23.03
CA ILE C 172 -7.15 56.10 -23.92
C ILE C 172 -6.95 57.47 -23.30
N VAL C 173 -5.74 58.01 -23.43
CA VAL C 173 -5.39 59.31 -22.87
C VAL C 173 -4.57 60.09 -23.88
N GLU C 174 -4.55 61.41 -23.68
CA GLU C 174 -3.84 62.34 -24.54
C GLU C 174 -2.45 62.63 -23.98
N GLY C 175 -1.53 62.98 -24.88
CA GLY C 175 -0.19 63.35 -24.50
C GLY C 175 0.78 63.08 -25.63
N PRO C 176 2.07 63.32 -25.38
CA PRO C 176 3.08 62.98 -26.37
C PRO C 176 3.51 61.53 -26.21
N ALA C 177 3.47 60.78 -27.31
CA ALA C 177 3.88 59.39 -27.28
C ALA C 177 5.39 59.29 -27.47
N LEU C 178 6.00 58.38 -26.72
CA LEU C 178 7.45 58.26 -26.71
C LEU C 178 7.96 57.83 -28.09
N ASP C 179 9.24 58.12 -28.33
CA ASP C 179 9.93 57.65 -29.52
C ASP C 179 10.92 56.54 -29.18
N THR C 180 10.60 55.74 -28.17
CA THR C 180 11.49 54.71 -27.66
C THR C 180 11.02 53.30 -28.00
N SER C 181 9.73 53.04 -27.91
CA SER C 181 9.21 51.70 -28.19
C SER C 181 9.35 51.37 -29.67
N ILE C 182 9.30 50.07 -29.97
CA ILE C 182 9.50 49.65 -31.35
C ILE C 182 8.21 49.75 -32.16
N ILE C 183 7.05 49.64 -31.50
CA ILE C 183 5.78 49.91 -32.17
C ILE C 183 5.81 51.28 -32.82
N VAL C 184 6.32 52.28 -32.10
CA VAL C 184 6.25 53.66 -32.55
C VAL C 184 7.18 53.88 -33.75
N ARG C 185 8.43 53.46 -33.62
CA ARG C 185 9.37 53.62 -34.72
C ARG C 185 8.91 52.88 -35.95
N GLU C 186 8.37 51.66 -35.78
CA GLU C 186 7.92 50.91 -36.94
C GLU C 186 6.71 51.55 -37.60
N VAL C 187 5.73 52.02 -36.80
CA VAL C 187 4.57 52.67 -37.38
C VAL C 187 4.98 53.88 -38.19
N ASN C 188 5.85 54.70 -37.63
CA ASN C 188 6.30 55.89 -38.36
C ASN C 188 7.06 55.51 -39.63
N ARG C 189 7.90 54.48 -39.56
CA ARG C 189 8.66 54.07 -40.73
C ARG C 189 7.74 53.60 -41.85
N ILE C 190 6.73 52.78 -41.51
CA ILE C 190 5.89 52.26 -42.59
C ILE C 190 4.97 53.35 -43.13
N LEU C 191 4.54 54.28 -42.29
CA LEU C 191 3.80 55.44 -42.80
C LEU C 191 4.62 56.20 -43.82
N VAL C 192 5.87 56.50 -43.47
CA VAL C 192 6.73 57.27 -44.37
C VAL C 192 7.02 56.49 -45.65
N ALA C 193 7.25 55.19 -45.53
CA ALA C 193 7.58 54.38 -46.70
C ALA C 193 6.40 54.26 -47.65
N ALA C 194 5.19 54.13 -47.10
CA ALA C 194 4.01 54.02 -47.94
C ALA C 194 3.70 55.35 -48.63
N THR C 195 3.64 56.43 -47.84
CA THR C 195 3.33 57.73 -48.42
C THR C 195 4.46 58.22 -49.31
N GLY C 196 5.68 58.27 -48.78
CA GLY C 196 6.82 58.86 -49.44
C GLY C 196 7.12 60.27 -48.98
N ASP C 197 6.12 60.97 -48.43
CA ASP C 197 6.27 62.33 -47.95
C ASP C 197 6.42 62.29 -46.43
N SER C 198 7.63 62.64 -45.96
CA SER C 198 7.98 62.48 -44.56
C SER C 198 7.44 63.58 -43.66
N ASN C 199 6.86 64.64 -44.23
CA ASN C 199 6.47 65.81 -43.45
C ASN C 199 5.15 65.56 -42.71
N LEU C 200 5.22 64.69 -41.70
CA LEU C 200 4.06 64.35 -40.89
C LEU C 200 4.46 64.35 -39.42
N ALA C 201 3.47 64.62 -38.57
CA ALA C 201 3.69 64.78 -37.13
C ALA C 201 3.32 63.50 -36.38
N LYS C 202 3.27 63.60 -35.06
CA LYS C 202 3.00 62.47 -34.20
C LYS C 202 1.50 62.32 -33.96
N TRP C 203 1.07 61.08 -33.75
CA TRP C 203 -0.29 60.84 -33.29
C TRP C 203 -0.33 61.12 -31.80
N ARG C 204 -1.42 61.74 -31.34
CA ARG C 204 -1.38 62.53 -30.12
C ARG C 204 -1.99 61.80 -28.91
N LYS C 205 -2.22 60.50 -29.00
CA LYS C 205 -2.77 59.77 -27.87
C LYS C 205 -2.12 58.40 -27.77
N PHE C 206 -2.25 57.79 -26.59
CA PHE C 206 -1.83 56.41 -26.43
C PHE C 206 -2.71 55.71 -25.41
N SER C 207 -2.87 54.40 -25.59
CA SER C 207 -3.60 53.55 -24.66
C SER C 207 -2.82 52.27 -24.48
N THR C 208 -2.49 51.93 -23.23
CA THR C 208 -1.60 50.83 -22.94
C THR C 208 -2.37 49.70 -22.25
N PHE C 209 -2.22 48.49 -22.79
CA PHE C 209 -2.70 47.28 -22.13
C PHE C 209 -1.71 46.75 -21.10
N THR C 210 -0.64 47.50 -20.85
CA THR C 210 0.46 47.10 -19.97
C THR C 210 0.43 48.01 -18.76
N VAL C 211 -0.13 47.52 -17.66
CA VAL C 211 -0.16 48.30 -16.43
C VAL C 211 1.25 48.48 -15.89
N GLY C 212 1.46 49.59 -15.20
CA GLY C 212 2.70 49.79 -14.48
C GLY C 212 2.80 48.91 -13.26
N SER C 213 4.02 48.80 -12.74
CA SER C 213 4.28 47.90 -11.63
C SER C 213 3.57 48.37 -10.37
N THR C 214 3.69 49.66 -10.05
CA THR C 214 3.28 50.19 -8.74
C THR C 214 1.80 49.99 -8.45
N ASN C 215 0.97 49.78 -9.47
CA ASN C 215 -0.44 49.51 -9.20
C ASN C 215 -0.69 48.04 -8.92
N LEU C 216 -0.01 47.13 -9.65
CA LEU C 216 -0.15 45.71 -9.36
C LEU C 216 0.46 45.36 -8.02
N PHE C 217 1.45 46.13 -7.57
CA PHE C 217 1.99 45.95 -6.23
C PHE C 217 0.95 46.21 -5.14
N GLN C 218 -0.19 46.83 -5.48
CA GLN C 218 -1.17 47.25 -4.50
C GLN C 218 -2.26 46.20 -4.26
N PHE C 219 -1.93 44.93 -4.41
CA PHE C 219 -2.88 43.89 -4.05
C PHE C 219 -3.07 43.86 -2.53
N GLN C 220 -4.23 43.37 -2.09
CA GLN C 220 -4.60 43.42 -0.69
C GLN C 220 -4.03 42.27 0.13
N GLU C 221 -4.27 41.01 -0.28
CA GLU C 221 -3.93 39.87 0.56
C GLU C 221 -2.43 39.61 0.61
N LEU C 222 -1.79 39.52 -0.55
CA LEU C 222 -0.35 39.24 -0.60
C LEU C 222 0.44 40.47 -0.22
N THR C 223 1.76 40.31 -0.10
CA THR C 223 2.67 41.38 0.27
C THR C 223 3.41 41.87 -0.97
N ALA C 224 4.39 42.77 -0.76
CA ALA C 224 5.06 43.41 -1.88
C ALA C 224 6.16 42.53 -2.48
N THR C 225 7.01 41.96 -1.63
CA THR C 225 8.10 41.13 -2.12
C THR C 225 7.56 39.87 -2.81
N ASP C 226 6.44 39.35 -2.31
CA ASP C 226 5.79 38.22 -2.96
C ASP C 226 5.43 38.57 -4.39
N ILE C 227 4.85 39.74 -4.61
CA ILE C 227 4.49 40.14 -5.97
C ILE C 227 5.73 40.40 -6.80
N GLU C 228 6.79 40.92 -6.18
CA GLU C 228 8.06 41.09 -6.87
C GLU C 228 8.56 39.79 -7.46
N ASP C 229 8.84 38.80 -6.61
CA ASP C 229 9.40 37.56 -7.13
C ASP C 229 8.38 36.79 -7.95
N LEU C 230 7.08 37.00 -7.71
CA LEU C 230 6.08 36.30 -8.49
C LEU C 230 6.04 36.83 -9.91
N LEU C 231 6.13 38.16 -10.08
CA LEU C 231 6.22 38.73 -11.41
C LEU C 231 7.50 38.31 -12.11
N LEU C 232 8.59 38.17 -11.35
CA LEU C 232 9.81 37.63 -11.96
C LEU C 232 9.61 36.21 -12.48
N ARG C 233 9.01 35.35 -11.65
CA ARG C 233 8.72 33.98 -12.06
C ARG C 233 7.87 33.97 -13.33
N LEU C 234 6.80 34.76 -13.35
CA LEU C 234 5.91 34.78 -14.50
C LEU C 234 6.64 35.26 -15.74
N CYS C 235 7.48 36.28 -15.61
CA CYS C 235 8.26 36.72 -16.76
C CYS C 235 9.19 35.63 -17.25
N GLU C 236 9.66 34.77 -16.34
CA GLU C 236 10.48 33.64 -16.77
C GLU C 236 9.66 32.53 -17.43
N LEU C 237 8.37 32.43 -17.12
CA LEU C 237 7.50 31.42 -17.72
C LEU C 237 6.98 31.83 -19.10
N LYS C 238 7.63 32.79 -19.75
CA LYS C 238 7.36 33.15 -21.15
C LYS C 238 5.90 33.58 -21.38
N TRP C 239 5.33 34.40 -20.48
CA TRP C 239 4.08 35.03 -20.84
C TRP C 239 3.87 36.46 -20.34
N PHE C 240 4.82 37.07 -19.63
CA PHE C 240 4.66 38.43 -19.10
C PHE C 240 5.84 39.31 -19.49
N TYR C 241 6.15 39.35 -20.78
CA TYR C 241 7.23 40.18 -21.32
C TYR C 241 7.16 41.60 -20.76
N ARG C 242 8.33 42.17 -20.46
CA ARG C 242 8.42 43.48 -19.85
C ARG C 242 9.02 44.45 -20.85
N THR C 243 8.28 45.51 -21.16
CA THR C 243 8.74 46.50 -22.13
C THR C 243 9.99 47.21 -21.63
N GLN C 244 10.66 47.89 -22.56
CA GLN C 244 11.92 48.57 -22.25
C GLN C 244 11.78 49.64 -21.18
N GLU C 245 10.56 50.14 -20.95
CA GLU C 245 10.34 51.17 -19.95
C GLU C 245 10.09 50.61 -18.57
N GLY C 246 10.01 49.29 -18.42
CA GLY C 246 9.79 48.71 -17.12
C GLY C 246 8.34 48.36 -16.87
N LYS C 247 7.59 48.18 -17.96
CA LYS C 247 6.19 47.80 -17.90
C LYS C 247 6.01 46.46 -18.61
N PHE C 248 5.15 45.61 -18.04
CA PHE C 248 4.86 44.30 -18.60
C PHE C 248 3.43 44.26 -19.08
N GLY C 249 3.17 43.43 -20.10
CA GLY C 249 1.84 43.24 -20.64
C GLY C 249 1.34 41.82 -20.47
N ILE C 250 0.82 41.23 -21.54
CA ILE C 250 0.60 39.79 -21.62
C ILE C 250 1.06 39.33 -22.99
N ASP C 251 1.69 38.15 -23.04
CA ASP C 251 2.31 37.64 -24.25
C ASP C 251 1.69 36.32 -24.66
N LEU C 252 2.37 35.61 -25.54
CA LEU C 252 1.88 34.52 -26.36
C LEU C 252 1.42 33.32 -25.58
N ARG C 253 1.32 33.38 -24.25
CA ARG C 253 0.40 32.51 -23.53
C ARG C 253 -0.82 33.30 -23.05
N CYS C 254 -1.28 34.22 -23.89
CA CYS C 254 -2.66 34.67 -23.86
C CYS C 254 -3.57 33.77 -24.68
N ILE C 255 -3.03 33.14 -25.72
CA ILE C 255 -3.80 32.32 -26.65
C ILE C 255 -4.18 30.99 -26.00
N ALA C 256 -3.62 30.72 -24.82
CA ALA C 256 -4.09 29.62 -24.01
C ALA C 256 -5.16 30.05 -23.02
N GLU C 257 -5.68 31.26 -23.13
CA GLU C 257 -6.53 31.81 -22.10
C GLU C 257 -7.74 32.50 -22.73
N LEU C 258 -8.87 31.80 -22.75
CA LEU C 258 -10.17 32.31 -23.17
C LEU C 258 -10.06 33.06 -24.49
N GLU C 259 -9.62 32.34 -25.51
CA GLU C 259 -9.00 32.87 -26.72
C GLU C 259 -9.50 34.24 -27.19
N GLU C 260 -10.82 34.44 -27.20
CA GLU C 260 -11.42 35.72 -27.58
C GLU C 260 -12.33 36.33 -26.53
N TYR C 261 -12.97 35.50 -25.71
CA TYR C 261 -13.72 36.04 -24.58
C TYR C 261 -12.81 36.55 -23.47
N LEU C 262 -11.52 36.21 -23.49
CA LEU C 262 -10.55 36.89 -22.64
C LEU C 262 -10.62 38.40 -22.83
N THR C 263 -10.95 38.83 -24.05
CA THR C 263 -10.99 40.23 -24.42
C THR C 263 -12.38 40.79 -24.52
N SER C 264 -13.32 40.02 -25.08
CA SER C 264 -14.72 40.48 -25.10
C SER C 264 -15.34 40.46 -23.72
N MET C 265 -14.74 39.70 -22.78
CA MET C 265 -15.17 39.74 -21.38
C MET C 265 -14.97 41.13 -20.82
N TYR C 266 -13.77 41.67 -20.97
CA TYR C 266 -13.53 43.08 -20.72
C TYR C 266 -13.86 43.94 -21.94
N ASN C 267 -14.56 43.36 -22.92
CA ASN C 267 -15.04 44.05 -24.11
C ASN C 267 -13.89 44.65 -24.92
N LEU C 268 -13.05 43.77 -25.44
CA LEU C 268 -12.03 44.12 -26.42
C LEU C 268 -12.25 43.31 -27.68
N ASN C 269 -12.28 43.99 -28.82
CA ASN C 269 -12.53 43.36 -30.10
C ASN C 269 -11.27 42.70 -30.62
N THR C 270 -11.32 42.30 -31.89
CA THR C 270 -10.25 41.57 -32.54
C THR C 270 -9.71 42.39 -33.71
N CYS C 271 -8.88 41.75 -34.52
CA CYS C 271 -8.20 42.42 -35.62
C CYS C 271 -9.20 42.73 -36.73
N GLN C 272 -8.69 43.18 -37.87
CA GLN C 272 -9.50 43.37 -39.06
C GLN C 272 -9.09 42.45 -40.20
N ASN C 273 -7.81 42.48 -40.57
CA ASN C 273 -7.29 41.70 -41.67
C ASN C 273 -7.25 40.18 -41.49
N CYS C 274 -7.36 39.73 -40.24
CA CYS C 274 -7.32 38.30 -39.95
C CYS C 274 -8.30 37.84 -38.89
N HIS C 275 -8.89 38.75 -38.12
CA HIS C 275 -9.85 38.46 -37.06
C HIS C 275 -9.24 37.61 -35.94
N LYS C 276 -7.92 37.52 -35.85
CA LYS C 276 -7.28 36.98 -34.66
C LYS C 276 -7.11 38.11 -33.64
N LEU C 277 -6.50 37.81 -32.51
CA LEU C 277 -6.36 38.80 -31.45
C LEU C 277 -5.30 39.85 -31.78
N ALA C 278 -5.39 40.97 -31.06
CA ALA C 278 -4.46 42.09 -31.20
C ALA C 278 -4.64 42.99 -30.00
N ILE C 279 -3.56 43.27 -29.28
CA ILE C 279 -3.60 44.22 -28.18
C ILE C 279 -2.48 45.23 -28.36
N GLN C 280 -1.81 45.18 -29.51
CA GLN C 280 -0.70 46.09 -29.79
C GLN C 280 -0.49 46.19 -31.29
N GLY C 281 -0.44 47.43 -31.78
CA GLY C 281 -0.44 47.70 -33.21
C GLY C 281 -0.93 49.10 -33.52
N VAL C 282 -1.91 49.22 -34.41
CA VAL C 282 -2.49 50.49 -34.79
C VAL C 282 -3.99 50.45 -34.54
N ARG C 283 -4.55 51.58 -34.14
CA ARG C 283 -5.99 51.74 -34.02
C ARG C 283 -6.40 53.00 -34.76
N CYS C 284 -7.69 53.29 -34.74
CA CYS C 284 -8.21 54.62 -35.07
C CYS C 284 -9.42 54.88 -34.18
N GLY C 285 -9.18 55.50 -33.05
CA GLY C 285 -10.23 55.75 -32.08
C GLY C 285 -10.84 57.13 -32.19
N ASN C 286 -10.86 57.69 -33.39
CA ASN C 286 -11.51 58.99 -33.57
C ASN C 286 -13.01 58.86 -33.40
N GLU C 287 -13.69 60.01 -33.37
CA GLU C 287 -15.12 60.07 -33.09
C GLU C 287 -15.95 59.17 -33.98
N SER C 288 -15.50 58.86 -35.19
CA SER C 288 -16.32 58.11 -36.14
C SER C 288 -16.41 56.63 -35.76
N CYS C 289 -15.27 55.93 -35.79
CA CYS C 289 -15.25 54.51 -35.45
C CYS C 289 -15.38 54.29 -33.94
N ARG C 290 -15.67 55.35 -33.18
CA ARG C 290 -15.81 55.38 -31.74
C ARG C 290 -17.19 54.88 -31.32
N GLU C 291 -17.60 55.22 -30.10
CA GLU C 291 -18.95 54.99 -29.59
C GLU C 291 -19.27 53.49 -29.52
N GLU C 292 -18.59 52.86 -28.57
CA GLU C 292 -18.94 51.51 -28.13
C GLU C 292 -20.43 51.36 -27.93
N ASN C 293 -20.95 50.16 -28.17
CA ASN C 293 -22.39 49.96 -28.25
C ASN C 293 -23.06 50.19 -26.90
N GLU C 294 -23.55 51.40 -26.69
CA GLU C 294 -24.33 51.71 -25.49
C GLU C 294 -25.78 51.29 -25.62
N GLU C 295 -26.21 50.85 -26.81
CA GLU C 295 -27.53 50.24 -26.95
C GLU C 295 -27.64 48.99 -26.10
N THR C 296 -26.53 48.28 -25.90
CA THR C 296 -26.48 47.11 -25.02
C THR C 296 -25.48 47.24 -23.88
N GLY C 297 -24.58 48.22 -23.91
CA GLY C 297 -23.65 48.45 -22.82
C GLY C 297 -22.31 47.79 -22.97
N GLU C 298 -22.13 46.91 -23.95
CA GLU C 298 -20.86 46.23 -24.16
C GLU C 298 -19.88 47.19 -24.83
N ASN C 299 -18.69 47.33 -24.24
CA ASN C 299 -17.72 48.31 -24.72
C ASN C 299 -17.04 47.86 -26.00
N SER C 300 -17.77 47.86 -27.11
CA SER C 300 -17.25 47.45 -28.41
C SER C 300 -16.48 48.61 -29.04
N LEU C 301 -15.18 48.65 -28.77
CA LEU C 301 -14.35 49.79 -29.14
C LEU C 301 -13.95 49.73 -30.61
N SER C 302 -12.96 50.53 -30.98
CA SER C 302 -12.61 50.82 -32.36
C SER C 302 -12.03 49.61 -33.08
N GLN C 303 -11.78 49.79 -34.37
CA GLN C 303 -11.14 48.75 -35.18
C GLN C 303 -9.63 48.76 -34.95
N ILE C 304 -9.07 47.60 -34.66
CA ILE C 304 -7.66 47.43 -34.29
C ILE C 304 -6.95 46.65 -35.37
N TRP C 305 -5.74 47.08 -35.71
CA TRP C 305 -4.90 46.35 -36.66
C TRP C 305 -3.69 45.76 -35.97
N HIS C 306 -3.05 44.83 -36.68
CA HIS C 306 -1.68 44.44 -36.38
C HIS C 306 -0.75 45.25 -37.26
N VAL C 307 0.52 45.33 -36.86
CA VAL C 307 1.46 46.20 -37.56
C VAL C 307 1.63 45.76 -39.00
N ASP C 308 1.77 44.47 -39.25
CA ASP C 308 1.79 44.00 -40.63
C ASP C 308 0.41 44.10 -41.26
N CYS C 309 -0.65 43.84 -40.48
CA CYS C 309 -2.01 44.04 -40.96
C CYS C 309 -2.21 45.49 -41.38
N PHE C 310 -1.83 46.42 -40.51
CA PHE C 310 -1.95 47.84 -40.85
C PHE C 310 -1.10 48.19 -42.05
N LYS C 311 0.10 47.60 -42.16
CA LYS C 311 0.96 47.89 -43.31
C LYS C 311 0.26 47.51 -44.61
N HIS C 312 -0.32 46.32 -44.67
CA HIS C 312 -0.99 45.92 -45.90
C HIS C 312 -2.25 46.73 -46.14
N TYR C 313 -3.01 47.01 -45.08
CA TYR C 313 -4.26 47.74 -45.22
C TYR C 313 -4.04 49.17 -45.67
N ILE C 314 -2.88 49.74 -45.37
CA ILE C 314 -2.59 51.10 -45.81
C ILE C 314 -1.85 51.11 -47.14
N THR C 315 -1.07 50.07 -47.45
CA THR C 315 -0.34 50.08 -48.70
C THR C 315 -1.20 49.67 -49.87
N HIS C 316 -2.13 48.73 -49.68
CA HIS C 316 -2.84 48.17 -50.82
C HIS C 316 -4.36 48.19 -50.67
N VAL C 317 -4.91 48.90 -49.69
CA VAL C 317 -6.36 48.98 -49.60
C VAL C 317 -6.83 50.43 -49.65
N SER C 318 -6.47 51.22 -48.65
CA SER C 318 -7.05 52.55 -48.48
C SER C 318 -6.25 53.31 -47.43
N LYS C 319 -6.82 54.41 -46.96
CA LYS C 319 -6.31 55.14 -45.80
C LYS C 319 -7.47 55.52 -44.90
N ASN C 320 -8.40 54.60 -44.67
CA ASN C 320 -9.65 54.95 -44.02
C ASN C 320 -10.13 53.82 -43.12
N CYS C 321 -10.54 54.17 -41.90
CA CYS C 321 -11.16 53.20 -40.99
C CYS C 321 -12.45 52.68 -41.60
N ASP C 322 -12.62 51.36 -41.57
CA ASP C 322 -13.73 50.73 -42.27
C ASP C 322 -15.05 50.81 -41.52
N ARG C 323 -15.03 51.11 -40.22
CA ARG C 323 -16.28 51.11 -39.45
C ARG C 323 -17.14 52.32 -39.80
N CYS C 324 -16.57 53.53 -39.70
CA CYS C 324 -17.32 54.75 -40.00
C CYS C 324 -16.48 55.74 -40.80
N GLY C 325 -15.74 55.25 -41.79
CA GLY C 325 -15.08 56.08 -42.77
C GLY C 325 -14.21 57.21 -42.26
N SER C 326 -13.13 56.88 -41.56
CA SER C 326 -12.24 57.88 -41.00
C SER C 326 -11.08 58.16 -41.95
N SER C 327 -10.07 58.85 -41.45
CA SER C 327 -8.75 58.90 -42.07
C SER C 327 -7.73 58.82 -40.95
N LEU C 328 -6.92 57.77 -40.97
CA LEU C 328 -6.09 57.41 -39.83
C LEU C 328 -4.61 57.74 -40.00
N ILE C 329 -4.17 58.02 -41.23
CA ILE C 329 -2.80 58.44 -41.44
C ILE C 329 -2.52 59.80 -40.82
N THR C 330 -3.56 60.52 -40.39
CA THR C 330 -3.39 61.75 -39.65
C THR C 330 -4.06 61.73 -38.28
N GLU C 331 -5.12 60.95 -38.08
CA GLU C 331 -5.94 61.00 -36.89
C GLU C 331 -6.03 59.62 -36.25
N GLY C 332 -4.88 58.96 -36.12
CA GLY C 332 -4.82 57.64 -35.53
C GLY C 332 -4.40 57.65 -34.08
N VAL C 333 -4.36 56.45 -33.50
CA VAL C 333 -3.98 56.25 -32.11
C VAL C 333 -2.78 55.33 -32.06
N TYR C 334 -1.89 55.57 -31.10
CA TYR C 334 -0.85 54.62 -30.72
C TYR C 334 -1.38 53.74 -29.60
N VAL C 335 -1.18 52.43 -29.73
CA VAL C 335 -1.51 51.49 -28.68
C VAL C 335 -0.23 50.78 -28.27
N ILE C 336 -0.01 50.69 -26.96
CA ILE C 336 1.22 50.15 -26.43
C ILE C 336 0.93 49.34 -25.19
N GLU D 75 7.67 -13.51 47.72
CA GLU D 75 8.57 -14.07 46.72
C GLU D 75 9.04 -13.01 45.73
N GLU D 76 10.15 -13.29 45.07
CA GLU D 76 10.71 -12.35 44.10
C GLU D 76 9.92 -12.40 42.81
N SER D 77 9.39 -11.25 42.38
CA SER D 77 8.63 -11.15 41.16
C SER D 77 9.27 -10.11 40.24
N PRO D 78 10.01 -10.52 39.21
CA PRO D 78 10.62 -9.55 38.30
C PRO D 78 9.57 -8.63 37.70
N SER D 79 9.69 -7.35 38.00
CA SER D 79 8.60 -6.41 37.85
C SER D 79 8.37 -6.05 36.39
N GLY D 80 7.13 -5.66 36.10
CA GLY D 80 6.60 -5.60 34.75
C GLY D 80 5.19 -6.14 34.72
N TYR D 81 4.65 -6.44 35.91
CA TYR D 81 3.29 -6.92 36.04
C TYR D 81 2.34 -5.73 36.13
N ILE D 82 1.30 -5.74 35.32
CA ILE D 82 0.41 -4.59 35.20
C ILE D 82 -0.37 -4.40 36.49
N LYS D 83 -0.22 -3.22 37.10
CA LYS D 83 -0.80 -2.94 38.40
C LYS D 83 -2.27 -2.57 38.30
N LYS D 84 -2.58 -1.51 37.56
CA LYS D 84 -3.92 -0.96 37.50
C LYS D 84 -4.33 -0.71 36.06
N VAL D 85 -5.56 -1.08 35.73
CA VAL D 85 -6.21 -0.68 34.49
C VAL D 85 -7.17 0.44 34.85
N ILE D 86 -7.00 1.60 34.21
CA ILE D 86 -7.88 2.74 34.40
C ILE D 86 -8.64 2.95 33.10
N LEU D 87 -9.95 2.79 33.15
CA LEU D 87 -10.80 2.83 31.97
C LEU D 87 -11.58 4.14 31.92
N ARG D 88 -11.50 4.83 30.79
CA ARG D 88 -12.29 6.02 30.56
C ARG D 88 -13.02 5.86 29.23
N ASN D 89 -14.33 5.61 29.32
CA ASN D 89 -15.20 5.41 28.16
C ASN D 89 -14.71 4.33 27.22
N PHE D 90 -14.89 3.08 27.63
CA PHE D 90 -14.49 1.93 26.84
C PHE D 90 -15.57 0.85 26.87
N MET D 91 -15.90 0.32 25.70
CA MET D 91 -16.92 -0.72 25.57
C MET D 91 -18.22 -0.38 26.30
N CYS D 92 -18.35 -0.85 27.52
CA CYS D 92 -19.55 -0.59 28.32
C CYS D 92 -19.20 -0.13 29.73
N HIS D 93 -18.17 0.68 29.83
CA HIS D 93 -17.72 1.21 31.13
C HIS D 93 -17.24 2.64 31.01
N GLU D 94 -17.97 3.57 31.64
CA GLU D 94 -17.60 4.97 31.59
C GLU D 94 -16.28 5.21 32.31
N HIS D 95 -16.24 4.93 33.61
CA HIS D 95 -15.04 5.15 34.42
C HIS D 95 -15.03 4.14 35.57
N PHE D 96 -14.33 3.03 35.38
CA PHE D 96 -14.03 2.09 36.44
C PHE D 96 -12.61 1.58 36.31
N GLU D 97 -11.96 1.41 37.46
CA GLU D 97 -10.56 1.02 37.55
C GLU D 97 -10.45 -0.03 38.63
N LEU D 98 -9.94 -1.21 38.29
CA LEU D 98 -9.74 -2.27 39.25
C LEU D 98 -8.31 -2.79 39.12
N GLU D 99 -7.66 -3.00 40.26
CA GLU D 99 -6.25 -3.35 40.29
C GLU D 99 -6.07 -4.84 40.04
N LEU D 100 -4.94 -5.20 39.42
CA LEU D 100 -4.63 -6.59 39.15
C LEU D 100 -3.91 -7.20 40.36
N GLY D 101 -3.57 -8.47 40.26
CA GLY D 101 -3.03 -9.18 41.41
C GLY D 101 -1.59 -9.61 41.23
N SER D 102 -1.15 -10.58 42.05
CA SER D 102 0.26 -10.93 42.10
C SER D 102 0.70 -11.70 40.86
N ARG D 103 0.16 -12.91 40.68
CA ARG D 103 0.56 -13.75 39.57
C ARG D 103 -0.59 -14.45 38.87
N LEU D 104 -1.79 -14.45 39.42
CA LEU D 104 -2.93 -15.11 38.78
C LEU D 104 -4.19 -14.45 39.31
N ASN D 105 -5.00 -13.88 38.43
CA ASN D 105 -6.25 -13.25 38.84
C ASN D 105 -7.43 -13.83 38.08
N PHE D 106 -8.59 -13.83 38.73
CA PHE D 106 -9.81 -14.37 38.17
C PHE D 106 -10.79 -13.24 37.93
N ILE D 107 -11.08 -12.96 36.67
CA ILE D 107 -12.10 -11.99 36.30
C ILE D 107 -13.28 -12.74 35.69
N VAL D 108 -14.42 -12.71 36.39
CA VAL D 108 -15.61 -13.46 36.02
C VAL D 108 -16.81 -12.52 36.02
N GLY D 109 -18.00 -13.09 35.83
CA GLY D 109 -19.22 -12.30 35.78
C GLY D 109 -20.16 -12.74 34.67
N ASN D 110 -20.48 -11.82 33.76
CA ASN D 110 -21.18 -12.13 32.53
C ASN D 110 -20.37 -11.59 31.36
N ASN D 111 -20.23 -12.37 30.30
CA ASN D 111 -19.27 -12.03 29.25
C ASN D 111 -19.74 -10.81 28.46
N GLY D 112 -18.77 -10.01 28.03
CA GLY D 112 -19.05 -8.73 27.41
C GLY D 112 -19.30 -7.64 28.44
N SER D 113 -19.90 -8.02 29.56
CA SER D 113 -20.22 -7.11 30.65
C SER D 113 -18.99 -6.82 31.50
N GLY D 114 -17.91 -6.36 30.86
CA GLY D 114 -16.69 -6.07 31.56
C GLY D 114 -15.70 -7.21 31.61
N LYS D 115 -15.65 -8.04 30.57
CA LYS D 115 -14.68 -9.13 30.52
C LYS D 115 -13.71 -9.00 29.36
N SER D 116 -14.20 -9.01 28.13
CA SER D 116 -13.28 -8.87 27.01
C SER D 116 -12.92 -7.43 26.75
N ALA D 117 -13.65 -6.48 27.33
CA ALA D 117 -13.27 -5.08 27.21
C ALA D 117 -11.95 -4.81 27.90
N ILE D 118 -11.78 -5.36 29.11
CA ILE D 118 -10.54 -5.19 29.85
C ILE D 118 -9.38 -5.78 29.08
N LEU D 119 -9.56 -6.98 28.52
CA LEU D 119 -8.47 -7.61 27.77
C LEU D 119 -8.23 -6.90 26.44
N THR D 120 -9.26 -6.29 25.85
CA THR D 120 -9.03 -5.52 24.64
C THR D 120 -8.27 -4.23 24.94
N ALA D 121 -8.53 -3.64 26.11
CA ALA D 121 -7.73 -2.50 26.55
C ALA D 121 -6.28 -2.91 26.74
N ILE D 122 -6.05 -4.05 27.40
CA ILE D 122 -4.70 -4.52 27.61
C ILE D 122 -4.03 -4.91 26.29
N THR D 123 -4.81 -5.33 25.30
CA THR D 123 -4.25 -5.69 24.01
C THR D 123 -3.90 -4.47 23.17
N ILE D 124 -4.70 -3.40 23.27
CA ILE D 124 -4.49 -2.23 22.43
C ILE D 124 -3.49 -1.27 23.05
N GLY D 125 -3.64 -0.97 24.35
CA GLY D 125 -2.76 -0.04 25.03
C GLY D 125 -1.37 -0.59 25.29
N LEU D 126 -1.01 -1.66 24.60
CA LEU D 126 0.35 -2.18 24.55
C LEU D 126 0.83 -2.24 23.11
N GLY D 127 0.23 -1.43 22.25
CA GLY D 127 0.68 -1.30 20.88
C GLY D 127 0.20 -2.38 19.93
N ALA D 128 -1.12 -2.54 19.83
CA ALA D 128 -1.70 -3.44 18.85
C ALA D 128 -2.95 -2.80 18.26
N LYS D 129 -3.24 -3.12 17.00
CA LYS D 129 -4.39 -2.59 16.31
C LYS D 129 -5.65 -3.37 16.69
N ALA D 130 -6.81 -2.85 16.32
CA ALA D 130 -8.05 -3.53 16.64
C ALA D 130 -8.50 -4.49 15.55
N SER D 131 -7.86 -4.45 14.39
CA SER D 131 -8.16 -5.40 13.32
C SER D 131 -7.93 -6.84 13.78
N GLU D 132 -6.79 -7.09 14.43
CA GLU D 132 -6.48 -8.39 15.00
C GLU D 132 -6.93 -8.47 16.45
N THR D 133 -8.19 -8.13 16.71
CA THR D 133 -8.81 -8.37 18.00
C THR D 133 -10.21 -8.95 17.88
N ASN D 134 -10.90 -8.77 16.75
CA ASN D 134 -12.21 -9.36 16.47
C ASN D 134 -13.28 -8.89 17.44
N ARG D 135 -13.09 -7.70 18.03
CA ARG D 135 -14.13 -7.07 18.84
C ARG D 135 -14.19 -5.57 18.49
N GLY D 136 -14.31 -5.28 17.20
CA GLY D 136 -14.32 -3.91 16.71
C GLY D 136 -13.20 -3.67 15.71
N SER D 137 -13.57 -3.50 14.44
CA SER D 137 -12.61 -3.42 13.35
C SER D 137 -12.02 -2.04 13.16
N SER D 138 -12.34 -1.08 14.04
CA SER D 138 -11.74 0.24 14.01
C SER D 138 -11.65 0.77 15.43
N LEU D 139 -10.55 1.45 15.74
CA LEU D 139 -10.41 2.08 17.05
C LEU D 139 -11.56 3.04 17.32
N LYS D 140 -11.94 3.84 16.32
CA LYS D 140 -13.01 4.80 16.49
C LYS D 140 -14.37 4.15 16.72
N ASP D 141 -14.49 2.85 16.49
CA ASP D 141 -15.71 2.12 16.83
C ASP D 141 -15.70 1.61 18.26
N LEU D 142 -14.52 1.53 18.90
CA LEU D 142 -14.43 1.03 20.26
C LEU D 142 -14.92 2.03 21.29
N ILE D 143 -15.32 3.23 20.86
CA ILE D 143 -15.64 4.30 21.79
C ILE D 143 -17.01 4.06 22.38
N ARG D 144 -17.19 4.46 23.64
CA ARG D 144 -18.52 4.44 24.24
C ARG D 144 -19.45 5.33 23.43
N GLU D 145 -20.61 4.79 23.06
CA GLU D 145 -21.56 5.53 22.23
C GLU D 145 -22.29 6.54 23.09
N GLY D 146 -21.90 7.81 22.96
CA GLY D 146 -22.33 8.85 23.86
C GLY D 146 -21.15 9.65 24.34
N CYS D 147 -20.01 9.48 23.68
CA CYS D 147 -18.80 10.21 24.00
C CYS D 147 -18.01 10.47 22.72
N TYR D 148 -16.86 11.11 22.88
CA TYR D 148 -16.07 11.58 21.76
C TYR D 148 -14.62 11.13 21.85
N SER D 149 -14.14 10.87 23.07
CA SER D 149 -12.77 10.46 23.27
C SER D 149 -12.72 9.36 24.32
N ALA D 150 -11.97 8.32 24.03
CA ALA D 150 -11.74 7.23 24.97
C ALA D 150 -10.26 7.15 25.30
N LYS D 151 -9.97 6.91 26.57
CA LYS D 151 -8.59 6.74 27.00
C LYS D 151 -8.52 5.66 28.07
N ILE D 152 -7.42 4.92 28.06
CA ILE D 152 -7.18 3.82 28.97
C ILE D 152 -5.78 3.98 29.55
N ILE D 153 -5.68 3.95 30.87
CA ILE D 153 -4.40 4.09 31.55
C ILE D 153 -3.95 2.72 32.02
N LEU D 154 -2.73 2.34 31.66
CA LEU D 154 -2.14 1.06 32.03
C LEU D 154 -0.93 1.31 32.91
N HIS D 155 -1.03 0.92 34.18
CA HIS D 155 0.06 1.09 35.12
C HIS D 155 0.93 -0.16 35.09
N LEU D 156 2.03 -0.11 34.34
CA LEU D 156 3.04 -1.14 34.44
C LEU D 156 3.70 -1.01 35.81
N ASP D 157 4.66 -1.89 36.10
CA ASP D 157 5.36 -1.82 37.38
C ASP D 157 6.85 -1.91 37.09
N ASN D 158 7.54 -0.79 37.25
CA ASN D 158 8.98 -0.67 37.02
C ASN D 158 9.61 -0.36 38.38
N SER D 159 9.75 -1.40 39.20
CA SER D 159 10.18 -1.20 40.58
C SER D 159 11.06 -2.33 41.11
N LYS D 160 11.58 -3.21 40.27
CA LYS D 160 12.32 -4.36 40.75
C LYS D 160 13.35 -4.74 39.69
N TYR D 161 13.86 -5.97 39.77
CA TYR D 161 14.92 -6.44 38.91
C TYR D 161 14.56 -6.26 37.43
N GLY D 162 15.59 -6.03 36.62
CA GLY D 162 15.42 -6.02 35.18
C GLY D 162 14.56 -4.90 34.65
N ALA D 163 14.27 -3.90 35.48
CA ALA D 163 13.38 -2.82 35.10
C ALA D 163 14.01 -1.96 34.01
N TYR D 164 13.26 -0.96 33.56
CA TYR D 164 13.62 -0.14 32.41
C TYR D 164 13.88 1.29 32.87
N GLN D 165 15.17 1.66 32.94
CA GLN D 165 15.62 3.02 33.18
C GLN D 165 14.96 3.63 34.41
N GLN D 166 15.25 3.03 35.56
CA GLN D 166 14.68 3.51 36.82
C GLN D 166 15.15 4.91 37.18
N GLY D 167 16.20 5.42 36.53
CA GLY D 167 16.67 6.77 36.81
C GLY D 167 15.86 7.87 36.16
N ILE D 168 15.15 7.58 35.08
CA ILE D 168 14.33 8.55 34.38
C ILE D 168 12.84 8.32 34.64
N PHE D 169 12.34 7.13 34.33
CA PHE D 169 10.90 6.84 34.35
C PHE D 169 10.35 6.62 35.74
N GLY D 170 11.07 6.97 36.79
CA GLY D 170 10.51 6.82 38.11
C GLY D 170 10.49 5.36 38.55
N ASN D 171 9.47 5.02 39.34
CA ASN D 171 9.35 3.68 39.89
C ASN D 171 8.04 2.99 39.49
N GLU D 172 7.25 3.60 38.61
CA GLU D 172 6.02 2.97 38.12
C GLU D 172 5.68 3.64 36.79
N ILE D 173 5.98 2.97 35.68
CA ILE D 173 5.63 3.51 34.38
C ILE D 173 4.11 3.65 34.30
N ILE D 174 3.66 4.66 33.57
CA ILE D 174 2.24 4.87 33.32
C ILE D 174 2.08 5.13 31.83
N VAL D 175 1.52 4.17 31.10
CA VAL D 175 1.28 4.30 29.67
C VAL D 175 -0.22 4.39 29.45
N GLU D 176 -0.62 5.28 28.54
CA GLU D 176 -2.03 5.44 28.23
C GLU D 176 -2.19 5.75 26.75
N ARG D 177 -3.37 5.44 26.22
CA ARG D 177 -3.69 5.67 24.82
C ARG D 177 -5.03 6.37 24.74
N ILE D 178 -5.09 7.50 24.05
CA ILE D 178 -6.29 8.32 23.94
C ILE D 178 -6.78 8.26 22.50
N ILE D 179 -7.98 7.72 22.32
CA ILE D 179 -8.59 7.55 21.00
C ILE D 179 -9.84 8.40 20.93
N LYS D 180 -10.00 9.12 19.81
CA LYS D 180 -11.13 10.00 19.57
C LYS D 180 -11.70 9.71 18.20
N ARG D 181 -12.94 10.14 17.99
CA ARG D 181 -13.71 9.77 16.80
C ARG D 181 -13.18 10.39 15.52
N ASP D 182 -12.12 11.19 15.61
CA ASP D 182 -11.50 11.76 14.43
C ASP D 182 -10.03 12.05 14.75
N GLY D 183 -9.28 12.40 13.71
CA GLY D 183 -7.89 12.74 13.86
C GLY D 183 -7.04 11.55 14.22
N PRO D 184 -5.80 11.80 14.62
CA PRO D 184 -4.91 10.69 14.99
C PRO D 184 -5.09 10.30 16.45
N ALA D 185 -4.98 9.01 16.72
CA ALA D 185 -5.06 8.53 18.09
C ALA D 185 -3.81 8.95 18.86
N SER D 186 -3.98 9.18 20.16
CA SER D 186 -2.92 9.72 20.99
C SER D 186 -2.23 8.61 21.76
N PHE D 187 -0.90 8.53 21.65
CA PHE D 187 -0.10 7.52 22.33
C PHE D 187 1.01 8.21 23.10
N SER D 188 0.99 8.06 24.44
CA SER D 188 1.84 8.84 25.32
C SER D 188 2.50 7.96 26.38
N LEU D 189 3.79 8.22 26.65
CA LEU D 189 4.48 7.71 27.82
C LEU D 189 4.47 8.78 28.90
N ARG D 190 3.99 8.42 30.08
CA ARG D 190 4.04 9.30 31.24
C ARG D 190 4.82 8.63 32.36
N SER D 191 5.59 9.44 33.08
CA SER D 191 6.41 8.95 34.17
C SER D 191 5.55 8.75 35.40
N GLU D 192 6.18 8.53 36.56
CA GLU D 192 5.44 8.20 37.77
C GLU D 192 4.60 9.39 38.25
N ASN D 193 5.25 10.52 38.51
CA ASN D 193 4.56 11.66 39.09
C ASN D 193 3.53 12.25 38.14
N GLY D 194 3.77 12.17 36.85
CA GLY D 194 2.83 12.70 35.88
C GLY D 194 3.54 13.36 34.71
N LYS D 195 4.85 13.57 34.84
CA LYS D 195 5.61 14.22 33.78
C LYS D 195 5.58 13.45 32.46
N GLU D 196 5.00 14.07 31.45
CA GLU D 196 4.90 13.45 30.13
C GLU D 196 6.30 13.25 29.53
N ILE D 197 6.61 12.00 29.20
CA ILE D 197 7.91 11.68 28.62
C ILE D 197 7.93 11.89 27.11
N SER D 198 7.51 10.88 26.36
CA SER D 198 7.49 10.97 24.91
C SER D 198 6.15 10.54 24.33
N ASN D 199 5.59 11.38 23.48
CA ASN D 199 4.31 11.10 22.84
C ASN D 199 4.49 10.40 21.50
N LYS D 200 4.98 9.17 21.54
CA LYS D 200 5.22 8.41 20.31
C LYS D 200 4.73 6.97 20.42
N LYS D 201 4.45 6.37 19.27
CA LYS D 201 3.99 4.98 19.22
C LYS D 201 5.18 4.02 19.15
N LYS D 202 6.37 4.57 18.96
CA LYS D 202 7.59 3.78 18.90
C LYS D 202 8.16 3.55 20.30
N ASP D 203 7.63 4.27 21.28
CA ASP D 203 8.08 4.13 22.65
C ASP D 203 7.36 2.96 23.32
N ILE D 204 6.02 2.96 23.28
CA ILE D 204 5.28 1.87 23.89
C ILE D 204 5.68 0.55 23.25
N GLN D 205 6.04 0.56 21.97
CA GLN D 205 6.53 -0.63 21.30
C GLN D 205 7.99 -0.93 21.65
N THR D 206 8.62 -0.10 22.47
CA THR D 206 9.98 -0.35 22.95
C THR D 206 10.03 -0.73 24.42
N VAL D 207 9.20 -0.09 25.25
CA VAL D 207 9.18 -0.41 26.67
C VAL D 207 8.72 -1.84 26.90
N VAL D 208 7.66 -2.27 26.21
CA VAL D 208 7.19 -3.64 26.40
C VAL D 208 8.11 -4.63 25.69
N ASP D 209 8.72 -4.23 24.57
CA ASP D 209 9.73 -5.07 23.95
C ASP D 209 10.91 -5.30 24.88
N TYR D 210 11.22 -4.31 25.71
CA TYR D 210 12.18 -4.48 26.78
C TYR D 210 11.63 -5.44 27.84
N PHE D 211 10.39 -5.25 28.25
CA PHE D 211 9.75 -6.20 29.14
C PHE D 211 9.41 -7.53 28.47
N SER D 212 9.48 -7.60 27.14
CA SER D 212 9.27 -8.83 26.37
C SER D 212 7.89 -9.43 26.64
N VAL D 213 6.87 -8.69 26.21
CA VAL D 213 5.49 -9.14 26.24
C VAL D 213 4.96 -9.15 24.82
N PRO D 214 4.84 -10.32 24.20
CA PRO D 214 4.25 -10.40 22.85
C PRO D 214 2.74 -10.40 22.95
N VAL D 215 2.12 -9.30 22.53
CA VAL D 215 0.71 -9.09 22.72
C VAL D 215 -0.09 -9.54 21.49
N SER D 216 0.53 -9.49 20.32
CA SER D 216 -0.21 -9.73 19.08
C SER D 216 -0.66 -11.18 18.93
N ASN D 217 0.26 -12.14 18.97
CA ASN D 217 -0.06 -13.51 18.57
C ASN D 217 -0.93 -14.18 19.62
N PRO D 218 -1.80 -15.13 19.23
CA PRO D 218 -2.82 -15.61 20.18
C PRO D 218 -2.27 -16.42 21.32
N MET D 219 -1.08 -17.02 21.18
CA MET D 219 -0.59 -17.96 22.18
C MET D 219 -0.25 -17.27 23.49
N CYS D 220 -0.03 -15.95 23.47
CA CYS D 220 0.20 -15.20 24.70
C CYS D 220 -1.10 -14.55 25.18
N PHE D 221 -1.69 -13.70 24.36
CA PHE D 221 -2.99 -13.10 24.64
C PHE D 221 -4.01 -13.78 23.75
N LEU D 222 -4.73 -14.74 24.31
CA LEU D 222 -5.77 -15.42 23.55
C LEU D 222 -7.00 -14.53 23.42
N SER D 223 -7.70 -14.66 22.30
CA SER D 223 -8.87 -13.85 21.99
C SER D 223 -10.12 -14.72 22.12
N GLN D 224 -11.10 -14.24 22.90
CA GLN D 224 -12.32 -15.01 23.15
C GLN D 224 -12.99 -15.42 21.86
N ASP D 225 -12.97 -14.55 20.86
CA ASP D 225 -13.62 -14.84 19.60
C ASP D 225 -12.72 -15.59 18.62
N ALA D 226 -11.42 -15.67 18.92
CA ALA D 226 -10.49 -16.33 18.00
C ALA D 226 -10.04 -17.70 18.47
N ALA D 227 -10.42 -18.12 19.68
CA ALA D 227 -10.01 -19.44 20.17
C ALA D 227 -10.59 -20.54 19.29
N ARG D 228 -11.92 -20.55 19.15
CA ARG D 228 -12.63 -21.63 18.47
C ARG D 228 -12.17 -21.77 17.02
N SER D 229 -11.71 -20.70 16.41
CA SER D 229 -11.19 -20.78 15.06
C SER D 229 -9.70 -21.08 15.03
N PHE D 230 -8.96 -20.69 16.06
CA PHE D 230 -7.53 -20.98 16.08
C PHE D 230 -7.27 -22.46 16.22
N LEU D 231 -8.12 -23.16 16.96
CA LEU D 231 -7.87 -24.57 17.22
C LEU D 231 -7.87 -25.40 15.95
N THR D 232 -8.84 -25.16 15.06
CA THR D 232 -9.04 -25.98 13.88
C THR D 232 -8.85 -25.22 12.58
N ALA D 233 -9.46 -24.03 12.46
CA ALA D 233 -9.54 -23.35 11.17
C ALA D 233 -8.23 -22.69 10.75
N SER D 234 -7.26 -22.58 11.64
CA SER D 234 -5.98 -21.98 11.26
C SER D 234 -5.27 -22.85 10.23
N THR D 235 -4.57 -22.19 9.31
CA THR D 235 -3.81 -22.86 8.26
C THR D 235 -2.75 -23.74 8.91
N SER D 236 -2.27 -24.76 8.20
CA SER D 236 -1.18 -25.59 8.73
C SER D 236 0.03 -24.76 9.09
N GLN D 237 0.28 -23.69 8.34
CA GLN D 237 1.41 -22.81 8.62
C GLN D 237 1.11 -21.78 9.71
N ASP D 238 -0.17 -21.54 10.01
CA ASP D 238 -0.52 -20.52 10.99
C ASP D 238 0.01 -20.87 12.37
N LYS D 239 -0.35 -22.06 12.86
CA LYS D 239 0.12 -22.46 14.18
C LYS D 239 1.65 -22.51 14.24
N TYR D 240 2.28 -22.97 13.15
CA TYR D 240 3.73 -23.08 13.14
C TYR D 240 4.40 -21.72 13.22
N SER D 241 3.99 -20.78 12.36
CA SER D 241 4.63 -19.48 12.35
C SER D 241 4.34 -18.70 13.63
N HIS D 242 3.12 -18.81 14.16
CA HIS D 242 2.82 -18.16 15.44
C HIS D 242 3.67 -18.72 16.55
N PHE D 243 3.78 -20.05 16.64
CA PHE D 243 4.61 -20.65 17.67
C PHE D 243 6.07 -20.28 17.50
N MET D 244 6.53 -20.20 16.25
CA MET D 244 7.94 -19.95 16.00
C MET D 244 8.32 -18.53 16.35
N LYS D 245 7.65 -17.56 15.73
CA LYS D 245 7.92 -16.16 16.07
C LYS D 245 7.42 -15.76 17.45
N GLY D 246 6.72 -16.66 18.15
CA GLY D 246 6.27 -16.35 19.48
C GLY D 246 7.29 -16.65 20.55
N THR D 247 8.06 -17.72 20.38
CA THR D 247 9.10 -18.09 21.33
C THR D 247 10.46 -17.55 20.93
N LEU D 248 10.50 -16.43 20.20
CA LEU D 248 11.69 -15.71 19.78
C LEU D 248 12.55 -16.50 18.82
N LEU D 249 12.13 -17.70 18.41
CA LEU D 249 12.97 -18.61 17.66
C LEU D 249 13.11 -18.24 16.19
N GLN D 250 12.44 -17.18 15.73
CA GLN D 250 12.56 -16.78 14.33
C GLN D 250 13.44 -15.56 14.12
N GLU D 251 13.48 -14.64 15.08
CA GLU D 251 14.41 -13.52 15.00
C GLU D 251 15.84 -14.00 14.86
N ILE D 252 16.16 -15.12 15.52
CA ILE D 252 17.50 -15.67 15.44
C ILE D 252 17.83 -16.08 14.02
N THR D 253 16.94 -16.84 13.38
CA THR D 253 17.17 -17.26 12.00
C THR D 253 17.27 -16.05 11.08
N GLU D 254 16.37 -15.09 11.26
CA GLU D 254 16.32 -13.94 10.36
C GLU D 254 17.58 -13.10 10.49
N ASN D 255 17.97 -12.79 11.73
CA ASN D 255 19.15 -11.95 11.94
C ASN D 255 20.43 -12.66 11.52
N LEU D 256 20.53 -13.96 11.75
CA LEU D 256 21.75 -14.66 11.37
C LEU D 256 21.87 -14.77 9.86
N LEU D 257 20.78 -15.09 9.17
CA LEU D 257 20.81 -15.08 7.71
C LEU D 257 21.10 -13.68 7.18
N TYR D 258 20.56 -12.66 7.83
CA TYR D 258 20.79 -11.29 7.40
C TYR D 258 22.24 -10.90 7.56
N ALA D 259 22.85 -11.27 8.69
CA ALA D 259 24.26 -11.00 8.90
C ALA D 259 25.12 -11.78 7.92
N SER D 260 24.68 -13.00 7.57
CA SER D 260 25.41 -13.74 6.54
C SER D 260 25.34 -13.04 5.20
N ALA D 261 24.19 -12.45 4.87
CA ALA D 261 24.06 -11.70 3.62
C ALA D 261 24.95 -10.46 3.64
N ILE D 262 25.01 -9.77 4.78
CA ILE D 262 25.92 -8.65 4.93
C ILE D 262 27.36 -9.10 4.71
N HIS D 263 27.72 -10.26 5.27
CA HIS D 263 29.07 -10.79 5.08
C HIS D 263 29.33 -11.12 3.62
N ASP D 264 28.33 -11.62 2.89
CA ASP D 264 28.52 -11.93 1.48
C ASP D 264 28.77 -10.65 0.69
N SER D 265 27.99 -9.60 0.95
CA SER D 265 28.19 -8.34 0.25
C SER D 265 29.55 -7.74 0.59
N ALA D 266 29.96 -7.86 1.85
CA ALA D 266 31.27 -7.36 2.25
C ALA D 266 32.38 -8.15 1.58
N GLN D 267 32.22 -9.48 1.46
CA GLN D 267 33.20 -10.28 0.77
C GLN D 267 33.28 -9.94 -0.70
N GLU D 268 32.15 -9.56 -1.31
CA GLU D 268 32.19 -9.12 -2.69
C GLU D 268 32.94 -7.79 -2.83
N ASN D 269 32.68 -6.85 -1.91
CA ASN D 269 33.45 -5.61 -1.94
C ASN D 269 34.94 -5.86 -1.70
N MET D 270 35.28 -6.86 -0.89
CA MET D 270 36.68 -7.17 -0.68
C MET D 270 37.31 -7.79 -1.91
N ALA D 271 36.56 -8.65 -2.60
CA ALA D 271 37.06 -9.20 -3.86
C ALA D 271 37.19 -8.13 -4.93
N LEU D 272 36.39 -7.07 -4.82
CA LEU D 272 36.57 -5.92 -5.71
C LEU D 272 37.82 -5.12 -5.33
N HIS D 273 38.00 -4.87 -4.03
CA HIS D 273 39.19 -4.19 -3.54
C HIS D 273 40.47 -4.95 -3.85
N LEU D 274 40.38 -6.26 -4.03
CA LEU D 274 41.56 -7.04 -4.40
C LEU D 274 42.15 -6.57 -5.73
N GLU D 275 41.29 -6.16 -6.66
CA GLU D 275 41.79 -5.69 -7.95
C GLU D 275 42.48 -4.34 -7.81
N ASN D 276 41.93 -3.44 -6.99
CA ASN D 276 42.60 -2.17 -6.75
C ASN D 276 43.92 -2.36 -6.04
N LEU D 277 43.97 -3.32 -5.10
CA LEU D 277 45.23 -3.63 -4.44
C LEU D 277 46.22 -4.24 -5.42
N LYS D 278 45.74 -5.01 -6.39
CA LYS D 278 46.61 -5.48 -7.46
C LYS D 278 47.15 -4.33 -8.29
N SER D 279 46.31 -3.32 -8.54
CA SER D 279 46.79 -2.13 -9.26
C SER D 279 47.88 -1.42 -8.48
N LEU D 280 47.68 -1.27 -7.17
CA LEU D 280 48.71 -0.66 -6.33
C LEU D 280 49.99 -1.50 -6.33
N LYS D 281 49.84 -2.82 -6.33
CA LYS D 281 51.01 -3.70 -6.38
C LYS D 281 51.77 -3.52 -7.69
N ALA D 282 51.04 -3.47 -8.80
CA ALA D 282 51.67 -3.24 -10.09
C ALA D 282 52.41 -1.92 -10.11
N GLU D 283 51.81 -0.89 -9.52
CA GLU D 283 52.47 0.41 -9.46
C GLU D 283 53.72 0.35 -8.60
N TYR D 284 53.67 -0.37 -7.48
CA TYR D 284 54.85 -0.45 -6.62
C TYR D 284 55.99 -1.19 -7.31
N GLU D 285 55.70 -2.32 -7.97
CA GLU D 285 56.75 -3.06 -8.63
C GLU D 285 57.29 -2.33 -9.85
N ASP D 286 56.44 -1.64 -10.61
CA ASP D 286 56.97 -0.93 -11.76
C ASP D 286 57.72 0.32 -11.31
N ALA D 287 57.36 0.88 -10.14
CA ALA D 287 58.15 1.98 -9.59
C ALA D 287 59.52 1.51 -9.14
N LYS D 288 59.60 0.31 -8.57
CA LYS D 288 60.91 -0.28 -8.29
C LYS D 288 61.70 -0.48 -9.57
N LYS D 289 61.02 -0.91 -10.64
CA LYS D 289 61.68 -1.05 -11.93
C LYS D 289 62.17 0.29 -12.45
N LEU D 290 61.40 1.36 -12.21
CA LEU D 290 61.83 2.70 -12.60
C LEU D 290 63.06 3.12 -11.81
N LEU D 291 63.10 2.80 -10.51
CA LEU D 291 64.28 3.09 -9.72
C LEU D 291 65.51 2.37 -10.27
N ARG D 292 65.35 1.10 -10.63
CA ARG D 292 66.46 0.32 -11.19
C ARG D 292 66.93 0.91 -12.51
N GLU D 293 66.00 1.12 -13.45
CA GLU D 293 66.35 1.64 -14.76
C GLU D 293 66.80 3.10 -14.69
N LEU D 294 66.54 3.79 -13.59
CA LEU D 294 67.09 5.12 -13.39
C LEU D 294 68.52 5.05 -12.90
N ASN D 295 68.74 4.46 -11.73
CA ASN D 295 70.09 4.34 -11.17
C ASN D 295 70.72 2.99 -11.57
N GLN D 296 70.66 2.71 -12.86
CA GLN D 296 71.60 1.80 -13.49
C GLN D 296 72.79 2.48 -14.13
N THR D 297 72.67 3.77 -14.47
CA THR D 297 73.77 4.54 -15.04
C THR D 297 74.55 5.27 -13.96
N SER D 298 75.01 4.53 -12.95
CA SER D 298 75.81 5.08 -11.88
C SER D 298 77.30 4.84 -12.09
N ASP D 299 77.68 3.60 -12.40
CA ASP D 299 79.09 3.29 -12.63
C ASP D 299 79.61 3.86 -13.95
N LEU D 300 78.72 4.14 -14.90
CA LEU D 300 79.16 4.52 -16.24
C LEU D 300 79.70 5.94 -16.27
N ASN D 301 79.13 6.83 -15.45
CA ASN D 301 79.51 8.23 -15.48
C ASN D 301 79.73 8.83 -14.10
N GLU D 302 79.48 8.09 -13.03
CA GLU D 302 79.61 8.72 -11.72
C GLU D 302 80.53 7.96 -10.76
N ARG D 303 80.50 6.63 -10.75
CA ARG D 303 81.32 5.91 -9.79
C ARG D 303 82.81 5.90 -10.17
N LYS D 304 83.17 6.48 -11.30
CA LYS D 304 84.56 6.64 -11.68
C LYS D 304 85.26 7.78 -10.95
N MET D 305 84.68 8.33 -9.87
CA MET D 305 85.28 9.46 -9.17
C MET D 305 86.53 9.09 -8.38
N LEU D 306 87.06 7.88 -8.55
CA LEU D 306 88.12 7.39 -7.68
C LEU D 306 89.41 8.21 -7.82
N LEU D 307 90.02 8.19 -9.00
CA LEU D 307 91.34 8.76 -9.17
C LEU D 307 91.33 10.11 -9.88
N GLN D 308 90.15 10.65 -10.14
CA GLN D 308 90.03 11.96 -10.78
C GLN D 308 90.16 13.12 -9.80
N ALA D 309 90.63 12.86 -8.58
CA ALA D 309 90.77 13.94 -7.60
C ALA D 309 91.75 15.00 -8.05
N LYS D 310 92.76 14.60 -8.84
CA LYS D 310 93.69 15.57 -9.41
C LYS D 310 93.00 16.52 -10.39
N SER D 311 91.88 16.09 -10.97
CA SER D 311 91.12 16.92 -11.89
C SER D 311 90.11 17.79 -11.15
N LEU D 312 89.20 17.18 -10.41
CA LEU D 312 88.20 17.91 -9.65
C LEU D 312 88.75 18.31 -8.28
N ASP D 895 95.77 12.96 -23.05
CA ASP D 895 96.66 12.82 -24.20
C ASP D 895 96.30 11.58 -25.01
N THR D 896 96.95 10.45 -24.69
CA THR D 896 96.75 9.20 -25.42
C THR D 896 95.56 8.44 -24.82
N GLN D 897 94.37 8.86 -25.23
CA GLN D 897 93.10 8.30 -24.79
C GLN D 897 92.28 7.84 -25.98
N GLU D 898 92.90 7.01 -26.82
CA GLU D 898 92.45 6.67 -28.17
C GLU D 898 90.99 6.25 -28.30
N GLU D 899 90.38 5.75 -27.23
CA GLU D 899 89.03 5.21 -27.30
C GLU D 899 88.14 5.84 -26.23
N ILE D 900 88.07 7.17 -26.22
CA ILE D 900 87.29 7.85 -25.19
C ILE D 900 85.80 7.84 -25.50
N LYS D 901 85.40 8.53 -26.57
CA LYS D 901 84.00 8.81 -26.83
C LYS D 901 83.46 7.79 -27.84
N ARG D 902 82.66 6.85 -27.35
CA ARG D 902 82.21 5.75 -28.20
C ARG D 902 80.70 5.69 -28.38
N GLU D 903 79.92 5.79 -27.31
CA GLU D 903 78.47 5.61 -27.35
C GLU D 903 77.71 6.80 -26.78
N LEU D 904 78.18 8.02 -27.12
CA LEU D 904 77.60 9.22 -26.54
C LEU D 904 76.18 9.45 -27.02
N ASP D 905 75.85 9.02 -28.24
CA ASP D 905 74.50 9.17 -28.75
C ASP D 905 73.55 8.11 -28.20
N LYS D 906 74.04 6.88 -28.03
CA LYS D 906 73.20 5.85 -27.44
C LYS D 906 72.89 6.15 -25.98
N VAL D 907 73.89 6.60 -25.21
CA VAL D 907 73.61 6.97 -23.83
C VAL D 907 72.70 8.19 -23.79
N SER D 908 72.82 9.09 -24.77
CA SER D 908 71.96 10.27 -24.79
C SER D 908 70.51 9.90 -25.05
N ARG D 909 70.27 9.03 -26.03
CA ARG D 909 68.89 8.61 -26.29
C ARG D 909 68.33 7.82 -25.12
N MET D 910 69.17 7.02 -24.46
CA MET D 910 68.69 6.27 -23.29
C MET D 910 68.28 7.20 -22.17
N ILE D 911 69.13 8.20 -21.86
CA ILE D 911 68.81 9.14 -20.79
C ILE D 911 67.58 9.97 -21.15
N GLN D 912 67.45 10.33 -22.43
CA GLN D 912 66.28 11.08 -22.86
C GLN D 912 65.00 10.28 -22.66
N LYS D 913 64.97 9.03 -23.16
CA LYS D 913 63.77 8.21 -23.00
C LYS D 913 63.51 7.86 -21.54
N ALA D 914 64.56 7.81 -20.72
CA ALA D 914 64.38 7.47 -19.31
C ALA D 914 63.78 8.62 -18.52
N GLU D 915 64.26 9.84 -18.74
CA GLU D 915 63.76 10.99 -18.01
C GLU D 915 62.52 11.61 -18.65
N LYS D 916 62.19 11.24 -19.89
CA LYS D 916 61.02 11.81 -20.56
C LYS D 916 59.83 10.86 -20.59
N SER D 917 59.78 9.88 -19.67
CA SER D 917 58.65 8.96 -19.63
C SER D 917 57.33 9.71 -19.48
N LEU D 918 57.18 10.44 -18.38
CA LEU D 918 56.03 11.32 -18.17
C LEU D 918 56.45 12.74 -17.83
N GLY D 919 57.62 12.94 -17.22
CA GLY D 919 58.11 14.25 -16.90
C GLY D 919 58.72 14.42 -15.52
N LEU D 920 58.96 13.32 -14.81
CA LEU D 920 59.59 13.40 -13.50
C LEU D 920 61.11 13.35 -13.62
N SER D 921 61.79 13.95 -12.65
CA SER D 921 63.24 13.92 -12.61
C SER D 921 63.71 12.70 -11.80
N GLN D 922 65.03 12.55 -11.71
CA GLN D 922 65.61 11.40 -11.01
C GLN D 922 65.16 11.34 -9.56
N GLU D 923 65.33 12.44 -8.81
CA GLU D 923 64.83 12.50 -7.45
C GLU D 923 63.32 12.39 -7.43
N GLU D 924 62.64 12.90 -8.46
CA GLU D 924 61.19 12.79 -8.49
C GLU D 924 60.74 11.37 -8.85
N VAL D 925 61.52 10.67 -9.68
CA VAL D 925 61.25 9.25 -9.93
C VAL D 925 61.35 8.47 -8.63
N ILE D 926 62.42 8.68 -7.86
CA ILE D 926 62.57 7.98 -6.60
C ILE D 926 61.49 8.42 -5.60
N ALA D 927 61.04 9.67 -5.69
CA ALA D 927 60.00 10.15 -4.80
C ALA D 927 58.67 9.45 -5.10
N LEU D 928 58.31 9.35 -6.38
CA LEU D 928 57.10 8.61 -6.74
C LEU D 928 57.21 7.15 -6.36
N PHE D 929 58.41 6.58 -6.50
CA PHE D 929 58.65 5.21 -6.05
C PHE D 929 58.33 5.06 -4.57
N GLU D 930 58.87 5.98 -3.75
CA GLU D 930 58.63 5.92 -2.31
C GLU D 930 57.16 6.11 -1.98
N LYS D 931 56.49 7.02 -2.69
CA LYS D 931 55.09 7.29 -2.40
C LYS D 931 54.21 6.08 -2.73
N CYS D 932 54.41 5.50 -3.92
CA CYS D 932 53.63 4.33 -4.29
C CYS D 932 53.96 3.14 -3.40
N ARG D 933 55.22 3.03 -2.97
CA ARG D 933 55.59 1.96 -2.04
C ARG D 933 54.88 2.12 -0.71
N ASN D 934 54.84 3.32 -0.16
CA ASN D 934 54.14 3.53 1.11
C ASN D 934 52.65 3.28 0.96
N LYS D 935 52.06 3.71 -0.17
CA LYS D 935 50.66 3.42 -0.45
C LYS D 935 50.40 1.92 -0.45
N TYR D 936 51.25 1.15 -1.14
CA TYR D 936 51.07 -0.29 -1.19
C TYR D 936 51.22 -0.92 0.19
N LYS D 937 52.27 -0.53 0.92
CA LYS D 937 52.55 -1.16 2.21
C LYS D 937 51.62 -0.68 3.33
N GLU D 938 50.78 0.33 3.07
CA GLU D 938 49.72 0.65 4.02
C GLU D 938 48.41 0.00 3.64
N GLY D 939 48.09 -0.02 2.34
CA GLY D 939 46.92 -0.73 1.87
C GLY D 939 46.97 -2.22 2.18
N GLN D 940 48.18 -2.79 2.13
CA GLN D 940 48.34 -4.18 2.54
C GLN D 940 47.89 -4.39 3.98
N LYS D 941 48.34 -3.52 4.89
CA LYS D 941 47.98 -3.67 6.29
C LYS D 941 46.48 -3.53 6.49
N LYS D 942 45.87 -2.53 5.86
CA LYS D 942 44.44 -2.33 6.02
C LYS D 942 43.65 -3.52 5.47
N TYR D 943 44.04 -3.99 4.28
CA TYR D 943 43.34 -5.10 3.65
C TYR D 943 43.42 -6.36 4.50
N MET D 944 44.62 -6.67 5.01
CA MET D 944 44.77 -7.89 5.80
C MET D 944 44.05 -7.79 7.13
N GLU D 945 44.03 -6.60 7.74
CA GLU D 945 43.28 -6.44 8.98
C GLU D 945 41.78 -6.65 8.74
N ILE D 946 41.26 -6.08 7.66
CA ILE D 946 39.84 -6.29 7.33
C ILE D 946 39.57 -7.77 7.07
N ASP D 947 40.50 -8.45 6.39
CA ASP D 947 40.31 -9.88 6.11
C ASP D 947 40.25 -10.68 7.41
N GLU D 948 41.16 -10.40 8.35
CA GLU D 948 41.14 -11.12 9.62
C GLU D 948 39.85 -10.85 10.37
N ALA D 949 39.41 -9.59 10.40
CA ALA D 949 38.17 -9.25 11.09
C ALA D 949 36.99 -10.01 10.49
N LEU D 950 36.91 -10.04 9.17
CA LEU D 950 35.81 -10.72 8.51
C LEU D 950 35.85 -12.22 8.75
N ASN D 951 37.04 -12.82 8.75
CA ASN D 951 37.13 -14.25 8.98
C ASN D 951 36.74 -14.61 10.41
N ARG D 952 37.18 -13.81 11.38
CA ARG D 952 36.77 -14.05 12.75
C ARG D 952 35.27 -13.89 12.92
N LEU D 953 34.68 -12.89 12.25
CA LEU D 953 33.24 -12.72 12.28
C LEU D 953 32.52 -13.93 11.69
N HIS D 954 33.04 -14.45 10.57
CA HIS D 954 32.39 -15.58 9.92
C HIS D 954 32.44 -16.83 10.79
N ASN D 955 33.58 -17.06 11.44
CA ASN D 955 33.68 -18.23 12.32
C ASN D 955 32.77 -18.08 13.52
N SER D 956 32.67 -16.87 14.08
CA SER D 956 31.71 -16.66 15.15
C SER D 956 30.29 -16.92 14.67
N LEU D 957 29.98 -16.55 13.43
CA LEU D 957 28.64 -16.79 12.89
C LEU D 957 28.35 -18.28 12.75
N LYS D 958 29.34 -19.05 12.33
CA LYS D 958 29.15 -20.50 12.25
C LYS D 958 28.89 -21.09 13.64
N ALA D 959 29.64 -20.63 14.63
CA ALA D 959 29.39 -21.05 16.00
C ALA D 959 28.04 -20.56 16.52
N ARG D 960 27.47 -19.53 15.91
CA ARG D 960 26.11 -19.16 16.24
C ARG D 960 25.11 -20.15 15.64
N ASP D 961 25.32 -20.50 14.37
CA ASP D 961 24.36 -21.33 13.66
C ASP D 961 24.23 -22.71 14.29
N GLN D 962 25.35 -23.30 14.70
CA GLN D 962 25.26 -24.64 15.30
C GLN D 962 24.49 -24.60 16.62
N ASN D 963 24.74 -23.56 17.43
CA ASN D 963 24.00 -23.42 18.66
C ASN D 963 22.52 -23.14 18.39
N TYR D 964 22.23 -22.45 17.28
CA TYR D 964 20.84 -22.24 16.92
C TYR D 964 20.14 -23.55 16.61
N LYS D 965 20.79 -24.41 15.82
CA LYS D 965 20.23 -25.72 15.53
C LYS D 965 19.94 -26.49 16.82
N ASN D 966 20.91 -26.52 17.73
CA ASN D 966 20.72 -27.22 18.99
C ASN D 966 19.56 -26.63 19.78
N ALA D 967 19.47 -25.30 19.84
CA ALA D 967 18.42 -24.66 20.62
C ALA D 967 17.04 -24.93 20.02
N GLU D 968 16.96 -24.96 18.70
CA GLU D 968 15.68 -25.26 18.05
C GLU D 968 15.22 -26.67 18.38
N LYS D 969 16.11 -27.65 18.22
CA LYS D 969 15.73 -29.02 18.53
C LYS D 969 15.33 -29.17 19.99
N GLY D 970 16.07 -28.52 20.89
CA GLY D 970 15.74 -28.62 22.31
C GLY D 970 14.40 -28.00 22.64
N THR D 971 14.11 -26.83 22.08
CA THR D 971 12.82 -26.17 22.36
C THR D 971 11.66 -26.96 21.78
N CYS D 972 11.81 -27.48 20.56
CA CYS D 972 10.74 -28.28 19.97
C CYS D 972 10.49 -29.54 20.79
N PHE D 973 11.55 -30.21 21.26
CA PHE D 973 11.31 -31.41 22.05
C PHE D 973 10.73 -31.08 23.43
N ASP D 974 11.11 -29.95 24.02
CA ASP D 974 10.49 -29.53 25.27
C ASP D 974 9.00 -29.31 25.08
N ALA D 975 8.63 -28.62 23.98
CA ALA D 975 7.22 -28.43 23.66
C ALA D 975 6.51 -29.77 23.51
N ASP D 976 7.11 -30.69 22.76
CA ASP D 976 6.51 -32.00 22.52
C ASP D 976 6.27 -32.73 23.83
N MET D 977 7.29 -32.80 24.68
CA MET D 977 7.19 -33.61 25.89
C MET D 977 6.22 -33.00 26.88
N ASP D 978 6.22 -31.68 27.05
CA ASP D 978 5.27 -31.11 27.98
C ASP D 978 3.84 -31.19 27.46
N PHE D 979 3.68 -31.10 26.13
CA PHE D 979 2.37 -31.30 25.52
C PHE D 979 1.84 -32.70 25.82
N ARG D 980 2.66 -33.72 25.63
CA ARG D 980 2.22 -35.08 25.91
C ARG D 980 1.97 -35.30 27.40
N ALA D 981 2.82 -34.73 28.25
CA ALA D 981 2.65 -34.91 29.68
C ALA D 981 1.41 -34.21 30.20
N SER D 982 0.95 -33.18 29.50
CA SER D 982 -0.33 -32.58 29.88
C SER D 982 -1.51 -33.34 29.29
N LEU D 983 -1.35 -33.92 28.10
CA LEU D 983 -2.41 -34.74 27.53
C LEU D 983 -2.69 -35.98 28.36
N LYS D 984 -1.67 -36.52 29.00
CA LYS D 984 -1.92 -37.81 29.65
C LYS D 984 -2.75 -37.70 30.93
N VAL D 985 -3.44 -36.59 31.20
CA VAL D 985 -4.33 -36.56 32.36
C VAL D 985 -5.69 -37.15 32.02
N ARG D 986 -6.12 -37.03 30.76
CA ARG D 986 -7.38 -37.60 30.30
C ARG D 986 -7.16 -38.91 29.55
N LYS D 987 -6.01 -39.55 29.73
CA LYS D 987 -5.74 -40.90 29.25
C LYS D 987 -5.75 -40.99 27.72
N PHE D 988 -5.42 -39.90 27.04
CA PHE D 988 -5.09 -40.00 25.62
C PHE D 988 -3.93 -39.07 25.33
N SER D 989 -3.26 -39.31 24.21
CA SER D 989 -2.02 -38.60 23.93
C SER D 989 -1.75 -38.57 22.44
N GLY D 990 -0.87 -37.65 22.05
CA GLY D 990 -0.45 -37.51 20.68
C GLY D 990 0.93 -36.89 20.57
N ASN D 991 1.29 -36.36 19.41
CA ASN D 991 2.62 -35.81 19.22
C ASN D 991 2.58 -34.69 18.21
N LEU D 992 3.42 -33.69 18.41
CA LEU D 992 3.49 -32.52 17.55
C LEU D 992 4.60 -32.70 16.53
N SER D 993 4.28 -32.58 15.26
CA SER D 993 5.22 -32.86 14.19
C SER D 993 5.65 -31.56 13.52
N PHE D 994 6.71 -30.95 14.04
CA PHE D 994 7.23 -29.70 13.49
C PHE D 994 7.96 -30.00 12.18
N ILE D 995 7.17 -30.23 11.13
CA ILE D 995 7.78 -30.55 9.84
C ILE D 995 8.38 -29.28 9.27
N LYS D 996 9.69 -29.13 9.41
CA LYS D 996 10.37 -27.91 8.98
C LYS D 996 10.34 -27.73 7.47
N ASP D 997 9.82 -28.68 6.72
CA ASP D 997 9.72 -28.50 5.27
C ASP D 997 8.42 -27.81 4.89
N THR D 998 7.29 -28.30 5.40
CA THR D 998 5.99 -27.67 5.11
C THR D 998 5.51 -26.77 6.23
N LYS D 999 6.28 -26.63 7.31
CA LYS D 999 6.04 -25.61 8.34
C LYS D 999 4.66 -25.77 8.98
N SER D 1000 4.51 -26.82 9.78
CA SER D 1000 3.23 -27.15 10.38
C SER D 1000 3.37 -27.29 11.89
N LEU D 1001 2.22 -27.37 12.56
CA LEU D 1001 2.10 -27.74 13.96
C LEU D 1001 0.94 -28.72 14.13
N GLU D 1002 0.91 -29.76 13.30
CA GLU D 1002 -0.21 -30.69 13.30
C GLU D 1002 -0.33 -31.39 14.65
N ILE D 1003 -1.48 -31.24 15.28
CA ILE D 1003 -1.71 -31.86 16.58
C ILE D 1003 -2.40 -33.21 16.48
N TYR D 1004 -1.60 -34.27 16.49
CA TYR D 1004 -2.12 -35.64 16.39
C TYR D 1004 -2.52 -36.16 17.77
N ILE D 1005 -3.82 -36.14 18.05
CA ILE D 1005 -4.32 -36.62 19.34
C ILE D 1005 -5.17 -37.86 19.19
N LEU D 1006 -5.13 -38.73 20.20
CA LEU D 1006 -5.89 -39.97 20.19
C LEU D 1006 -6.77 -40.07 21.43
N THR D 1007 -7.81 -40.89 21.36
CA THR D 1007 -8.72 -41.06 22.49
C THR D 1007 -8.43 -42.34 23.26
N THR D 1008 -9.43 -42.81 24.01
CA THR D 1008 -9.29 -44.03 24.81
C THR D 1008 -9.82 -45.25 24.07
N ASN D 1009 -10.15 -45.06 22.79
CA ASN D 1009 -10.67 -46.15 21.97
C ASN D 1009 -10.33 -45.97 20.50
N ASP D 1010 -9.03 -45.89 20.20
CA ASP D 1010 -8.57 -45.71 18.83
C ASP D 1010 -7.46 -46.68 18.48
N GLU D 1011 -6.79 -46.42 17.35
CA GLU D 1011 -5.69 -47.27 16.90
C GLU D 1011 -4.65 -46.44 16.13
N LYS D 1012 -5.03 -46.02 14.93
CA LYS D 1012 -4.14 -45.22 14.10
C LYS D 1012 -4.17 -43.76 14.50
N ALA D 1013 -3.19 -42.99 14.05
CA ALA D 1013 -3.11 -41.57 14.36
C ALA D 1013 -4.26 -40.81 13.72
N ARG D 1014 -5.10 -40.19 14.56
CA ARG D 1014 -6.24 -39.42 14.07
C ARG D 1014 -5.82 -38.02 13.62
N ASN D 1015 -6.75 -37.31 13.02
CA ASN D 1015 -6.49 -35.96 12.54
C ASN D 1015 -6.63 -34.89 13.62
N VAL D 1016 -6.32 -33.65 13.26
CA VAL D 1016 -6.41 -32.53 14.20
C VAL D 1016 -7.78 -31.86 14.11
N ASP D 1017 -8.49 -32.12 13.03
CA ASP D 1017 -9.81 -31.54 12.82
C ASP D 1017 -10.92 -32.57 13.04
N THR D 1018 -10.54 -33.84 13.10
CA THR D 1018 -11.50 -34.91 13.31
C THR D 1018 -12.22 -34.77 14.65
N LEU D 1019 -11.46 -34.93 15.74
CA LEU D 1019 -12.02 -34.82 17.09
C LEU D 1019 -12.49 -33.40 17.39
N SER D 1020 -13.49 -33.29 18.24
CA SER D 1020 -14.03 -31.98 18.61
C SER D 1020 -14.39 -31.92 20.10
N GLY D 1021 -14.83 -30.74 20.54
CA GLY D 1021 -15.20 -30.54 21.92
C GLY D 1021 -14.19 -31.03 22.93
N GLY D 1022 -14.46 -32.20 23.50
CA GLY D 1022 -13.57 -32.80 24.49
C GLY D 1022 -12.17 -33.05 23.97
N GLU D 1023 -12.08 -33.45 22.70
CA GLU D 1023 -10.80 -33.69 22.06
C GLU D 1023 -10.35 -32.43 21.33
N LYS D 1024 -10.91 -31.30 21.73
CA LYS D 1024 -10.58 -30.01 21.12
C LYS D 1024 -10.18 -28.98 22.17
N SER D 1025 -11.13 -28.58 23.00
CA SER D 1025 -10.88 -27.60 24.05
C SER D 1025 -9.72 -28.08 24.93
N PHE D 1026 -9.65 -29.39 25.12
CA PHE D 1026 -8.58 -29.99 25.92
C PHE D 1026 -7.37 -30.31 25.06
N SER D 1027 -7.41 -30.00 23.78
CA SER D 1027 -6.19 -29.86 22.99
C SER D 1027 -5.74 -28.41 22.89
N GLN D 1028 -6.68 -27.47 23.01
CA GLN D 1028 -6.32 -26.06 23.14
C GLN D 1028 -5.38 -25.83 24.32
N MET D 1029 -5.83 -26.22 25.51
CA MET D 1029 -5.00 -26.08 26.70
C MET D 1029 -3.70 -26.84 26.57
N ALA D 1030 -3.74 -28.04 25.99
CA ALA D 1030 -2.54 -28.86 25.92
C ALA D 1030 -1.52 -28.30 24.94
N LEU D 1031 -1.95 -27.63 23.87
CA LEU D 1031 -0.99 -26.99 23.00
C LEU D 1031 -0.50 -25.67 23.57
N LEU D 1032 -1.37 -24.93 24.27
CA LEU D 1032 -0.95 -23.65 24.81
C LEU D 1032 0.05 -23.83 25.95
N LEU D 1033 -0.19 -24.81 26.84
CA LEU D 1033 0.70 -24.98 27.97
C LEU D 1033 2.03 -25.62 27.59
N ALA D 1034 2.24 -25.93 26.31
CA ALA D 1034 3.56 -26.22 25.79
C ALA D 1034 4.14 -25.03 25.03
N THR D 1035 3.62 -23.84 25.29
CA THR D 1035 4.18 -22.60 24.75
C THR D 1035 4.15 -21.51 25.82
N TRP D 1036 4.42 -21.90 27.07
CA TRP D 1036 4.50 -20.93 28.15
C TRP D 1036 5.84 -20.95 28.87
N LYS D 1037 6.58 -22.05 28.80
CA LYS D 1037 7.97 -22.05 29.23
C LYS D 1037 8.90 -21.52 28.12
N PRO D 1038 8.76 -21.95 26.83
CA PRO D 1038 9.60 -21.37 25.78
C PRO D 1038 9.43 -19.86 25.64
N MET D 1039 8.21 -19.39 25.41
CA MET D 1039 7.93 -17.97 25.49
C MET D 1039 7.94 -17.54 26.95
N ARG D 1040 8.67 -16.48 27.26
CA ARG D 1040 8.84 -16.10 28.65
C ARG D 1040 8.23 -14.75 28.96
N SER D 1041 7.00 -14.52 28.49
CA SER D 1041 6.30 -13.27 28.76
C SER D 1041 6.09 -13.07 30.25
N ARG D 1042 6.20 -11.83 30.70
CA ARG D 1042 6.03 -11.52 32.10
C ARG D 1042 4.56 -11.56 32.54
N ILE D 1043 3.62 -11.64 31.60
CA ILE D 1043 2.21 -11.67 31.95
C ILE D 1043 1.48 -12.51 30.91
N ILE D 1044 0.36 -13.11 31.33
CA ILE D 1044 -0.40 -14.01 30.48
C ILE D 1044 -1.88 -13.84 30.79
N ALA D 1045 -2.72 -14.05 29.77
CA ALA D 1045 -4.15 -13.82 29.92
C ALA D 1045 -4.94 -14.88 29.17
N LEU D 1046 -5.96 -15.40 29.85
CA LEU D 1046 -6.82 -16.44 29.28
C LEU D 1046 -8.26 -15.96 29.31
N ASP D 1047 -8.96 -16.14 28.19
CA ASP D 1047 -10.37 -15.75 28.08
C ASP D 1047 -11.16 -16.91 27.51
N GLN D 1048 -11.89 -17.61 28.37
CA GLN D 1048 -12.75 -18.73 27.99
C GLN D 1048 -11.98 -19.77 27.19
N PHE D 1049 -11.05 -20.43 27.90
CA PHE D 1049 -10.39 -21.60 27.33
C PHE D 1049 -11.39 -22.71 27.05
N ASP D 1050 -12.39 -22.87 27.92
CA ASP D 1050 -13.44 -23.87 27.75
C ASP D 1050 -14.53 -23.27 26.86
N VAL D 1051 -14.27 -23.24 25.56
CA VAL D 1051 -15.21 -22.61 24.64
C VAL D 1051 -16.48 -23.45 24.52
N PHE D 1052 -16.34 -24.77 24.39
CA PHE D 1052 -17.49 -25.67 24.55
C PHE D 1052 -16.99 -27.00 25.09
N MET D 1053 -17.03 -27.15 26.41
CA MET D 1053 -16.75 -28.44 27.04
C MET D 1053 -17.44 -28.43 28.40
N ASP D 1054 -17.87 -29.61 28.82
CA ASP D 1054 -18.81 -29.72 29.93
C ASP D 1054 -18.10 -29.53 31.26
N GLN D 1055 -18.81 -29.83 32.34
CA GLN D 1055 -18.31 -29.58 33.68
C GLN D 1055 -17.23 -30.56 34.13
N VAL D 1056 -17.12 -31.73 33.52
CA VAL D 1056 -16.12 -32.70 33.95
C VAL D 1056 -14.80 -32.50 33.23
N ASN D 1057 -14.72 -31.57 32.30
CA ASN D 1057 -13.44 -31.15 31.74
C ASN D 1057 -13.04 -29.75 32.14
N ARG D 1058 -13.99 -28.92 32.60
CA ARG D 1058 -13.60 -27.65 33.19
C ARG D 1058 -12.78 -27.83 34.46
N LYS D 1059 -13.10 -28.85 35.28
CA LYS D 1059 -12.29 -29.06 36.47
C LYS D 1059 -10.90 -29.59 36.11
N ILE D 1060 -10.82 -30.41 35.07
CA ILE D 1060 -9.54 -30.98 34.65
C ILE D 1060 -8.83 -29.98 33.74
N GLY D 1061 -9.45 -28.83 33.54
CA GLY D 1061 -8.75 -27.70 32.97
C GLY D 1061 -8.23 -26.75 34.01
N THR D 1062 -9.07 -26.42 34.99
CA THR D 1062 -8.70 -25.48 36.03
C THR D 1062 -7.63 -26.07 36.95
N THR D 1063 -7.84 -27.29 37.44
CA THR D 1063 -6.86 -27.88 38.33
C THR D 1063 -5.59 -28.32 37.60
N LEU D 1064 -5.53 -28.16 36.29
CA LEU D 1064 -4.25 -28.34 35.61
C LEU D 1064 -3.57 -27.00 35.34
N ILE D 1065 -4.34 -25.96 35.01
CA ILE D 1065 -3.73 -24.65 34.78
C ILE D 1065 -3.20 -24.05 36.07
N VAL D 1066 -3.89 -24.26 37.20
CA VAL D 1066 -3.38 -23.77 38.48
C VAL D 1066 -2.05 -24.42 38.79
N LYS D 1067 -1.90 -25.70 38.48
CA LYS D 1067 -0.64 -26.41 38.75
C LYS D 1067 0.46 -25.91 37.82
N LYS D 1068 0.16 -25.78 36.52
CA LYS D 1068 1.19 -25.36 35.59
C LYS D 1068 1.60 -23.91 35.83
N LEU D 1069 0.81 -23.16 36.59
CA LEU D 1069 1.25 -21.85 37.06
C LEU D 1069 2.03 -21.89 38.36
N LYS D 1070 2.46 -23.08 38.81
CA LYS D 1070 3.37 -23.17 39.95
C LYS D 1070 4.81 -23.44 39.51
N ASP D 1071 5.01 -24.11 38.39
CA ASP D 1071 6.36 -24.41 37.93
C ASP D 1071 7.08 -23.13 37.49
N ILE D 1072 6.37 -22.24 36.80
CA ILE D 1072 6.90 -20.94 36.44
C ILE D 1072 6.24 -19.89 37.34
N ALA D 1073 7.01 -18.88 37.73
CA ALA D 1073 6.52 -17.90 38.70
C ALA D 1073 6.95 -16.48 38.36
N ARG D 1074 7.19 -16.20 37.08
CA ARG D 1074 7.46 -14.84 36.64
C ARG D 1074 6.30 -14.23 35.86
N THR D 1075 5.26 -15.00 35.56
CA THR D 1075 4.15 -14.57 34.71
C THR D 1075 2.92 -14.31 35.54
N GLN D 1076 2.33 -13.12 35.41
CA GLN D 1076 1.04 -12.86 36.00
C GLN D 1076 -0.05 -13.42 35.09
N THR D 1077 -1.20 -13.76 35.68
CA THR D 1077 -2.24 -14.43 34.93
C THR D 1077 -3.60 -13.79 35.22
N ILE D 1078 -4.42 -13.69 34.18
CA ILE D 1078 -5.80 -13.25 34.30
C ILE D 1078 -6.67 -14.16 33.43
N ILE D 1079 -7.66 -14.81 34.06
CA ILE D 1079 -8.49 -15.82 33.43
C ILE D 1079 -9.93 -15.32 33.35
N ILE D 1080 -10.54 -15.44 32.17
CA ILE D 1080 -11.88 -14.92 31.90
C ILE D 1080 -12.79 -16.11 31.62
N THR D 1081 -13.57 -16.55 32.62
CA THR D 1081 -14.55 -17.61 32.43
C THR D 1081 -15.82 -17.26 33.21
N PRO D 1082 -16.99 -17.34 32.57
CA PRO D 1082 -18.22 -16.89 33.24
C PRO D 1082 -18.73 -17.81 34.33
N GLN D 1083 -18.03 -18.89 34.66
CA GLN D 1083 -18.56 -19.86 35.60
C GLN D 1083 -18.23 -19.45 37.03
N ASP D 1084 -18.56 -20.33 37.97
CA ASP D 1084 -18.47 -20.05 39.41
C ASP D 1084 -17.40 -20.94 40.02
N ILE D 1085 -16.22 -20.37 40.22
CA ILE D 1085 -15.12 -21.06 40.90
C ILE D 1085 -14.56 -20.15 41.99
N GLY D 1086 -15.41 -19.28 42.55
CA GLY D 1086 -14.99 -18.31 43.55
C GLY D 1086 -14.39 -18.93 44.80
N LYS D 1087 -15.21 -19.62 45.58
CA LYS D 1087 -14.77 -20.39 46.74
C LYS D 1087 -15.26 -21.81 46.62
N ILE D 1088 -15.11 -22.38 45.43
CA ILE D 1088 -15.64 -23.70 45.11
C ILE D 1088 -14.56 -24.78 45.18
N ALA D 1089 -13.34 -24.45 44.75
CA ALA D 1089 -12.21 -25.36 44.85
C ALA D 1089 -11.22 -24.82 45.89
N ASP D 1090 -10.22 -25.65 46.19
CA ASP D 1090 -9.20 -25.31 47.20
C ASP D 1090 -8.12 -24.42 46.60
N ILE D 1091 -8.54 -23.23 46.16
CA ILE D 1091 -7.65 -22.27 45.54
C ILE D 1091 -7.15 -21.29 46.59
N ASP D 1092 -7.33 -21.64 47.86
CA ASP D 1092 -6.96 -20.76 48.96
C ASP D 1092 -5.46 -20.52 49.05
N SER D 1093 -4.64 -21.30 48.35
CA SER D 1093 -3.22 -21.00 48.24
C SER D 1093 -3.04 -19.66 47.55
N SER D 1094 -2.35 -18.75 48.23
CA SER D 1094 -2.34 -17.35 47.82
C SER D 1094 -1.67 -17.17 46.45
N GLY D 1095 -1.87 -15.98 45.89
CA GLY D 1095 -1.49 -15.71 44.52
C GLY D 1095 -2.67 -15.57 43.58
N VAL D 1096 -3.89 -15.85 44.05
CA VAL D 1096 -5.09 -15.75 43.25
C VAL D 1096 -5.99 -14.69 43.86
N SER D 1097 -6.95 -14.23 43.07
CA SER D 1097 -7.92 -13.25 43.55
C SER D 1097 -9.16 -13.30 42.67
N ILE D 1098 -10.28 -12.92 43.28
CA ILE D 1098 -11.59 -12.97 42.64
C ILE D 1098 -11.97 -11.57 42.20
N HIS D 1099 -12.51 -11.46 40.98
CA HIS D 1099 -12.94 -10.17 40.45
C HIS D 1099 -14.14 -10.41 39.54
N ARG D 1100 -15.33 -10.31 40.10
CA ARG D 1100 -16.56 -10.42 39.31
C ARG D 1100 -17.13 -9.03 39.08
N MET D 1101 -17.56 -8.76 37.85
CA MET D 1101 -18.08 -7.44 37.51
C MET D 1101 -19.42 -7.21 38.20
N PRO E 32 -45.91 -48.01 13.73
CA PRO E 32 -45.95 -46.87 12.81
C PRO E 32 -46.84 -45.73 13.32
N ASP E 33 -46.58 -45.30 14.56
CA ASP E 33 -47.40 -44.25 15.19
C ASP E 33 -47.01 -42.90 14.62
N LEU E 34 -47.53 -42.62 13.43
CA LEU E 34 -47.31 -41.34 12.75
C LEU E 34 -48.43 -40.36 13.01
N SER E 35 -49.01 -40.39 14.22
CA SER E 35 -50.25 -39.69 14.50
C SER E 35 -50.10 -38.17 14.52
N SER E 36 -48.91 -37.65 14.81
CA SER E 36 -48.73 -36.21 14.88
C SER E 36 -47.52 -35.72 14.10
N PHE E 37 -46.84 -36.59 13.37
CA PHE E 37 -45.66 -36.18 12.63
C PHE E 37 -46.07 -35.32 11.44
N GLN E 38 -45.56 -34.10 11.40
CA GLN E 38 -45.78 -33.24 10.24
C GLN E 38 -44.86 -33.66 9.10
N PRO E 39 -45.25 -33.41 7.86
CA PRO E 39 -44.49 -33.93 6.72
C PRO E 39 -43.09 -33.34 6.66
N GLY E 40 -42.19 -34.09 6.03
CA GLY E 40 -40.79 -33.73 5.95
C GLY E 40 -39.97 -34.07 7.17
N SER E 41 -40.60 -34.44 8.28
CA SER E 41 -39.91 -34.69 9.54
C SER E 41 -39.03 -35.92 9.44
N ILE E 42 -38.32 -36.22 10.54
CA ILE E 42 -37.54 -37.45 10.68
C ILE E 42 -38.00 -38.18 11.94
N ILE E 43 -38.19 -39.48 11.82
CA ILE E 43 -38.87 -40.28 12.84
C ILE E 43 -37.89 -41.03 13.73
N LYS E 44 -36.90 -41.71 13.13
CA LYS E 44 -35.93 -42.44 13.91
C LYS E 44 -34.69 -42.71 13.06
N ILE E 45 -33.53 -42.51 13.64
CA ILE E 45 -32.25 -42.65 12.97
C ILE E 45 -31.68 -44.02 13.32
N ARG E 46 -30.97 -44.63 12.38
CA ARG E 46 -30.17 -45.81 12.65
C ARG E 46 -28.90 -45.72 11.81
N LEU E 47 -27.74 -45.93 12.44
CA LEU E 47 -26.45 -45.60 11.83
C LEU E 47 -25.61 -46.86 11.69
N GLN E 48 -24.78 -46.89 10.64
CA GLN E 48 -23.90 -48.03 10.38
C GLN E 48 -22.53 -47.53 9.96
N ASP E 49 -21.51 -47.84 10.78
CA ASP E 49 -20.11 -47.48 10.52
C ASP E 49 -19.91 -45.98 10.39
N PHE E 50 -20.20 -45.26 11.48
CA PHE E 50 -19.78 -43.88 11.62
C PHE E 50 -18.73 -43.71 12.71
N VAL E 51 -18.34 -42.46 12.90
CA VAL E 51 -17.13 -42.08 13.60
C VAL E 51 -17.08 -42.66 15.01
N THR E 52 -18.21 -42.79 15.67
CA THR E 52 -18.31 -43.59 16.89
C THR E 52 -19.57 -44.43 16.90
N TYR E 53 -20.29 -44.49 15.79
CA TYR E 53 -21.51 -45.28 15.66
C TYR E 53 -21.24 -46.36 14.62
N THR E 54 -20.96 -47.58 15.09
CA THR E 54 -20.84 -48.71 14.19
C THR E 54 -22.20 -49.31 13.87
N LEU E 55 -23.07 -49.44 14.87
CA LEU E 55 -24.46 -49.83 14.64
C LEU E 55 -25.28 -49.34 15.83
N THR E 56 -25.97 -48.22 15.66
CA THR E 56 -26.81 -47.68 16.73
C THR E 56 -27.99 -46.95 16.10
N GLU E 57 -29.14 -47.06 16.75
CA GLU E 57 -30.41 -46.61 16.17
C GLU E 57 -31.13 -45.69 17.14
N PHE E 58 -31.33 -44.44 16.70
CA PHE E 58 -32.10 -43.48 17.47
C PHE E 58 -33.60 -43.76 17.31
N ASN E 59 -34.40 -43.15 18.18
CA ASN E 59 -35.86 -43.25 18.13
C ASN E 59 -36.43 -41.90 18.53
N LEU E 60 -36.70 -41.06 17.55
CA LEU E 60 -36.98 -39.65 17.79
C LEU E 60 -38.42 -39.45 18.25
N SER E 61 -38.81 -38.19 18.36
CA SER E 61 -40.13 -37.75 18.83
C SER E 61 -40.62 -36.66 17.89
N PRO E 62 -41.93 -36.45 17.80
CA PRO E 62 -42.42 -35.43 16.87
C PRO E 62 -42.14 -34.01 17.29
N SER E 63 -42.02 -33.73 18.59
CA SER E 63 -42.02 -32.35 19.07
C SER E 63 -40.63 -31.84 19.43
N LEU E 64 -39.96 -32.48 20.38
CA LEU E 64 -38.69 -31.98 20.88
C LEU E 64 -37.84 -33.14 21.36
N ASN E 65 -36.64 -33.27 20.83
CA ASN E 65 -35.72 -34.35 21.21
C ASN E 65 -34.41 -33.72 21.70
N MET E 66 -34.37 -33.42 22.99
CA MET E 66 -33.19 -32.82 23.63
C MET E 66 -32.09 -33.86 23.70
N ILE E 67 -31.17 -33.81 22.74
CA ILE E 67 -30.00 -34.67 22.75
C ILE E 67 -29.07 -34.18 23.85
N ILE E 68 -28.58 -35.10 24.68
CA ILE E 68 -27.68 -34.77 25.77
C ILE E 68 -26.71 -35.91 26.05
N GLY E 69 -25.68 -35.62 26.84
CA GLY E 69 -24.69 -36.63 27.18
C GLY E 69 -23.37 -36.02 27.61
N PRO E 70 -22.37 -36.88 27.90
CA PRO E 70 -21.04 -36.42 28.32
C PRO E 70 -20.19 -35.99 27.13
N ASN E 71 -19.10 -35.28 27.42
CA ASN E 71 -18.21 -34.80 26.37
C ASN E 71 -17.64 -35.93 25.50
N GLY E 72 -17.63 -35.70 24.19
CA GLY E 72 -17.11 -36.68 23.25
C GLY E 72 -17.71 -38.07 23.44
N SER E 73 -19.03 -38.13 23.57
CA SER E 73 -19.72 -39.40 23.75
C SER E 73 -20.45 -39.81 22.47
N GLY E 74 -20.14 -39.14 21.37
CA GLY E 74 -20.76 -39.43 20.10
C GLY E 74 -22.26 -39.16 20.09
N LYS E 75 -22.65 -38.04 20.68
CA LYS E 75 -24.05 -37.66 20.74
C LYS E 75 -24.36 -36.49 19.81
N SER E 76 -23.30 -35.77 19.42
CA SER E 76 -23.45 -34.63 18.52
C SER E 76 -23.06 -35.02 17.11
N THR E 77 -23.07 -36.32 16.83
CA THR E 77 -22.72 -36.84 15.51
C THR E 77 -23.97 -37.14 14.70
N PHE E 78 -25.11 -37.18 15.37
CA PHE E 78 -26.38 -37.45 14.70
C PHE E 78 -26.74 -36.30 13.76
N VAL E 79 -26.09 -35.16 13.96
CA VAL E 79 -26.32 -33.98 13.13
C VAL E 79 -25.51 -34.08 11.85
N CYS E 80 -24.25 -34.47 11.96
CA CYS E 80 -23.48 -34.82 10.77
C CYS E 80 -24.17 -35.89 9.95
N ALA E 81 -24.87 -36.81 10.63
CA ALA E 81 -25.55 -37.89 9.93
C ALA E 81 -26.75 -37.39 9.15
N VAL E 82 -27.53 -36.48 9.72
CA VAL E 82 -28.67 -35.97 8.95
C VAL E 82 -28.18 -35.11 7.79
N CYS E 83 -27.11 -34.35 8.01
CA CYS E 83 -26.58 -33.52 6.92
C CYS E 83 -25.97 -34.37 5.82
N LEU E 84 -25.50 -35.58 6.13
CA LEU E 84 -24.96 -36.42 5.08
C LEU E 84 -25.97 -37.42 4.52
N GLY E 85 -27.06 -37.67 5.23
CA GLY E 85 -28.06 -38.63 4.80
C GLY E 85 -29.25 -37.98 4.12
N LEU E 86 -29.31 -36.65 4.14
CA LEU E 86 -30.19 -35.92 3.25
C LEU E 86 -29.45 -35.40 2.02
N ALA E 87 -28.46 -36.16 1.54
CA ALA E 87 -27.69 -35.88 0.33
C ALA E 87 -26.97 -34.54 0.38
N GLY E 88 -26.69 -34.06 1.59
CA GLY E 88 -26.03 -32.79 1.77
C GLY E 88 -24.54 -32.80 1.51
N LYS E 89 -23.94 -31.61 1.58
CA LYS E 89 -22.51 -31.47 1.36
C LYS E 89 -21.77 -31.67 2.67
N PRO E 90 -20.44 -31.69 2.62
CA PRO E 90 -19.61 -31.88 3.82
C PRO E 90 -19.25 -30.57 4.51
N GLU E 91 -19.09 -29.50 3.75
CA GLU E 91 -18.70 -28.21 4.31
C GLU E 91 -19.81 -27.57 5.13
N TYR E 92 -21.04 -28.08 5.04
CA TYR E 92 -22.14 -27.47 5.79
C TYR E 92 -22.08 -27.77 7.27
N ILE E 93 -21.12 -28.58 7.71
CA ILE E 93 -21.00 -28.93 9.13
C ILE E 93 -19.78 -28.29 9.76
N GLY E 94 -18.62 -28.49 9.15
CA GLY E 94 -17.38 -27.92 9.65
C GLY E 94 -16.57 -28.94 10.44
N ARG E 95 -17.18 -30.08 10.72
CA ARG E 95 -16.51 -31.14 11.47
C ARG E 95 -15.33 -31.70 10.68
N SER E 96 -15.50 -31.81 9.37
CA SER E 96 -14.45 -32.32 8.50
C SER E 96 -14.23 -31.40 7.30
N LYS E 97 -13.50 -31.89 6.30
CA LYS E 97 -13.23 -31.11 5.11
C LYS E 97 -13.43 -31.99 3.87
N LYS E 98 -13.16 -33.28 4.02
CA LYS E 98 -13.30 -34.24 2.94
C LYS E 98 -14.48 -35.16 3.24
N VAL E 99 -14.98 -35.84 2.21
CA VAL E 99 -16.27 -36.49 2.32
C VAL E 99 -16.19 -37.84 3.03
N GLU E 100 -15.11 -38.60 2.86
CA GLU E 100 -15.02 -39.92 3.46
C GLU E 100 -14.43 -39.91 4.86
N ASP E 101 -14.18 -38.74 5.44
CA ASP E 101 -13.57 -38.67 6.75
C ASP E 101 -14.47 -39.16 7.86
N PHE E 102 -15.74 -39.44 7.56
CA PHE E 102 -16.68 -39.92 8.55
C PHE E 102 -16.75 -41.43 8.62
N ILE E 103 -16.21 -42.12 7.61
CA ILE E 103 -16.06 -43.58 7.62
C ILE E 103 -15.17 -43.95 8.79
N LYS E 104 -15.71 -44.69 9.75
CA LYS E 104 -14.96 -45.09 10.94
C LYS E 104 -13.68 -45.80 10.55
N ASN E 105 -12.55 -45.15 10.80
CA ASN E 105 -11.26 -45.65 10.35
C ASN E 105 -10.97 -47.00 10.98
N GLY E 106 -10.87 -48.02 10.13
CA GLY E 106 -10.97 -49.41 10.54
C GLY E 106 -12.09 -50.16 9.86
N GLN E 107 -12.92 -49.44 9.10
CA GLN E 107 -14.02 -50.04 8.37
C GLN E 107 -13.78 -49.87 6.88
N ASP E 108 -14.77 -50.25 6.07
CA ASP E 108 -14.65 -50.14 4.62
C ASP E 108 -15.73 -49.24 4.03
N VAL E 109 -16.98 -49.49 4.43
CA VAL E 109 -18.10 -48.71 3.94
C VAL E 109 -19.00 -48.25 5.08
N SER E 110 -19.61 -47.08 4.91
CA SER E 110 -20.49 -46.52 5.93
C SER E 110 -21.92 -46.44 5.41
N LYS E 111 -22.88 -46.86 6.25
CA LYS E 111 -24.29 -46.83 5.88
C LYS E 111 -25.08 -45.90 6.78
N ILE E 112 -25.78 -44.95 6.16
CA ILE E 112 -26.59 -43.98 6.89
C ILE E 112 -28.07 -44.17 6.58
N GLU E 113 -28.76 -44.90 7.45
CA GLU E 113 -30.19 -45.15 7.27
C GLU E 113 -31.05 -44.23 8.12
N ILE E 114 -31.87 -43.41 7.46
CA ILE E 114 -32.74 -42.47 8.16
C ILE E 114 -34.13 -42.47 7.52
N THR E 115 -35.16 -42.35 8.36
CA THR E 115 -36.54 -42.35 7.88
C THR E 115 -37.18 -40.97 8.03
N LEU E 116 -37.94 -40.57 7.00
CA LEU E 116 -38.61 -39.27 7.01
C LEU E 116 -40.05 -39.41 6.52
N LYS E 117 -40.98 -38.79 7.24
CA LYS E 117 -42.39 -38.85 6.87
C LYS E 117 -42.63 -38.34 5.46
N ASN E 118 -43.52 -39.01 4.73
CA ASN E 118 -43.84 -38.64 3.36
C ASN E 118 -44.74 -37.40 3.30
N SER E 119 -44.60 -36.62 2.23
CA SER E 119 -45.39 -35.41 2.05
C SER E 119 -46.43 -35.59 0.95
N PRO E 120 -47.59 -34.93 1.10
CA PRO E 120 -48.68 -34.99 0.13
C PRO E 120 -48.50 -34.01 -1.02
N ASN E 121 -47.48 -33.16 -0.93
CA ASN E 121 -47.21 -32.17 -1.97
C ASN E 121 -46.00 -32.54 -2.82
N VAL E 122 -45.17 -33.42 -2.30
CA VAL E 122 -43.97 -33.85 -3.02
C VAL E 122 -44.27 -35.00 -3.97
N THR E 123 -44.07 -34.76 -5.27
CA THR E 123 -44.31 -35.77 -6.29
C THR E 123 -43.17 -35.77 -7.32
N ASP E 124 -43.48 -36.25 -8.52
CA ASP E 124 -42.51 -36.32 -9.61
C ASP E 124 -41.20 -36.97 -9.19
N ILE E 125 -41.31 -38.15 -8.60
CA ILE E 125 -40.12 -38.89 -8.16
C ILE E 125 -40.13 -40.31 -8.70
N GLU E 126 -38.97 -40.76 -9.16
CA GLU E 126 -38.84 -42.11 -9.72
C GLU E 126 -38.74 -43.18 -8.64
N TYR E 127 -39.17 -44.40 -8.99
CA TYR E 127 -39.14 -45.56 -8.09
C TYR E 127 -39.83 -45.33 -6.73
N ILE E 128 -40.95 -44.62 -6.75
CA ILE E 128 -41.72 -44.33 -5.54
C ILE E 128 -43.10 -43.79 -5.90
N ASP E 129 -44.12 -44.27 -5.20
CA ASP E 129 -45.49 -43.82 -5.45
C ASP E 129 -45.86 -42.70 -4.48
N ALA E 130 -47.15 -42.35 -4.46
CA ALA E 130 -47.63 -41.29 -3.58
C ALA E 130 -48.58 -41.84 -2.52
N ARG E 131 -48.46 -43.13 -2.23
CA ARG E 131 -49.31 -43.77 -1.24
C ARG E 131 -48.54 -44.03 0.06
N ASP E 132 -47.29 -44.48 -0.07
CA ASP E 132 -46.47 -44.76 1.09
C ASP E 132 -46.39 -43.55 2.01
N GLU E 133 -46.60 -43.78 3.30
CA GLU E 133 -46.56 -42.71 4.29
C GLU E 133 -45.21 -42.64 5.01
N THR E 134 -44.20 -43.24 4.40
CA THR E 134 -42.85 -43.24 4.98
C THR E 134 -41.78 -43.55 3.95
N ILE E 135 -40.87 -42.61 3.75
CA ILE E 135 -39.78 -42.78 2.80
C ILE E 135 -38.44 -42.85 3.54
N LYS E 136 -37.54 -43.69 3.06
CA LYS E 136 -36.24 -43.85 3.71
C LYS E 136 -35.08 -43.58 2.75
N ILE E 137 -34.34 -42.51 3.00
CA ILE E 137 -33.20 -42.15 2.18
C ILE E 137 -31.91 -42.63 2.83
N THR E 138 -31.14 -43.44 2.11
CA THR E 138 -29.89 -43.98 2.64
C THR E 138 -28.75 -43.84 1.65
N ARG E 139 -27.64 -43.28 2.10
CA ARG E 139 -26.46 -43.10 1.25
C ARG E 139 -25.30 -43.93 1.78
N ILE E 140 -24.75 -44.80 0.94
CA ILE E 140 -23.63 -45.67 1.37
C ILE E 140 -22.28 -45.23 0.81
N ILE E 141 -21.53 -44.49 1.61
CA ILE E 141 -20.24 -43.93 1.20
C ILE E 141 -19.14 -44.99 1.24
N THR E 142 -18.40 -45.11 0.14
CA THR E 142 -17.32 -46.08 0.05
C THR E 142 -15.98 -45.43 0.38
N ARG E 143 -14.89 -46.16 0.11
CA ARG E 143 -13.56 -45.66 0.40
C ARG E 143 -13.08 -44.68 -0.67
N SER E 144 -12.64 -45.22 -1.80
CA SER E 144 -12.15 -44.40 -2.91
C SER E 144 -13.22 -43.77 -3.79
N LYS E 145 -14.46 -43.73 -3.32
CA LYS E 145 -15.54 -43.13 -4.10
C LYS E 145 -16.49 -42.33 -3.22
N ARG E 146 -16.14 -41.08 -2.97
CA ARG E 146 -16.94 -40.19 -2.14
C ARG E 146 -18.38 -40.11 -2.67
N ARG E 147 -18.52 -39.76 -3.94
CA ARG E 147 -19.83 -39.64 -4.56
C ARG E 147 -20.35 -41.00 -5.00
N SER E 148 -20.86 -41.78 -4.05
CA SER E 148 -21.40 -43.10 -4.33
C SER E 148 -22.89 -43.03 -4.65
N ASP E 149 -23.53 -44.19 -4.72
CA ASP E 149 -24.95 -44.27 -5.02
C ASP E 149 -25.79 -44.07 -3.75
N TYR E 150 -27.09 -43.82 -3.94
CA TYR E 150 -27.99 -43.61 -2.81
C TYR E 150 -28.95 -44.79 -2.66
N LEU E 151 -29.91 -44.65 -1.76
CA LEU E 151 -30.89 -45.70 -1.52
C LEU E 151 -32.23 -45.14 -1.07
N ILE E 152 -33.21 -45.18 -1.98
CA ILE E 152 -34.55 -44.69 -1.71
C ILE E 152 -35.48 -45.90 -1.72
N ASN E 153 -35.96 -46.29 -0.54
CA ASN E 153 -36.86 -47.43 -0.37
C ASN E 153 -36.28 -48.68 -1.02
N ASP E 154 -34.98 -48.90 -0.78
CA ASP E 154 -34.26 -50.08 -1.27
C ASP E 154 -34.24 -50.12 -2.80
N TYR E 155 -34.12 -48.96 -3.43
CA TYR E 155 -34.05 -48.85 -4.87
C TYR E 155 -32.83 -48.02 -5.28
N GLN E 156 -32.20 -48.39 -6.39
CA GLN E 156 -31.00 -47.70 -6.86
C GLN E 156 -31.37 -46.32 -7.41
N VAL E 157 -30.80 -45.27 -6.82
CA VAL E 157 -31.06 -43.89 -7.22
C VAL E 157 -29.71 -43.17 -7.40
N SER E 158 -29.65 -42.29 -8.38
CA SER E 158 -28.45 -41.51 -8.65
C SER E 158 -28.37 -40.34 -7.67
N GLU E 159 -27.44 -39.41 -7.91
CA GLU E 159 -27.21 -38.32 -6.96
C GLU E 159 -28.13 -37.13 -7.21
N SER E 160 -28.27 -36.71 -8.47
CA SER E 160 -29.09 -35.55 -8.77
C SER E 160 -30.55 -35.79 -8.43
N VAL E 161 -31.01 -37.03 -8.62
CA VAL E 161 -32.41 -37.36 -8.36
C VAL E 161 -32.74 -37.19 -6.89
N VAL E 162 -31.91 -37.76 -6.02
CA VAL E 162 -32.16 -37.64 -4.59
C VAL E 162 -31.92 -36.22 -4.10
N LYS E 163 -31.01 -35.49 -4.74
CA LYS E 163 -30.81 -34.09 -4.37
C LYS E 163 -32.06 -33.27 -4.67
N THR E 164 -32.64 -33.45 -5.87
CA THR E 164 -33.88 -32.74 -6.17
C THR E 164 -35.04 -33.21 -5.30
N LEU E 165 -35.05 -34.49 -4.91
CA LEU E 165 -36.11 -34.97 -4.03
C LEU E 165 -36.02 -34.31 -2.65
N VAL E 166 -34.82 -34.28 -2.09
CA VAL E 166 -34.65 -33.67 -0.77
C VAL E 166 -34.89 -32.16 -0.84
N ALA E 167 -34.62 -31.55 -2.00
CA ALA E 167 -35.01 -30.16 -2.20
C ALA E 167 -36.53 -30.01 -2.21
N GLN E 168 -37.22 -30.91 -2.89
CA GLN E 168 -38.68 -30.85 -2.98
C GLN E 168 -39.35 -31.19 -1.66
N LEU E 169 -38.64 -31.80 -0.72
CA LEU E 169 -39.18 -32.00 0.61
C LEU E 169 -39.17 -30.74 1.46
N ASN E 170 -39.02 -29.57 0.84
CA ASN E 170 -38.97 -28.25 1.52
C ASN E 170 -38.05 -28.28 2.73
N ILE E 171 -36.90 -28.93 2.59
CA ILE E 171 -35.87 -28.94 3.61
C ILE E 171 -34.54 -28.54 2.97
N GLN E 172 -34.05 -27.37 3.35
CA GLN E 172 -32.73 -26.90 2.95
C GLN E 172 -31.83 -26.88 4.17
N LEU E 173 -30.53 -27.12 3.94
CA LEU E 173 -29.57 -27.20 5.02
C LEU E 173 -28.59 -26.04 5.05
N ASP E 174 -28.58 -25.20 4.01
CA ASP E 174 -27.70 -24.04 4.00
C ASP E 174 -28.30 -22.85 4.73
N ASN E 175 -29.59 -22.88 5.02
CA ASN E 175 -30.24 -21.77 5.70
C ASN E 175 -29.75 -21.72 7.14
N LEU E 176 -28.78 -20.84 7.41
CA LEU E 176 -28.21 -20.70 8.74
C LEU E 176 -29.23 -20.35 9.81
N CYS E 177 -30.45 -20.00 9.44
CA CYS E 177 -31.53 -19.83 10.40
C CYS E 177 -32.29 -21.13 10.63
N GLN E 178 -31.85 -22.24 10.04
CA GLN E 178 -32.53 -23.50 10.30
C GLN E 178 -31.59 -24.64 10.68
N PHE E 179 -30.42 -24.74 10.06
CA PHE E 179 -29.52 -25.87 10.27
C PHE E 179 -28.10 -25.38 10.55
N LEU E 180 -27.74 -25.33 11.83
CA LEU E 180 -26.42 -24.88 12.23
C LEU E 180 -25.71 -25.96 13.03
N SER E 181 -24.49 -26.28 12.61
CA SER E 181 -23.69 -27.30 13.27
C SER E 181 -22.92 -26.73 14.46
N GLN E 182 -22.15 -27.57 15.12
CA GLN E 182 -21.37 -27.15 16.29
C GLN E 182 -20.25 -26.16 15.93
N GLU E 183 -19.71 -26.30 14.72
CA GLU E 183 -18.64 -25.41 14.28
C GLU E 183 -19.14 -24.24 13.44
N ARG E 184 -20.37 -23.81 13.69
CA ARG E 184 -20.95 -22.69 12.96
C ARG E 184 -22.11 -22.04 13.71
N VAL E 185 -22.15 -22.23 15.02
CA VAL E 185 -23.21 -21.66 15.84
C VAL E 185 -23.15 -20.15 15.79
N GLU E 186 -21.97 -19.58 16.04
CA GLU E 186 -21.75 -18.15 15.94
C GLU E 186 -21.00 -17.79 14.66
N GLU E 187 -21.29 -18.51 13.58
CA GLU E 187 -21.08 -18.00 12.25
C GLU E 187 -22.32 -17.27 11.75
N PHE E 188 -23.37 -17.21 12.57
CA PHE E 188 -24.56 -16.44 12.23
C PHE E 188 -24.26 -14.96 12.15
N ALA E 189 -23.76 -14.38 13.24
CA ALA E 189 -23.53 -12.95 13.30
C ALA E 189 -22.52 -12.47 12.28
N ARG E 190 -21.67 -13.35 11.75
CA ARG E 190 -20.71 -13.00 10.72
C ARG E 190 -21.31 -13.01 9.32
N LEU E 191 -22.63 -12.94 9.21
CA LEU E 191 -23.32 -12.98 7.93
C LEU E 191 -23.59 -11.52 7.63
N LYS E 192 -23.13 -11.07 6.46
CA LYS E 192 -23.44 -9.69 6.06
C LYS E 192 -24.92 -9.59 5.77
N SER E 193 -25.51 -8.46 6.17
CA SER E 193 -26.94 -8.17 6.07
C SER E 193 -27.65 -8.61 4.79
N VAL E 194 -27.11 -8.21 3.64
CA VAL E 194 -27.69 -8.54 2.34
C VAL E 194 -27.95 -10.04 2.25
N LYS E 195 -26.92 -10.83 2.58
CA LYS E 195 -27.10 -12.28 2.60
C LYS E 195 -28.09 -12.70 3.67
N LEU E 196 -28.21 -11.92 4.75
CA LEU E 196 -29.22 -12.25 5.75
C LEU E 196 -30.61 -12.14 5.17
N LEU E 197 -30.87 -11.06 4.42
CA LEU E 197 -32.17 -10.92 3.76
C LEU E 197 -32.41 -12.03 2.76
N VAL E 198 -31.39 -12.37 1.97
CA VAL E 198 -31.58 -13.42 0.96
C VAL E 198 -31.92 -14.74 1.62
N GLU E 199 -31.16 -15.12 2.65
CA GLU E 199 -31.39 -16.41 3.29
C GLU E 199 -32.51 -16.38 4.33
N THR E 200 -33.13 -15.23 4.58
CA THR E 200 -34.33 -15.20 5.41
C THR E 200 -35.61 -15.02 4.61
N ILE E 201 -35.51 -14.62 3.33
CA ILE E 201 -36.69 -14.57 2.48
C ILE E 201 -36.71 -15.72 1.48
N ARG E 202 -35.60 -16.46 1.34
CA ARG E 202 -35.63 -17.70 0.58
C ARG E 202 -36.23 -18.81 1.42
N SER E 203 -36.82 -18.45 2.55
CA SER E 203 -37.72 -19.36 3.24
C SER E 203 -39.06 -19.47 2.55
N ILE E 204 -39.44 -18.50 1.69
CA ILE E 204 -40.69 -18.66 0.93
C ILE E 204 -40.45 -18.60 -0.57
N ASP E 205 -40.28 -17.39 -1.12
CA ASP E 205 -39.88 -17.16 -2.52
C ASP E 205 -39.78 -15.67 -2.84
N ALA E 206 -38.69 -15.24 -3.48
CA ALA E 206 -38.56 -13.85 -3.91
C ALA E 206 -37.55 -13.71 -5.05
N SER E 207 -37.67 -14.52 -6.10
CA SER E 207 -36.72 -14.41 -7.22
C SER E 207 -36.96 -13.14 -8.03
N LEU E 208 -38.18 -12.60 -7.98
CA LEU E 208 -38.45 -11.34 -8.64
C LEU E 208 -37.61 -10.22 -8.07
N LEU E 209 -37.15 -10.36 -6.82
CA LEU E 209 -36.18 -9.42 -6.30
C LEU E 209 -34.86 -9.51 -7.06
N ASP E 210 -34.47 -10.71 -7.48
CA ASP E 210 -33.27 -10.85 -8.30
C ASP E 210 -33.46 -10.22 -9.68
N VAL E 211 -34.60 -10.50 -10.31
CA VAL E 211 -34.82 -9.89 -11.62
C VAL E 211 -34.98 -8.37 -11.48
N LEU E 212 -35.44 -7.90 -10.33
CA LEU E 212 -35.55 -6.47 -10.08
C LEU E 212 -34.18 -5.84 -9.94
N ASP E 213 -33.24 -6.54 -9.29
CA ASP E 213 -31.87 -6.04 -9.24
C ASP E 213 -31.25 -5.97 -10.62
N GLU E 214 -31.56 -6.97 -11.47
CA GLU E 214 -31.06 -6.92 -12.85
C GLU E 214 -31.64 -5.72 -13.59
N LEU E 215 -32.93 -5.45 -13.40
CA LEU E 215 -33.54 -4.26 -14.01
C LEU E 215 -32.88 -3.00 -13.51
N ARG E 216 -32.56 -2.94 -12.22
CA ARG E 216 -31.94 -1.74 -11.67
C ARG E 216 -30.57 -1.51 -12.29
N GLU E 217 -29.77 -2.58 -12.44
CA GLU E 217 -28.44 -2.36 -13.00
C GLU E 217 -28.52 -1.98 -14.48
N LEU E 218 -29.51 -2.52 -15.20
CA LEU E 218 -29.71 -2.09 -16.58
C LEU E 218 -30.04 -0.60 -16.64
N GLN E 219 -30.92 -0.14 -15.76
CA GLN E 219 -31.23 1.29 -15.69
C GLN E 219 -29.99 2.11 -15.33
N GLY E 220 -29.18 1.61 -14.40
CA GLY E 220 -28.01 2.34 -13.97
C GLY E 220 -26.98 2.51 -15.08
N ASN E 221 -26.79 1.48 -15.90
CA ASN E 221 -25.88 1.62 -17.04
C ASN E 221 -26.49 2.51 -18.12
N GLU E 222 -27.80 2.41 -18.32
CA GLU E 222 -28.45 3.24 -19.33
C GLU E 222 -28.35 4.72 -19.01
N GLN E 223 -28.40 5.06 -17.72
CA GLN E 223 -28.28 6.46 -17.31
C GLN E 223 -26.94 7.04 -17.73
N SER E 224 -25.86 6.32 -17.44
CA SER E 224 -24.52 6.82 -17.79
C SER E 224 -24.33 6.85 -19.30
N LEU E 225 -24.89 5.88 -20.01
CA LEU E 225 -24.85 5.94 -21.47
C LEU E 225 -25.56 7.19 -21.99
N GLN E 226 -26.69 7.53 -21.39
CA GLN E 226 -27.42 8.74 -21.79
C GLN E 226 -26.60 9.99 -21.52
N LYS E 227 -25.90 10.05 -20.38
CA LYS E 227 -25.06 11.20 -20.11
C LYS E 227 -23.91 11.30 -21.09
N ASP E 228 -23.34 10.16 -21.49
CA ASP E 228 -22.29 10.18 -22.50
C ASP E 228 -22.84 10.68 -23.84
N LEU E 229 -24.09 10.36 -24.16
CA LEU E 229 -24.70 10.91 -25.37
C LEU E 229 -24.91 12.42 -25.24
N ASP E 230 -25.28 12.89 -24.04
CA ASP E 230 -25.40 14.32 -23.81
C ASP E 230 -24.05 15.04 -23.96
N PHE E 231 -22.95 14.32 -23.76
CA PHE E 231 -21.65 14.90 -24.10
C PHE E 231 -21.34 14.81 -25.59
N LYS E 232 -21.83 13.76 -26.25
CA LYS E 232 -21.73 13.70 -27.70
C LYS E 232 -22.41 14.88 -28.37
N LYS E 233 -23.42 15.46 -27.71
CA LYS E 233 -23.98 16.73 -28.16
C LYS E 233 -22.91 17.82 -28.29
N ALA E 234 -22.10 18.01 -27.24
CA ALA E 234 -21.02 18.98 -27.31
C ALA E 234 -19.98 18.59 -28.35
N LYS E 235 -19.78 17.29 -28.57
CA LYS E 235 -18.94 16.87 -29.68
C LYS E 235 -19.47 17.40 -31.01
N ILE E 236 -20.79 17.34 -31.21
CA ILE E 236 -21.38 17.86 -32.44
C ILE E 236 -21.19 19.36 -32.54
N VAL E 237 -21.30 20.08 -31.42
CA VAL E 237 -21.09 21.52 -31.43
C VAL E 237 -19.65 21.85 -31.87
N HIS E 238 -18.68 21.14 -31.29
CA HIS E 238 -17.28 21.32 -31.68
C HIS E 238 -17.08 21.00 -33.15
N LEU E 239 -17.80 20.00 -33.67
CA LEU E 239 -17.67 19.67 -35.09
C LEU E 239 -18.19 20.79 -35.97
N ARG E 240 -19.26 21.47 -35.55
CA ARG E 240 -19.75 22.61 -36.32
C ARG E 240 -18.76 23.78 -36.29
N GLN E 241 -18.13 24.01 -35.13
CA GLN E 241 -17.07 25.02 -35.07
C GLN E 241 -15.91 24.67 -36.01
N GLU E 242 -15.55 23.39 -36.05
CA GLU E 242 -14.50 22.98 -36.97
C GLU E 242 -14.93 23.16 -38.42
N SER E 243 -16.24 23.05 -38.68
CA SER E 243 -16.74 23.35 -40.02
C SER E 243 -16.57 24.82 -40.36
N ASP E 244 -16.77 25.70 -39.37
CA ASP E 244 -16.44 27.11 -39.57
C ASP E 244 -14.97 27.29 -39.96
N LYS E 245 -14.07 26.60 -39.24
CA LYS E 245 -12.66 26.64 -39.63
C LYS E 245 -12.45 26.06 -41.03
N LEU E 246 -13.27 25.07 -41.42
CA LEU E 246 -13.19 24.53 -42.77
C LEU E 246 -13.53 25.58 -43.80
N ARG E 247 -14.60 26.35 -43.56
CA ARG E 247 -14.98 27.42 -44.48
C ARG E 247 -13.88 28.47 -44.57
N LYS E 248 -13.25 28.79 -43.44
CA LYS E 248 -12.10 29.68 -43.47
C LYS E 248 -10.98 29.11 -44.32
N SER E 249 -10.76 27.80 -44.24
CA SER E 249 -9.73 27.16 -45.05
C SER E 249 -10.09 27.22 -46.53
N VAL E 250 -11.38 27.11 -46.85
CA VAL E 250 -11.79 27.22 -48.24
C VAL E 250 -11.58 28.64 -48.76
N GLU E 251 -11.83 29.66 -47.93
CA GLU E 251 -11.57 31.02 -48.38
C GLU E 251 -10.06 31.25 -48.55
N SER E 252 -9.25 30.62 -47.70
CA SER E 252 -7.80 30.70 -47.88
C SER E 252 -7.37 30.03 -49.19
N LEU E 253 -7.92 28.85 -49.47
CA LEU E 253 -7.71 28.22 -50.77
C LEU E 253 -8.17 29.12 -51.90
N ARG E 254 -9.21 29.91 -51.69
CA ARG E 254 -9.66 30.84 -52.73
C ARG E 254 -8.63 31.95 -52.96
N ASP E 255 -8.05 32.47 -51.89
CA ASP E 255 -6.93 33.40 -52.03
C ASP E 255 -5.81 32.78 -52.86
N PHE E 256 -5.46 31.53 -52.57
CA PHE E 256 -4.42 30.90 -53.36
C PHE E 256 -4.86 30.63 -54.79
N GLN E 257 -6.17 30.39 -54.99
CA GLN E 257 -6.70 30.24 -56.34
C GLN E 257 -6.48 31.50 -57.15
N ASN E 258 -6.77 32.65 -56.56
CA ASN E 258 -6.48 33.93 -57.21
C ASN E 258 -4.99 34.06 -57.48
N LYS E 259 -4.16 33.70 -56.49
CA LYS E 259 -2.72 33.82 -56.64
C LYS E 259 -2.19 32.98 -57.79
N LYS E 260 -2.75 31.78 -57.97
CA LYS E 260 -2.29 30.90 -59.05
C LYS E 260 -2.87 31.32 -60.38
N GLY E 261 -4.14 31.75 -60.40
CA GLY E 261 -4.75 32.17 -61.65
C GLY E 261 -4.13 33.43 -62.22
N GLU E 262 -3.75 34.37 -61.36
CA GLU E 262 -3.12 35.60 -61.80
C GLU E 262 -1.66 35.58 -61.34
N ILE E 263 -0.82 34.91 -62.13
CA ILE E 263 0.62 35.07 -62.06
C ILE E 263 1.12 35.10 -63.50
N GLU E 264 1.28 36.30 -64.05
CA GLU E 264 1.75 36.49 -65.42
C GLU E 264 2.53 37.82 -65.45
N LEU E 265 3.83 37.74 -65.21
CA LEU E 265 4.67 38.94 -65.16
C LEU E 265 5.14 39.35 -66.54
N HIS E 266 4.20 39.53 -67.47
CA HIS E 266 4.54 39.88 -68.83
C HIS E 266 3.36 40.61 -69.47
N GLN E 867 0.81 47.94 -65.27
CA GLN E 867 1.32 47.81 -63.91
C GLN E 867 0.21 47.46 -62.92
N ASP E 868 -1.04 47.57 -63.38
CA ASP E 868 -2.19 47.26 -62.55
C ASP E 868 -2.14 45.82 -62.04
N VAL E 869 -1.79 44.89 -62.94
CA VAL E 869 -1.70 43.49 -62.58
C VAL E 869 -0.71 43.27 -61.44
N LEU E 870 0.45 43.91 -61.54
CA LEU E 870 1.48 43.78 -60.52
C LEU E 870 0.98 44.24 -59.15
N ASP E 871 0.25 45.35 -59.15
CA ASP E 871 -0.30 45.90 -57.91
C ASP E 871 -1.28 44.93 -57.26
N LYS E 872 -2.09 44.28 -58.09
CA LYS E 872 -3.08 43.32 -57.61
C LYS E 872 -2.42 42.11 -56.95
N LEU E 873 -1.28 41.69 -57.52
CA LEU E 873 -0.55 40.55 -57.00
C LEU E 873 0.01 40.81 -55.60
N GLU E 874 0.42 42.06 -55.35
CA GLU E 874 0.98 42.44 -54.06
C GLU E 874 -0.11 42.62 -53.00
N SER E 875 -1.35 42.82 -53.44
CA SER E 875 -2.47 43.00 -52.53
C SER E 875 -3.15 41.68 -52.19
N GLU E 876 -2.63 40.59 -52.75
CA GLU E 876 -3.19 39.26 -52.50
C GLU E 876 -2.23 38.38 -51.72
N ILE E 877 -0.94 38.71 -51.79
CA ILE E 877 0.09 37.95 -51.10
C ILE E 877 -0.02 38.02 -49.58
N ALA E 878 -0.04 39.24 -49.06
CA ALA E 878 -0.12 39.45 -47.62
C ALA E 878 -1.53 39.24 -47.06
N MET E 879 -2.52 39.31 -47.95
CA MET E 879 -3.91 39.12 -47.55
C MET E 879 -4.16 37.70 -47.06
N VAL E 880 -3.51 36.74 -47.71
CA VAL E 880 -3.67 35.34 -47.37
C VAL E 880 -2.81 34.95 -46.17
N ASN E 881 -3.46 34.62 -45.06
CA ASN E 881 -2.75 34.24 -43.85
C ASN E 881 -1.82 33.06 -44.09
N HIS E 882 -0.54 33.24 -43.78
CA HIS E 882 0.45 32.19 -43.97
C HIS E 882 0.63 31.35 -42.71
N ASP E 883 -0.46 30.77 -42.23
CA ASP E 883 -0.44 29.94 -41.03
C ASP E 883 -1.68 29.06 -40.96
N GLU E 884 -2.46 29.05 -42.04
CA GLU E 884 -3.67 28.24 -42.10
C GLU E 884 -3.37 26.76 -41.97
N SER E 885 -3.86 26.15 -40.89
CA SER E 885 -3.65 24.73 -40.65
C SER E 885 -4.92 23.93 -40.94
N ALA E 886 -5.39 24.02 -42.18
CA ALA E 886 -6.60 23.32 -42.58
C ALA E 886 -6.27 21.96 -43.21
N VAL E 887 -4.97 21.68 -43.33
CA VAL E 887 -4.54 20.41 -43.92
C VAL E 887 -5.15 19.23 -43.19
N THR E 888 -5.07 19.26 -41.86
CA THR E 888 -5.63 18.19 -41.03
C THR E 888 -6.95 18.64 -40.41
N ILE E 889 -7.67 19.50 -41.11
CA ILE E 889 -8.95 20.01 -40.63
C ILE E 889 -10.00 20.00 -41.73
N LEU E 890 -9.56 20.16 -42.97
CA LEU E 890 -10.47 20.17 -44.11
C LEU E 890 -11.32 18.92 -44.14
N ASP E 891 -10.68 17.76 -44.28
CA ASP E 891 -11.38 16.48 -44.29
C ASP E 891 -11.19 15.78 -42.96
N GLN E 892 -11.12 16.57 -41.89
CA GLN E 892 -10.93 16.05 -40.54
C GLN E 892 -12.17 15.32 -40.03
N VAL E 893 -13.35 15.89 -40.26
CA VAL E 893 -14.58 15.28 -39.79
C VAL E 893 -15.81 15.47 -40.68
N THR E 894 -16.26 14.37 -41.29
CA THR E 894 -17.45 14.37 -42.12
C THR E 894 -18.58 13.51 -41.56
N ALA E 895 -18.27 12.32 -41.01
CA ALA E 895 -19.33 11.36 -40.70
C ALA E 895 -19.09 10.66 -39.38
N GLU E 896 -18.45 11.33 -38.43
CA GLU E 896 -18.20 10.74 -37.12
C GLU E 896 -19.31 11.04 -36.12
N LEU E 897 -20.25 11.93 -36.45
CA LEU E 897 -21.32 12.33 -35.55
C LEU E 897 -22.65 11.64 -35.84
N ARG E 898 -22.87 11.19 -37.08
CA ARG E 898 -24.12 10.51 -37.39
C ARG E 898 -24.18 9.14 -36.71
N GLU E 899 -23.01 8.55 -36.44
CA GLU E 899 -22.92 7.31 -35.68
C GLU E 899 -23.11 7.54 -34.19
N LEU E 900 -22.85 8.75 -33.71
CA LEU E 900 -23.21 9.10 -32.33
C LEU E 900 -24.70 9.39 -32.22
N GLU E 901 -25.30 9.91 -33.30
CA GLU E 901 -26.72 10.21 -33.35
C GLU E 901 -27.50 9.09 -34.02
N HIS E 902 -27.09 7.84 -33.78
CA HIS E 902 -27.75 6.67 -34.35
C HIS E 902 -28.17 5.69 -33.26
N THR E 903 -28.30 6.18 -32.01
CA THR E 903 -28.63 5.29 -30.90
C THR E 903 -29.62 5.85 -29.88
N VAL E 904 -29.88 7.15 -29.86
CA VAL E 904 -30.48 7.81 -28.70
C VAL E 904 -31.95 7.50 -28.44
N PRO E 905 -32.87 7.74 -29.40
CA PRO E 905 -34.29 7.87 -29.02
C PRO E 905 -34.93 6.61 -28.44
N GLN E 906 -34.86 5.49 -29.18
CA GLN E 906 -35.46 4.27 -28.66
C GLN E 906 -34.69 3.73 -27.46
N GLN E 907 -33.43 4.12 -27.32
CA GLN E 907 -32.70 3.81 -26.09
C GLN E 907 -33.31 4.54 -24.90
N SER E 908 -33.68 5.81 -25.09
CA SER E 908 -34.38 6.53 -24.01
C SER E 908 -35.74 5.91 -23.74
N LYS E 909 -36.45 5.49 -24.79
CA LYS E 909 -37.73 4.82 -24.61
C LYS E 909 -37.55 3.51 -23.85
N ASP E 910 -36.44 2.81 -24.10
CA ASP E 910 -36.17 1.58 -23.38
C ASP E 910 -35.82 1.86 -21.93
N LEU E 911 -35.11 2.95 -21.66
CA LEU E 911 -34.92 3.37 -20.28
C LEU E 911 -36.26 3.62 -19.60
N GLU E 912 -37.20 4.24 -20.33
CA GLU E 912 -38.51 4.54 -19.74
C GLU E 912 -39.29 3.26 -19.47
N THR E 913 -39.24 2.30 -20.39
CA THR E 913 -39.96 1.05 -20.14
C THR E 913 -39.28 0.22 -19.05
N ILE E 914 -37.96 0.37 -18.89
CA ILE E 914 -37.27 -0.27 -17.78
C ILE E 914 -37.71 0.33 -16.46
N LYS E 915 -37.85 1.66 -16.41
CA LYS E 915 -38.37 2.30 -15.21
C LYS E 915 -39.81 1.88 -14.93
N ALA E 916 -40.62 1.73 -15.98
CA ALA E 916 -41.99 1.30 -15.81
C ALA E 916 -42.06 -0.11 -15.23
N LYS E 917 -41.29 -1.04 -15.81
CA LYS E 917 -41.28 -2.40 -15.30
C LYS E 917 -40.70 -2.46 -13.90
N LEU E 918 -39.72 -1.61 -13.60
CA LEU E 918 -39.16 -1.54 -12.27
C LEU E 918 -40.21 -1.09 -11.26
N LYS E 919 -41.02 -0.11 -11.63
CA LYS E 919 -42.09 0.32 -10.74
C LYS E 919 -43.17 -0.75 -10.60
N GLU E 920 -43.48 -1.45 -11.69
CA GLU E 920 -44.40 -2.57 -11.62
C GLU E 920 -43.93 -3.61 -10.60
N ASP E 921 -42.64 -3.97 -10.67
CA ASP E 921 -42.12 -4.99 -9.77
C ASP E 921 -42.02 -4.47 -8.33
N HIS E 922 -41.64 -3.20 -8.16
CA HIS E 922 -41.45 -2.65 -6.82
C HIS E 922 -42.77 -2.37 -6.11
N ALA E 923 -43.86 -2.15 -6.86
CA ALA E 923 -45.12 -1.78 -6.22
C ALA E 923 -45.69 -2.93 -5.40
N VAL E 924 -45.50 -4.17 -5.87
CA VAL E 924 -46.14 -5.31 -5.21
C VAL E 924 -45.33 -5.78 -4.01
N LEU E 925 -44.01 -5.52 -4.00
CA LEU E 925 -43.13 -6.10 -3.00
C LEU E 925 -43.42 -5.56 -1.61
N GLU E 926 -43.24 -4.24 -1.44
CA GLU E 926 -43.16 -3.59 -0.12
C GLU E 926 -44.25 -3.95 0.88
N PRO E 927 -45.55 -4.00 0.54
CA PRO E 927 -46.56 -4.21 1.60
C PRO E 927 -46.44 -5.54 2.33
N LYS E 928 -46.45 -6.67 1.61
CA LYS E 928 -46.33 -7.96 2.28
C LYS E 928 -44.95 -8.14 2.89
N LEU E 929 -43.92 -7.59 2.23
CA LEU E 929 -42.56 -7.74 2.72
C LEU E 929 -42.32 -6.96 4.01
N ASP E 930 -43.14 -5.95 4.28
CA ASP E 930 -43.08 -5.28 5.57
C ASP E 930 -44.09 -5.85 6.58
N ASP E 931 -45.18 -6.44 6.11
CA ASP E 931 -46.11 -7.08 7.05
C ASP E 931 -45.46 -8.31 7.68
N ILE E 932 -44.75 -9.11 6.87
CA ILE E 932 -43.99 -10.24 7.40
C ILE E 932 -43.03 -9.77 8.49
N VAL E 933 -42.27 -8.71 8.19
CA VAL E 933 -41.28 -8.20 9.13
C VAL E 933 -41.96 -7.63 10.38
N SER E 934 -43.18 -7.08 10.24
CA SER E 934 -43.90 -6.60 11.41
C SER E 934 -44.31 -7.75 12.32
N LYS E 935 -44.80 -8.85 11.76
CA LYS E 935 -45.09 -10.02 12.57
C LYS E 935 -43.84 -10.53 13.25
N ILE E 936 -42.73 -10.60 12.50
CA ILE E 936 -41.46 -11.04 13.07
C ILE E 936 -41.06 -10.16 14.23
N SER E 937 -41.23 -8.85 14.07
CA SER E 937 -40.85 -7.91 15.13
C SER E 937 -41.69 -8.10 16.38
N ALA E 938 -43.00 -8.28 16.21
CA ALA E 938 -43.87 -8.47 17.37
C ALA E 938 -43.49 -9.73 18.13
N ARG E 939 -43.37 -10.85 17.41
CA ARG E 939 -43.02 -12.10 18.07
C ARG E 939 -41.62 -12.02 18.69
N PHE E 940 -40.67 -11.41 17.97
CA PHE E 940 -39.29 -11.32 18.44
C PHE E 940 -39.21 -10.49 19.70
N ALA E 941 -39.93 -9.38 19.76
CA ALA E 941 -39.89 -8.54 20.96
C ALA E 941 -40.57 -9.23 22.14
N ARG E 942 -41.69 -9.92 21.89
CA ARG E 942 -42.33 -10.66 22.98
C ARG E 942 -41.42 -11.76 23.50
N LEU E 943 -40.57 -12.32 22.65
CA LEU E 943 -39.60 -13.32 23.09
C LEU E 943 -38.33 -12.71 23.67
N PHE E 944 -37.99 -11.48 23.29
CA PHE E 944 -36.73 -10.86 23.67
C PHE E 944 -36.82 -10.10 24.97
N ASN E 945 -38.01 -9.64 25.36
CA ASN E 945 -38.18 -8.93 26.62
C ASN E 945 -37.77 -9.77 27.83
N ASN E 946 -37.65 -11.09 27.69
CA ASN E 946 -37.27 -11.93 28.81
C ASN E 946 -35.78 -11.81 29.14
N VAL E 947 -34.95 -11.45 28.17
CA VAL E 947 -33.52 -11.31 28.42
C VAL E 947 -33.25 -10.13 29.34
N GLY E 948 -33.98 -9.04 29.17
CA GLY E 948 -33.88 -7.91 30.08
C GLY E 948 -34.07 -6.52 29.51
N SER E 949 -33.99 -6.37 28.19
CA SER E 949 -34.25 -5.07 27.58
C SER E 949 -34.76 -5.27 26.16
N ALA E 950 -35.37 -4.21 25.61
CA ALA E 950 -36.15 -4.33 24.39
C ALA E 950 -35.26 -4.49 23.17
N GLY E 951 -35.90 -4.55 22.01
CA GLY E 951 -35.24 -4.77 20.75
C GLY E 951 -36.21 -5.31 19.73
N ALA E 952 -35.86 -5.16 18.47
CA ALA E 952 -36.75 -5.59 17.38
C ALA E 952 -35.93 -5.65 16.10
N VAL E 953 -36.57 -6.14 15.04
CA VAL E 953 -35.96 -6.27 13.73
C VAL E 953 -36.60 -5.24 12.80
N ARG E 954 -35.77 -4.54 12.04
CA ARG E 954 -36.23 -3.51 11.11
C ARG E 954 -35.68 -3.81 9.73
N LEU E 955 -36.54 -3.70 8.72
CA LEU E 955 -36.06 -3.82 7.35
C LEU E 955 -35.48 -2.49 6.89
N GLU E 956 -34.63 -2.56 5.89
CA GLU E 956 -34.11 -1.37 5.22
C GLU E 956 -34.30 -1.55 3.73
N LYS E 957 -34.79 -0.51 3.05
CA LYS E 957 -34.83 -0.53 1.60
C LYS E 957 -34.13 0.70 1.04
N PRO E 958 -32.97 1.10 1.58
CA PRO E 958 -32.45 2.44 1.28
C PRO E 958 -31.94 2.60 -0.14
N LYS E 959 -31.03 1.73 -0.54
CA LYS E 959 -30.41 1.84 -1.85
C LYS E 959 -31.41 1.41 -2.92
N ASP E 960 -31.01 1.54 -4.17
CA ASP E 960 -31.84 1.13 -5.30
C ASP E 960 -31.81 -0.40 -5.44
N TYR E 961 -32.31 -1.06 -4.40
CA TYR E 961 -32.77 -2.45 -4.33
C TYR E 961 -31.63 -3.47 -4.38
N ALA E 962 -30.40 -3.07 -4.66
CA ALA E 962 -29.28 -4.02 -4.63
C ALA E 962 -28.68 -4.16 -3.25
N GLU E 963 -29.07 -3.31 -2.30
CA GLU E 963 -28.57 -3.38 -0.93
C GLU E 963 -29.71 -3.37 0.07
N TRP E 964 -30.88 -3.88 -0.30
CA TRP E 964 -31.91 -4.16 0.68
C TRP E 964 -31.37 -5.12 1.72
N LYS E 965 -31.52 -4.78 2.99
CA LYS E 965 -30.88 -5.56 4.02
C LYS E 965 -31.69 -5.47 5.30
N ILE E 966 -31.45 -6.45 6.19
CA ILE E 966 -32.14 -6.52 7.47
C ILE E 966 -31.10 -6.38 8.57
N GLU E 967 -31.52 -5.83 9.70
CA GLU E 967 -30.64 -5.69 10.85
C GLU E 967 -31.43 -6.02 12.11
N ILE E 968 -31.05 -7.10 12.79
CA ILE E 968 -31.70 -7.42 14.06
C ILE E 968 -31.17 -6.42 15.08
N MET E 969 -32.05 -5.57 15.59
CA MET E 969 -31.63 -4.51 16.50
C MET E 969 -31.97 -4.88 17.94
N VAL E 970 -31.00 -4.70 18.83
CA VAL E 970 -31.08 -5.25 20.18
C VAL E 970 -30.61 -4.23 21.21
N LYS E 971 -31.26 -4.24 22.37
CA LYS E 971 -30.83 -3.50 23.54
C LYS E 971 -30.76 -4.47 24.70
N PHE E 972 -29.66 -4.43 25.46
CA PHE E 972 -29.50 -5.35 26.57
C PHE E 972 -29.64 -4.69 27.94
N ARG E 973 -29.46 -3.38 28.02
CA ARG E 973 -30.01 -2.58 29.12
C ARG E 973 -30.48 -1.24 28.54
N ASP E 974 -31.25 -0.52 29.35
CA ASP E 974 -32.05 0.58 28.82
C ASP E 974 -31.21 1.76 28.36
N ASN E 975 -30.22 2.16 29.14
CA ASN E 975 -29.55 3.44 28.90
C ASN E 975 -28.68 3.44 27.64
N ALA E 976 -28.29 2.29 27.13
CA ALA E 976 -27.58 2.24 25.87
C ALA E 976 -28.57 2.28 24.71
N PRO E 977 -28.16 2.82 23.56
CA PRO E 977 -29.11 2.94 22.43
C PRO E 977 -29.45 1.60 21.80
N LEU E 978 -30.22 1.64 20.72
CA LEU E 978 -30.61 0.45 19.97
C LEU E 978 -29.55 0.21 18.91
N LYS E 979 -28.83 -0.90 19.02
CA LYS E 979 -27.67 -1.14 18.18
C LYS E 979 -27.93 -2.31 17.24
N LYS E 980 -27.04 -2.46 16.26
CA LYS E 980 -27.17 -3.45 15.21
C LYS E 980 -26.82 -4.83 15.77
N LEU E 981 -26.66 -5.81 14.89
CA LEU E 981 -26.13 -7.12 15.27
C LEU E 981 -24.98 -7.47 14.34
N ASP E 982 -23.78 -7.62 14.91
CA ASP E 982 -22.64 -8.09 14.16
C ASP E 982 -21.65 -8.69 15.13
N SER E 983 -20.55 -9.21 14.58
CA SER E 983 -19.51 -9.82 15.41
C SER E 983 -18.84 -8.79 16.31
N HIS E 984 -18.45 -7.67 15.74
CA HIS E 984 -17.67 -6.63 16.38
C HIS E 984 -18.43 -5.86 17.41
N THR E 985 -19.67 -6.20 17.77
CA THR E 985 -20.43 -5.40 18.72
C THR E 985 -20.67 -6.10 20.04
N GLN E 986 -21.26 -7.29 20.01
CA GLN E 986 -21.66 -7.97 21.24
C GLN E 986 -20.77 -9.17 21.51
N SER E 987 -20.98 -9.77 22.68
CA SER E 987 -20.11 -10.82 23.19
C SER E 987 -20.49 -12.16 22.56
N GLY E 988 -19.99 -13.24 23.17
CA GLY E 988 -20.47 -14.56 22.80
C GLY E 988 -21.89 -14.80 23.29
N GLY E 989 -22.18 -14.40 24.53
CA GLY E 989 -23.48 -14.69 25.10
C GLY E 989 -24.61 -13.92 24.42
N GLU E 990 -24.39 -12.64 24.16
CA GLU E 990 -25.40 -11.83 23.50
C GLU E 990 -25.67 -12.29 22.08
N ARG E 991 -24.61 -12.60 21.33
CA ARG E 991 -24.80 -13.10 19.97
C ARG E 991 -25.45 -14.48 19.96
N ALA E 992 -25.16 -15.30 20.97
CA ALA E 992 -25.85 -16.59 21.03
C ALA E 992 -27.34 -16.42 21.32
N VAL E 993 -27.68 -15.52 22.24
CA VAL E 993 -29.08 -15.23 22.52
C VAL E 993 -29.78 -14.72 21.27
N SER E 994 -29.10 -13.88 20.49
CA SER E 994 -29.71 -13.36 19.28
C SER E 994 -29.90 -14.47 18.24
N THR E 995 -28.87 -15.30 18.04
CA THR E 995 -28.97 -16.39 17.07
C THR E 995 -30.07 -17.36 17.43
N VAL E 996 -30.31 -17.59 18.72
CA VAL E 996 -31.43 -18.46 19.10
C VAL E 996 -32.76 -17.76 18.85
N LEU E 997 -32.94 -16.57 19.42
CA LEU E 997 -34.25 -15.93 19.37
C LEU E 997 -34.64 -15.45 17.98
N TYR E 998 -33.70 -15.33 17.05
CA TYR E 998 -34.08 -14.93 15.71
C TYR E 998 -34.61 -16.11 14.91
N MET E 999 -33.98 -17.27 15.04
CA MET E 999 -34.41 -18.45 14.30
C MET E 999 -35.45 -19.26 15.05
N ILE E 1000 -35.80 -18.88 16.29
CA ILE E 1000 -36.91 -19.53 16.96
C ILE E 1000 -38.21 -18.77 16.75
N ALA E 1001 -38.16 -17.46 16.52
CA ALA E 1001 -39.34 -16.69 16.19
C ALA E 1001 -39.64 -16.67 14.71
N LEU E 1002 -38.66 -17.07 13.88
CA LEU E 1002 -38.89 -17.29 12.47
C LEU E 1002 -39.40 -18.71 12.30
N GLN E 1003 -40.46 -19.06 13.02
CA GLN E 1003 -40.99 -20.41 13.00
C GLN E 1003 -42.15 -20.57 12.03
N GLU E 1004 -43.25 -19.85 12.28
CA GLU E 1004 -44.44 -20.01 11.46
C GLU E 1004 -44.19 -19.57 10.03
N PHE E 1005 -43.32 -18.60 9.84
CA PHE E 1005 -43.20 -17.85 8.61
C PHE E 1005 -42.30 -18.54 7.62
N THR E 1006 -42.06 -19.83 7.84
CA THR E 1006 -41.26 -20.67 6.97
C THR E 1006 -41.77 -22.10 7.08
N SER E 1007 -41.55 -22.88 6.03
CA SER E 1007 -41.96 -24.28 6.01
C SER E 1007 -40.71 -25.13 6.26
N ALA E 1008 -40.53 -25.56 7.50
CA ALA E 1008 -39.41 -26.42 7.88
C ALA E 1008 -39.85 -27.36 8.99
N PRO E 1009 -39.79 -28.68 8.75
CA PRO E 1009 -40.24 -29.62 9.78
C PRO E 1009 -39.29 -29.75 10.95
N PHE E 1010 -37.99 -29.83 10.70
CA PHE E 1010 -37.00 -29.98 11.76
C PHE E 1010 -36.03 -28.80 11.74
N ARG E 1011 -35.58 -28.41 12.94
CA ARG E 1011 -34.52 -27.42 13.05
C ARG E 1011 -33.48 -27.93 14.03
N VAL E 1012 -32.22 -27.61 13.75
CA VAL E 1012 -31.08 -28.18 14.45
C VAL E 1012 -30.36 -27.05 15.16
N VAL E 1013 -30.75 -26.76 16.40
CA VAL E 1013 -30.00 -25.81 17.21
C VAL E 1013 -28.88 -26.56 17.91
N ASP E 1014 -27.68 -26.05 17.80
CA ASP E 1014 -26.47 -26.80 18.16
C ASP E 1014 -25.81 -26.19 19.39
N GLN E 1015 -25.98 -26.86 20.52
CA GLN E 1015 -25.19 -26.62 21.73
C GLN E 1015 -25.09 -25.12 22.02
N ILE E 1016 -26.24 -24.55 22.36
CA ILE E 1016 -26.32 -23.11 22.56
C ILE E 1016 -25.98 -22.93 24.04
N ASN E 1017 -24.68 -22.92 24.31
CA ASN E 1017 -24.15 -22.64 25.63
C ASN E 1017 -22.87 -21.83 25.59
N GLN E 1018 -22.40 -21.43 24.41
CA GLN E 1018 -21.10 -20.80 24.27
C GLN E 1018 -21.11 -19.43 24.92
N GLY E 1019 -20.49 -19.33 26.09
CA GLY E 1019 -20.45 -18.06 26.79
C GLY E 1019 -21.78 -17.64 27.39
N MET E 1020 -22.60 -18.59 27.79
CA MET E 1020 -23.89 -18.28 28.40
C MET E 1020 -23.87 -18.71 29.86
N ASP E 1021 -24.19 -17.78 30.75
CA ASP E 1021 -24.30 -18.08 32.16
C ASP E 1021 -25.65 -18.72 32.44
N SER E 1022 -26.03 -18.79 33.73
CA SER E 1022 -27.25 -19.51 34.11
C SER E 1022 -28.49 -18.80 33.57
N ARG E 1023 -28.62 -17.51 33.87
CA ARG E 1023 -29.84 -16.79 33.49
C ARG E 1023 -29.99 -16.72 31.98
N ASN E 1024 -28.89 -16.72 31.22
CA ASN E 1024 -28.96 -16.75 29.77
C ASN E 1024 -28.83 -18.15 29.21
N GLU E 1025 -29.12 -19.17 30.01
CA GLU E 1025 -29.26 -20.53 29.51
C GLU E 1025 -30.57 -21.16 29.92
N ARG E 1026 -31.04 -20.90 31.14
CA ARG E 1026 -32.37 -21.34 31.54
C ARG E 1026 -33.42 -20.72 30.62
N ILE E 1027 -33.24 -19.46 30.25
CA ILE E 1027 -34.24 -18.76 29.45
C ILE E 1027 -34.19 -19.19 28.00
N VAL E 1028 -32.99 -19.28 27.43
CA VAL E 1028 -32.84 -19.76 26.06
C VAL E 1028 -33.33 -21.20 25.92
N HIS E 1029 -33.42 -21.93 27.03
CA HIS E 1029 -34.02 -23.26 27.02
C HIS E 1029 -35.50 -23.24 27.35
N LYS E 1030 -35.92 -22.40 28.30
CA LYS E 1030 -37.34 -22.29 28.62
C LYS E 1030 -38.12 -21.72 27.46
N ALA E 1031 -37.53 -20.78 26.74
CA ALA E 1031 -38.17 -20.18 25.59
C ALA E 1031 -38.08 -21.06 24.35
N MET E 1032 -37.48 -22.24 24.45
CA MET E 1032 -37.65 -23.27 23.43
C MET E 1032 -38.61 -24.36 23.86
N VAL E 1033 -38.64 -24.67 25.16
CA VAL E 1033 -39.61 -25.64 25.66
C VAL E 1033 -41.03 -25.12 25.52
N GLU E 1034 -41.28 -23.89 25.97
CA GLU E 1034 -42.62 -23.33 25.87
C GLU E 1034 -42.99 -22.91 24.46
N ASN E 1035 -42.08 -23.03 23.50
CA ASN E 1035 -42.42 -22.94 22.08
C ASN E 1035 -42.65 -24.30 21.47
N ALA E 1036 -42.01 -25.34 21.99
CA ALA E 1036 -42.18 -26.69 21.48
C ALA E 1036 -43.28 -27.47 22.18
N CYS E 1037 -43.93 -26.88 23.18
CA CYS E 1037 -45.01 -27.57 23.87
C CYS E 1037 -46.29 -26.76 23.96
N ALA E 1038 -46.32 -25.54 23.44
CA ALA E 1038 -47.56 -24.77 23.42
C ALA E 1038 -48.60 -25.47 22.54
N GLU E 1039 -48.33 -25.53 21.24
CA GLU E 1039 -49.07 -26.28 20.21
C GLU E 1039 -48.36 -26.09 18.88
N ASN E 1040 -48.70 -26.95 17.92
CA ASN E 1040 -48.20 -26.91 16.55
C ASN E 1040 -46.68 -26.78 16.51
N THR E 1041 -46.02 -27.83 16.98
CA THR E 1041 -44.58 -27.82 17.18
C THR E 1041 -43.86 -28.48 16.00
N SER E 1042 -42.78 -27.86 15.56
CA SER E 1042 -41.83 -28.47 14.64
C SER E 1042 -40.67 -29.07 15.44
N GLN E 1043 -39.93 -29.98 14.79
CA GLN E 1043 -38.89 -30.72 15.48
C GLN E 1043 -37.71 -29.81 15.79
N TYR E 1044 -37.36 -29.69 17.07
CA TYR E 1044 -36.20 -28.93 17.51
C TYR E 1044 -35.10 -29.92 17.88
N PHE E 1045 -34.06 -29.98 17.06
CA PHE E 1045 -32.87 -30.78 17.38
C PHE E 1045 -31.96 -29.92 18.25
N LEU E 1046 -31.84 -30.30 19.52
CA LEU E 1046 -31.09 -29.53 20.52
C LEU E 1046 -30.08 -30.45 21.19
N ILE E 1047 -28.78 -30.14 21.04
CA ILE E 1047 -27.71 -30.90 21.67
C ILE E 1047 -27.08 -30.03 22.75
N THR E 1048 -26.67 -30.65 23.85
CA THR E 1048 -26.17 -29.88 24.98
C THR E 1048 -25.28 -30.69 25.93
N PRO E 1049 -23.96 -30.63 25.78
CA PRO E 1049 -23.08 -31.31 26.74
C PRO E 1049 -23.30 -30.85 28.16
N LYS E 1050 -23.32 -29.54 28.39
CA LYS E 1050 -23.67 -29.03 29.69
C LYS E 1050 -25.14 -29.30 29.98
N LEU E 1051 -25.51 -29.14 31.24
CA LEU E 1051 -26.88 -29.37 31.67
C LEU E 1051 -27.08 -28.69 33.00
N LEU E 1052 -28.08 -27.83 33.09
CA LEU E 1052 -28.32 -27.04 34.28
C LEU E 1052 -29.40 -27.69 35.13
N THR E 1053 -29.27 -27.56 36.43
CA THR E 1053 -30.26 -28.12 37.35
C THR E 1053 -31.47 -27.20 37.42
N GLY E 1054 -32.64 -27.81 37.66
CA GLY E 1054 -33.85 -27.04 37.85
C GLY E 1054 -34.38 -26.36 36.61
N LEU E 1055 -34.37 -27.06 35.48
CA LEU E 1055 -35.02 -26.52 34.29
C LEU E 1055 -36.54 -26.72 34.41
N HIS E 1056 -37.26 -26.42 33.34
CA HIS E 1056 -38.72 -26.57 33.33
C HIS E 1056 -39.10 -27.44 32.13
N TYR E 1057 -39.41 -28.70 32.40
CA TYR E 1057 -39.75 -29.68 31.38
C TYR E 1057 -41.26 -29.81 31.25
N HIS E 1058 -41.69 -30.34 30.10
CA HIS E 1058 -43.12 -30.57 29.89
C HIS E 1058 -43.35 -31.89 29.18
N GLU E 1059 -44.57 -32.12 28.69
CA GLU E 1059 -45.05 -33.45 28.32
C GLU E 1059 -44.41 -34.02 27.06
N LYS E 1060 -44.63 -33.37 25.93
CA LYS E 1060 -44.31 -33.98 24.63
C LYS E 1060 -42.80 -34.04 24.33
N MET E 1061 -41.91 -33.74 25.28
CA MET E 1061 -40.48 -33.73 25.01
C MET E 1061 -39.90 -35.14 25.17
N ARG E 1062 -38.79 -35.38 24.49
CA ARG E 1062 -38.10 -36.67 24.53
C ARG E 1062 -36.63 -36.42 24.88
N ILE E 1063 -36.28 -36.67 26.14
CA ILE E 1063 -34.90 -36.50 26.60
C ILE E 1063 -34.09 -37.67 26.06
N HIS E 1064 -33.20 -37.40 25.13
CA HIS E 1064 -32.27 -38.43 24.67
C HIS E 1064 -31.11 -38.53 25.64
N CYS E 1065 -30.09 -39.30 25.25
CA CYS E 1065 -28.82 -39.43 25.94
C CYS E 1065 -27.95 -40.31 25.07
N VAL E 1066 -26.65 -40.31 25.35
CA VAL E 1066 -25.73 -41.22 24.68
C VAL E 1066 -24.78 -41.79 25.72
N MET E 1067 -24.77 -43.10 25.86
CA MET E 1067 -23.88 -43.77 26.79
C MET E 1067 -22.54 -44.06 26.11
N ALA E 1068 -21.62 -44.60 26.88
CA ALA E 1068 -20.30 -45.00 26.38
C ALA E 1068 -19.67 -45.95 27.40
N GLY E 1069 -18.38 -46.21 27.24
CA GLY E 1069 -17.68 -47.09 28.17
C GLY E 1069 -17.72 -48.53 27.71
N SER E 1070 -16.59 -49.23 27.85
CA SER E 1070 -16.45 -50.59 27.33
C SER E 1070 -17.38 -51.59 28.00
N TRP E 1071 -18.17 -51.18 28.99
CA TRP E 1071 -19.09 -52.06 29.70
C TRP E 1071 -20.47 -52.10 29.05
N ILE E 1072 -20.55 -51.85 27.75
CA ILE E 1072 -21.80 -51.79 27.02
C ILE E 1072 -21.91 -53.02 26.13
N PRO E 1073 -23.04 -53.74 26.12
CA PRO E 1073 -23.11 -54.98 25.36
C PRO E 1073 -23.19 -54.74 23.86
N ASN E 1074 -22.02 -54.60 23.23
CA ASN E 1074 -21.84 -54.22 21.83
C ASN E 1074 -22.76 -54.99 20.89
N PRO E 1075 -23.75 -54.32 20.30
CA PRO E 1075 -24.64 -54.95 19.34
C PRO E 1075 -24.16 -54.85 17.90
N SER E 1076 -22.91 -55.26 17.66
CA SER E 1076 -22.42 -55.28 16.29
C SER E 1076 -22.84 -56.56 15.58
N GLU E 1077 -22.92 -57.67 16.32
CA GLU E 1077 -23.40 -58.94 15.78
C GLU E 1077 -24.82 -59.27 16.22
N ASP E 1078 -25.16 -58.98 17.47
CA ASP E 1078 -26.49 -59.27 18.00
C ASP E 1078 -27.29 -57.98 18.14
N PRO E 1079 -28.25 -57.73 17.24
CA PRO E 1079 -29.09 -56.53 17.36
C PRO E 1079 -30.19 -56.64 18.41
N LYS E 1080 -30.11 -57.61 19.32
CA LYS E 1080 -31.11 -57.74 20.38
C LYS E 1080 -31.15 -56.49 21.25
N MET E 1081 -30.04 -56.17 21.91
CA MET E 1081 -29.96 -55.00 22.78
C MET E 1081 -29.37 -53.80 22.04
N ILE E 1082 -30.05 -53.38 20.98
CA ILE E 1082 -29.60 -52.23 20.20
C ILE E 1082 -30.24 -50.95 20.70
N HIS E 1083 -31.39 -51.04 21.36
CA HIS E 1083 -32.06 -49.86 21.89
C HIS E 1083 -32.65 -50.10 23.27
N PHE E 1084 -32.44 -51.28 23.85
CA PHE E 1084 -33.14 -51.66 25.07
C PHE E 1084 -32.77 -50.72 26.21
N GLY E 1085 -33.79 -50.10 26.79
CA GLY E 1085 -33.58 -49.12 27.84
C GLY E 1085 -34.44 -47.89 27.65
N GLU E 1086 -34.87 -47.65 26.42
CA GLU E 1086 -35.74 -46.52 26.14
C GLU E 1086 -37.09 -46.71 26.81
N THR E 1087 -37.57 -45.66 27.47
CA THR E 1087 -38.83 -45.71 28.19
C THR E 1087 -39.96 -45.24 27.28
N SER E 1088 -40.08 -45.94 26.14
CA SER E 1088 -41.21 -45.76 25.24
C SER E 1088 -41.77 -47.07 24.70
N ASN E 1089 -41.07 -48.19 24.84
CA ASN E 1089 -41.46 -49.51 24.36
C ASN E 1089 -41.37 -50.51 25.49
N TYR E 1090 -42.01 -50.19 26.63
CA TYR E 1090 -41.78 -50.91 27.87
C TYR E 1090 -42.12 -52.39 27.76
N SER E 1091 -42.96 -52.77 26.80
CA SER E 1091 -43.24 -54.18 26.52
C SER E 1091 -43.26 -54.38 25.02
N PHE E 1092 -42.26 -55.09 24.51
CA PHE E 1092 -42.16 -55.35 23.07
C PHE E 1092 -42.33 -56.84 22.77
N LEU F 13 3.41 1.81 -43.11
CA LEU F 13 2.70 2.71 -42.21
C LEU F 13 1.77 1.92 -41.30
N THR F 14 2.29 1.53 -40.14
CA THR F 14 1.49 0.91 -39.09
C THR F 14 1.31 1.82 -37.89
N GLU F 15 2.25 2.73 -37.66
CA GLU F 15 2.32 3.55 -36.45
C GLU F 15 1.11 4.46 -36.24
N ASP F 16 0.69 5.21 -37.26
CA ASP F 16 -0.34 6.23 -37.04
C ASP F 16 -1.71 5.59 -36.79
N LEU F 17 -2.15 4.72 -37.69
CA LEU F 17 -3.42 4.04 -37.47
C LEU F 17 -3.35 3.14 -36.24
N ALA F 18 -2.17 2.64 -35.91
CA ALA F 18 -2.01 1.84 -34.72
C ALA F 18 -2.30 2.66 -33.47
N VAL F 19 -1.66 3.83 -33.34
CA VAL F 19 -1.90 4.64 -32.15
C VAL F 19 -3.33 5.20 -32.17
N ALA F 20 -3.89 5.42 -33.36
CA ALA F 20 -5.28 5.85 -33.44
C ALA F 20 -6.21 4.82 -32.86
N LYS F 21 -6.05 3.55 -33.27
CA LYS F 21 -6.85 2.47 -32.70
C LYS F 21 -6.60 2.34 -31.20
N ILE F 22 -5.34 2.52 -30.79
CA ILE F 22 -4.96 2.35 -29.39
C ILE F 22 -5.70 3.36 -28.52
N VAL F 23 -5.73 4.61 -28.96
CA VAL F 23 -6.41 5.67 -28.23
C VAL F 23 -7.92 5.60 -28.42
N LYS F 24 -8.34 4.77 -29.38
CA LYS F 24 -9.76 4.65 -29.72
C LYS F 24 -10.46 3.64 -28.81
N GLU F 25 -9.98 2.40 -28.83
CA GLU F 25 -10.56 1.35 -28.02
C GLU F 25 -10.26 1.53 -26.54
N ASN F 26 -9.28 2.39 -26.24
CA ASN F 26 -8.91 2.65 -24.85
C ASN F 26 -9.02 4.14 -24.56
N PRO F 27 -10.14 4.60 -23.99
CA PRO F 27 -10.29 6.01 -23.65
C PRO F 27 -9.89 6.38 -22.24
N VAL F 28 -9.24 5.49 -21.49
CA VAL F 28 -8.76 5.80 -20.15
C VAL F 28 -7.30 6.20 -20.24
N ALA F 29 -6.59 5.65 -21.24
CA ALA F 29 -5.22 6.06 -21.47
C ALA F 29 -5.14 7.47 -22.02
N ARG F 30 -6.10 7.87 -22.85
CA ARG F 30 -6.14 9.25 -23.33
C ARG F 30 -6.41 10.22 -22.21
N LYS F 31 -7.13 9.79 -21.17
CA LYS F 31 -7.35 10.60 -20.00
C LYS F 31 -6.40 10.23 -18.87
N MET F 32 -5.26 9.63 -19.20
CA MET F 32 -4.18 9.40 -18.25
C MET F 32 -2.86 9.99 -18.70
N VAL F 33 -2.62 10.05 -20.01
CA VAL F 33 -1.45 10.76 -20.50
C VAL F 33 -1.51 12.23 -20.11
N ARG F 34 -2.71 12.83 -20.16
CA ARG F 34 -2.88 14.20 -19.74
C ARG F 34 -3.05 14.33 -18.23
N TYR F 35 -2.63 13.32 -17.48
CA TYR F 35 -2.42 13.45 -16.04
C TYR F 35 -0.95 13.29 -15.66
N ILE F 36 -0.29 12.22 -16.12
CA ILE F 36 1.12 12.06 -15.81
C ILE F 36 1.99 13.00 -16.61
N LEU F 37 1.45 13.60 -17.68
CA LEU F 37 2.13 14.68 -18.35
C LEU F 37 1.84 16.03 -17.70
N SER F 38 1.09 16.05 -16.61
CA SER F 38 0.85 17.28 -15.89
C SER F 38 0.87 17.08 -14.38
N ARG F 39 1.51 16.02 -13.91
CA ARG F 39 2.06 15.93 -12.57
C ARG F 39 3.56 16.13 -12.54
N GLY F 40 4.25 15.70 -13.59
CA GLY F 40 5.69 15.73 -13.66
C GLY F 40 6.24 16.68 -14.69
N GLU F 41 5.72 17.91 -14.75
CA GLU F 41 6.12 18.85 -15.79
C GLU F 41 7.64 19.05 -15.82
N SER F 42 8.21 19.57 -14.72
CA SER F 42 9.64 19.48 -14.48
C SER F 42 10.00 19.24 -13.02
N GLN F 43 9.01 19.10 -12.14
CA GLN F 43 9.23 18.76 -10.74
C GLN F 43 9.40 17.25 -10.61
N ASN F 44 9.23 16.73 -9.39
CA ASN F 44 9.49 15.31 -9.11
C ASN F 44 8.71 14.39 -10.03
N SER F 45 9.43 13.64 -10.85
CA SER F 45 8.81 12.79 -11.86
C SER F 45 8.37 11.44 -11.31
N ILE F 46 8.49 11.18 -10.02
CA ILE F 46 8.05 9.90 -9.47
C ILE F 46 6.54 9.93 -9.32
N ILE F 47 5.90 8.78 -9.54
CA ILE F 47 4.47 8.61 -9.30
C ILE F 47 4.31 7.29 -8.55
N THR F 48 3.84 7.37 -7.31
CA THR F 48 3.60 6.16 -6.54
C THR F 48 2.42 5.38 -7.13
N ARG F 49 2.52 4.05 -7.08
CA ARG F 49 1.49 3.20 -7.68
C ARG F 49 0.15 3.39 -6.99
N ASN F 50 0.17 3.65 -5.69
CA ASN F 50 -1.05 3.85 -4.94
C ASN F 50 -1.86 4.99 -5.55
N LYS F 51 -1.15 6.00 -6.03
CA LYS F 51 -1.80 7.14 -6.66
C LYS F 51 -2.20 6.81 -8.09
N LEU F 52 -1.32 6.11 -8.81
CA LEU F 52 -1.62 5.75 -10.18
C LEU F 52 -2.90 4.93 -10.25
N GLN F 53 -3.22 4.22 -9.17
CA GLN F 53 -4.46 3.46 -9.12
C GLN F 53 -5.62 4.32 -8.64
N SER F 54 -5.38 5.19 -7.67
CA SER F 54 -6.46 6.03 -7.16
C SER F 54 -6.92 7.06 -8.18
N VAL F 55 -6.15 7.33 -9.22
CA VAL F 55 -6.60 8.16 -10.33
C VAL F 55 -7.18 7.34 -11.46
N ILE F 56 -6.61 6.17 -11.74
CA ILE F 56 -7.17 5.31 -12.79
C ILE F 56 -8.52 4.72 -12.39
N HIS F 57 -8.82 4.67 -11.09
CA HIS F 57 -10.12 4.19 -10.66
C HIS F 57 -11.21 5.22 -10.91
N GLU F 58 -10.85 6.50 -11.07
CA GLU F 58 -11.82 7.54 -11.36
C GLU F 58 -11.80 8.00 -12.80
N ALA F 59 -10.68 7.83 -13.52
CA ALA F 59 -10.61 8.20 -14.92
C ALA F 59 -11.07 7.08 -15.83
N ALA F 60 -11.53 5.96 -15.29
CA ALA F 60 -12.18 4.91 -16.05
C ALA F 60 -13.62 4.68 -15.64
N ARG F 61 -14.00 5.06 -14.43
CA ARG F 61 -15.40 4.96 -14.03
C ARG F 61 -16.26 5.93 -14.84
N GLU F 62 -15.80 7.17 -14.97
CA GLU F 62 -16.48 8.16 -15.82
C GLU F 62 -15.89 8.18 -17.23
N GLU F 63 -15.82 7.01 -17.85
CA GLU F 63 -15.26 6.86 -19.18
C GLU F 63 -16.04 5.91 -20.06
N ASN F 64 -17.16 5.35 -19.57
CA ASN F 64 -18.03 4.45 -20.34
C ASN F 64 -17.26 3.23 -20.84
N ILE F 65 -16.52 2.61 -19.93
CA ILE F 65 -15.75 1.41 -20.24
C ILE F 65 -15.35 0.74 -18.93
N ALA F 66 -15.35 -0.59 -18.92
CA ALA F 66 -14.78 -1.34 -17.81
C ALA F 66 -13.27 -1.19 -17.88
N LYS F 67 -12.66 -0.78 -16.77
CA LYS F 67 -11.22 -0.58 -16.71
C LYS F 67 -10.54 -1.93 -16.83
N PRO F 68 -9.56 -2.03 -17.74
CA PRO F 68 -8.82 -3.27 -17.97
C PRO F 68 -7.75 -3.53 -16.92
N SER F 69 -7.08 -4.67 -17.05
CA SER F 69 -6.01 -5.04 -16.13
C SER F 69 -4.88 -4.02 -16.20
N PHE F 70 -4.29 -3.72 -15.05
CA PHE F 70 -3.20 -2.75 -14.97
C PHE F 70 -2.11 -3.06 -15.98
N SER F 71 -1.79 -4.33 -16.16
CA SER F 71 -0.76 -4.70 -17.11
C SER F 71 -1.20 -4.61 -18.56
N LYS F 72 -2.41 -4.10 -18.83
CA LYS F 72 -2.84 -3.77 -20.18
C LYS F 72 -2.73 -2.28 -20.45
N MET F 73 -3.37 -1.46 -19.62
CA MET F 73 -3.24 -0.02 -19.78
C MET F 73 -1.84 0.46 -19.51
N PHE F 74 -0.99 -0.36 -18.87
CA PHE F 74 0.41 0.03 -18.73
C PHE F 74 1.12 -0.01 -20.07
N MET F 75 0.98 -1.11 -20.82
CA MET F 75 1.53 -1.14 -22.16
C MET F 75 0.86 -0.11 -23.06
N ASP F 76 -0.42 0.16 -22.82
CA ASP F 76 -1.10 1.21 -23.58
C ASP F 76 -0.49 2.59 -23.30
N ILE F 77 -0.26 2.92 -22.04
CA ILE F 77 0.33 4.19 -21.66
C ILE F 77 1.71 4.33 -22.26
N ASN F 78 2.52 3.27 -22.19
CA ASN F 78 3.84 3.33 -22.80
C ASN F 78 3.74 3.52 -24.31
N ALA F 79 2.78 2.87 -24.96
CA ALA F 79 2.65 3.00 -26.42
C ALA F 79 2.27 4.42 -26.82
N ILE F 80 1.31 5.02 -26.11
CA ILE F 80 0.95 6.41 -26.37
C ILE F 80 2.16 7.32 -26.13
N LEU F 81 2.70 7.29 -24.91
CA LEU F 81 3.79 8.19 -24.54
C LEU F 81 5.00 8.02 -25.44
N TYR F 82 5.17 6.86 -26.05
CA TYR F 82 6.29 6.71 -26.97
C TYR F 82 5.96 7.18 -28.37
N ASN F 83 4.70 7.10 -28.78
CA ASN F 83 4.44 7.37 -30.20
C ASN F 83 4.30 8.86 -30.51
N VAL F 84 3.60 9.62 -29.66
CA VAL F 84 3.25 10.99 -30.02
C VAL F 84 4.49 11.89 -30.01
N TYR F 85 5.24 11.88 -28.91
CA TYR F 85 6.42 12.74 -28.81
C TYR F 85 7.70 12.04 -28.40
N GLY F 86 7.64 10.99 -27.60
CA GLY F 86 8.87 10.23 -27.39
C GLY F 86 9.18 9.83 -25.96
N PHE F 87 8.26 10.08 -25.05
CA PHE F 87 8.48 9.84 -23.63
C PHE F 87 8.43 8.35 -23.32
N GLU F 88 8.44 8.04 -22.02
CA GLU F 88 8.30 6.67 -21.53
C GLU F 88 7.96 6.72 -20.05
N LEU F 89 6.90 6.03 -19.65
CA LEU F 89 6.73 5.76 -18.24
C LEU F 89 7.48 4.47 -17.92
N GLN F 90 8.05 4.42 -16.72
CA GLN F 90 8.90 3.29 -16.35
C GLN F 90 8.97 3.19 -14.84
N GLY F 91 8.87 1.97 -14.33
CA GLY F 91 8.99 1.74 -12.91
C GLY F 91 10.45 1.56 -12.50
N LEU F 92 10.79 2.16 -11.40
CA LEU F 92 12.15 2.05 -10.92
C LEU F 92 12.28 0.90 -9.94
N PRO F 93 13.45 0.25 -9.88
CA PRO F 93 13.62 -0.85 -8.92
C PRO F 93 13.54 -0.37 -7.49
N SER F 94 12.48 -0.78 -6.79
CA SER F 94 12.30 -0.45 -5.39
C SER F 94 12.73 -1.62 -4.53
N LYS F 95 13.68 -1.37 -3.62
CA LYS F 95 14.18 -2.44 -2.77
C LYS F 95 13.17 -2.79 -1.67
N GLY F 118 9.38 -3.39 -15.48
CA GLY F 118 8.18 -4.20 -15.41
C GLY F 118 7.03 -3.46 -14.76
N HIS F 119 5.81 -3.94 -14.98
CA HIS F 119 4.65 -3.29 -14.41
C HIS F 119 4.29 -3.74 -12.99
N ARG F 120 5.31 -3.76 -12.14
CA ARG F 120 5.18 -4.17 -10.74
C ARG F 120 6.02 -3.30 -9.80
N ALA F 121 6.73 -2.33 -10.37
CA ALA F 121 7.57 -1.39 -9.62
C ALA F 121 6.58 -0.60 -8.77
N GLN F 122 6.94 -0.39 -7.50
CA GLN F 122 6.07 0.33 -6.58
C GLN F 122 5.98 1.82 -6.87
N LYS F 123 6.97 2.36 -7.58
CA LYS F 123 7.00 3.77 -7.91
C LYS F 123 7.52 3.90 -9.34
N PHE F 124 6.86 4.73 -10.14
CA PHE F 124 7.22 4.90 -11.54
C PHE F 124 7.66 6.34 -11.78
N ILE F 125 8.62 6.51 -12.69
CA ILE F 125 9.08 7.83 -13.12
C ILE F 125 8.90 7.95 -14.62
N LEU F 126 8.65 9.18 -15.07
CA LEU F 126 8.83 9.46 -16.48
C LEU F 126 10.32 9.59 -16.78
N LEU F 127 10.65 9.46 -18.06
CA LEU F 127 11.99 9.75 -18.54
C LEU F 127 11.99 9.71 -20.06
N ASN F 128 12.74 10.62 -20.66
CA ASN F 128 12.92 10.63 -22.10
C ASN F 128 13.52 9.30 -22.55
N ASN F 129 13.25 8.95 -23.81
CA ASN F 129 13.73 7.69 -24.34
C ASN F 129 14.22 7.76 -25.78
N VAL F 130 14.15 8.90 -26.44
CA VAL F 130 14.60 8.94 -27.83
C VAL F 130 16.13 8.78 -27.83
N PRO F 131 16.72 8.10 -28.82
CA PRO F 131 18.19 8.02 -28.87
C PRO F 131 18.82 9.39 -28.94
N HIS F 132 19.57 9.76 -27.90
CA HIS F 132 20.09 11.11 -27.77
C HIS F 132 21.02 11.44 -28.93
N SER F 133 21.16 12.74 -29.19
CA SER F 133 21.82 13.25 -30.38
C SER F 133 22.86 14.30 -30.01
N LYS F 134 23.72 13.96 -29.04
CA LYS F 134 24.77 14.87 -28.56
C LYS F 134 25.54 15.51 -29.70
N ASN F 135 25.98 14.68 -30.65
CA ASN F 135 26.72 15.12 -31.83
C ASN F 135 26.00 16.22 -32.59
N PHE F 136 24.70 16.40 -32.34
CA PHE F 136 24.07 17.65 -32.74
C PHE F 136 23.14 18.20 -31.66
N ASP F 137 23.25 17.72 -30.41
CA ASP F 137 22.77 18.50 -29.28
C ASP F 137 23.75 19.59 -28.90
N ASP F 138 24.83 19.70 -29.67
CA ASP F 138 25.63 20.92 -29.66
C ASP F 138 24.76 22.18 -29.69
N PHE F 139 23.65 22.14 -30.45
CA PHE F 139 22.75 23.29 -30.52
C PHE F 139 22.17 23.61 -29.16
N LYS F 140 21.60 22.59 -28.49
CA LYS F 140 20.91 22.83 -27.23
C LYS F 140 21.86 23.12 -26.08
N ILE F 141 23.14 22.75 -26.18
CA ILE F 141 24.08 23.17 -25.14
C ILE F 141 24.60 24.59 -25.41
N LEU F 142 24.94 24.89 -26.67
CA LEU F 142 25.39 26.23 -27.01
C LEU F 142 24.32 27.27 -26.66
N GLN F 143 23.16 27.18 -27.30
CA GLN F 143 22.15 28.22 -27.18
C GLN F 143 21.59 28.38 -25.76
N SER F 144 21.97 27.51 -24.82
CA SER F 144 21.70 27.75 -23.42
C SER F 144 22.95 28.10 -22.64
N ALA F 145 24.14 28.00 -23.25
CA ALA F 145 25.35 28.53 -22.64
C ALA F 145 25.58 30.00 -22.99
N HIS F 146 25.08 30.42 -24.15
CA HIS F 146 25.33 31.77 -24.65
C HIS F 146 24.78 32.84 -23.71
N THR F 147 23.74 32.54 -22.95
CA THR F 147 23.11 33.56 -22.12
C THR F 147 23.98 33.99 -20.96
N TYR F 148 25.08 33.28 -20.69
CA TYR F 148 26.01 33.73 -19.66
C TYR F 148 26.70 35.02 -20.07
N GLU F 149 27.00 35.17 -21.35
CA GLU F 149 27.63 36.39 -21.85
C GLU F 149 26.69 37.59 -21.81
N GLU F 150 25.45 37.42 -21.37
CA GLU F 150 24.51 38.52 -21.33
C GLU F 150 23.71 38.62 -20.03
N LEU F 151 23.79 37.65 -19.14
CA LEU F 151 22.96 37.66 -17.94
C LEU F 151 23.74 38.00 -16.67
N ILE F 152 25.05 37.91 -16.67
CA ILE F 152 25.86 38.36 -15.53
C ILE F 152 27.06 39.14 -16.05
N VAL F 153 27.04 40.45 -15.80
CA VAL F 153 28.15 41.34 -16.15
C VAL F 153 28.61 42.02 -14.87
N THR F 154 29.93 42.22 -14.75
CA THR F 154 30.54 42.81 -13.56
C THR F 154 30.20 42.03 -12.29
N GLY F 155 30.00 40.73 -12.44
CA GLY F 155 29.76 39.85 -11.31
C GLY F 155 28.46 40.10 -10.56
N GLU F 156 27.39 40.37 -11.28
CA GLU F 156 26.07 40.49 -10.66
C GLU F 156 25.03 39.95 -11.64
N TYR F 157 23.94 39.42 -11.09
CA TYR F 157 22.85 38.92 -11.91
C TYR F 157 21.85 40.03 -12.17
N ILE F 158 21.51 40.23 -13.44
CA ILE F 158 20.69 41.35 -13.88
C ILE F 158 19.29 40.83 -14.22
N GLY F 159 18.91 39.71 -13.62
CA GLY F 159 17.61 39.12 -13.87
C GLY F 159 16.52 39.70 -13.01
N ASP F 160 16.82 39.95 -11.74
CA ASP F 160 15.85 40.54 -10.82
C ASP F 160 15.74 42.05 -10.97
N ASP F 161 16.38 42.62 -11.98
CA ASP F 161 16.23 44.03 -12.30
C ASP F 161 14.92 44.19 -13.05
N ILE F 162 13.89 44.69 -12.36
CA ILE F 162 12.55 44.73 -12.94
C ILE F 162 12.52 45.63 -14.18
N ALA F 163 13.10 46.83 -14.07
CA ALA F 163 13.13 47.77 -15.19
C ALA F 163 14.23 47.35 -16.17
N SER F 164 13.97 46.25 -16.87
CA SER F 164 14.91 45.72 -17.85
C SER F 164 14.14 45.26 -19.08
N GLY F 165 14.83 45.30 -20.22
CA GLY F 165 14.23 44.90 -21.48
C GLY F 165 14.24 43.41 -21.72
N THR F 166 13.31 42.68 -21.08
CA THR F 166 13.21 41.24 -21.26
C THR F 166 12.88 40.87 -22.70
N SER F 167 13.80 40.21 -23.38
CA SER F 167 13.55 39.63 -24.70
C SER F 167 14.02 38.19 -24.67
N ASN F 168 13.17 37.30 -24.20
CA ASN F 168 13.39 35.86 -24.27
C ASN F 168 12.48 35.17 -25.26
N THR F 169 11.20 35.55 -25.30
CA THR F 169 10.25 34.94 -26.23
C THR F 169 10.63 35.17 -27.68
N LEU F 170 11.51 36.11 -27.97
CA LEU F 170 11.95 36.33 -29.34
C LEU F 170 13.31 35.72 -29.65
N GLU F 171 14.01 35.21 -28.63
CA GLU F 171 15.23 34.45 -28.85
C GLU F 171 15.06 32.96 -28.51
N SER F 172 13.93 32.59 -27.91
CA SER F 172 13.65 31.21 -27.47
C SER F 172 14.73 30.71 -26.51
N LYS F 173 14.77 31.34 -25.32
CA LYS F 173 15.64 30.88 -24.26
C LYS F 173 15.20 29.49 -23.81
N LEU F 174 16.13 28.52 -23.85
CA LEU F 174 15.75 27.12 -23.91
C LEU F 174 15.16 26.56 -22.63
N SER F 175 15.11 27.30 -21.54
CA SER F 175 14.44 26.84 -20.33
C SER F 175 14.28 28.00 -19.35
N THR F 176 13.94 27.66 -18.11
CA THR F 176 13.81 28.63 -17.03
C THR F 176 15.21 29.10 -16.63
N ASP F 177 15.33 29.85 -15.54
CA ASP F 177 16.63 30.17 -14.97
C ASP F 177 16.73 29.97 -13.47
N ARG F 178 15.62 29.91 -12.73
CA ARG F 178 15.63 29.42 -11.36
C ARG F 178 15.54 27.91 -11.31
N ASP F 179 15.45 27.25 -12.46
CA ASP F 179 15.44 25.79 -12.53
C ASP F 179 16.42 25.34 -13.61
N LEU F 180 17.39 26.15 -13.95
CA LEU F 180 18.56 25.73 -14.70
C LEU F 180 19.81 25.72 -13.86
N VAL F 181 19.93 26.63 -12.89
CA VAL F 181 20.86 26.35 -11.80
C VAL F 181 20.06 25.64 -10.72
N TYR F 182 19.58 24.45 -11.10
CA TYR F 182 19.17 23.36 -10.24
C TYR F 182 19.61 22.05 -10.84
N LYS F 183 20.00 22.06 -12.10
CA LYS F 183 20.92 21.08 -12.67
C LYS F 183 22.33 21.61 -12.68
N GLY F 184 22.48 22.95 -12.65
CA GLY F 184 23.81 23.51 -12.48
C GLY F 184 24.48 23.09 -11.18
N VAL F 185 23.72 23.05 -10.09
CA VAL F 185 24.24 22.59 -8.81
C VAL F 185 23.99 21.11 -8.59
N LEU F 186 23.25 20.45 -9.50
CA LEU F 186 23.03 19.01 -9.45
C LEU F 186 23.84 18.26 -10.48
N SER F 187 24.82 18.89 -11.09
CA SER F 187 25.90 18.15 -11.72
C SER F 187 27.23 18.45 -11.03
N VAL F 188 27.21 19.13 -9.89
CA VAL F 188 28.40 19.33 -9.07
C VAL F 188 28.01 18.96 -7.64
N ILE F 189 26.97 18.13 -7.51
CA ILE F 189 26.78 17.33 -6.32
C ILE F 189 26.63 15.86 -6.63
N LEU F 190 26.13 15.49 -7.80
CA LEU F 190 26.13 14.11 -8.25
C LEU F 190 27.19 13.88 -9.32
N CYS F 191 28.30 14.60 -9.20
CA CYS F 191 29.56 14.22 -9.81
C CYS F 191 30.69 14.36 -8.79
N ILE F 192 30.35 14.77 -7.57
CA ILE F 192 31.18 14.60 -6.39
C ILE F 192 30.54 13.61 -5.42
N VAL F 193 29.70 12.71 -5.92
CA VAL F 193 29.34 11.50 -5.20
C VAL F 193 29.59 10.33 -6.15
N PHE F 194 29.53 10.60 -7.45
CA PHE F 194 29.93 9.61 -8.45
C PHE F 194 31.44 9.48 -8.58
N PHE F 195 32.21 10.15 -7.75
CA PHE F 195 33.65 9.96 -7.82
C PHE F 195 34.28 9.97 -6.43
N SER F 196 33.54 9.51 -5.44
CA SER F 196 34.10 9.16 -4.14
C SER F 196 33.47 7.87 -3.65
N LYS F 197 33.32 6.90 -4.56
CA LYS F 197 32.90 5.55 -4.24
C LYS F 197 31.56 5.52 -3.49
N ASN F 198 30.63 6.34 -3.96
CA ASN F 198 29.28 6.42 -3.40
C ASN F 198 29.31 6.71 -1.90
N ASN F 199 30.27 7.51 -1.46
CA ASN F 199 30.29 7.95 -0.08
C ASN F 199 30.98 9.30 0.01
N ILE F 200 30.28 10.28 0.56
CA ILE F 200 30.82 11.59 0.89
C ILE F 200 30.08 12.10 2.12
N LEU F 201 30.84 12.61 3.08
CA LEU F 201 30.21 13.12 4.29
C LEU F 201 29.61 14.50 4.05
N HIS F 202 28.90 15.01 5.05
CA HIS F 202 28.29 16.34 4.93
C HIS F 202 29.36 17.42 4.87
N GLN F 203 30.16 17.54 5.94
CA GLN F 203 31.14 18.61 6.03
C GLN F 203 32.15 18.54 4.91
N GLU F 204 32.49 17.33 4.47
CA GLU F 204 33.37 17.20 3.31
C GLU F 204 32.71 17.78 2.07
N LEU F 205 31.40 17.57 1.91
CA LEU F 205 30.74 18.10 0.73
C LEU F 205 30.63 19.62 0.79
N ILE F 206 30.37 20.18 1.97
CA ILE F 206 30.32 21.63 2.09
C ILE F 206 31.69 22.24 1.82
N LYS F 207 32.73 21.69 2.44
CA LYS F 207 34.08 22.21 2.22
C LYS F 207 34.64 21.83 0.86
N PHE F 208 33.95 20.99 0.10
CA PHE F 208 34.32 20.72 -1.27
C PHE F 208 33.49 21.52 -2.26
N LEU F 209 32.38 22.09 -1.81
CA LEU F 209 31.59 22.99 -2.63
C LEU F 209 31.98 24.44 -2.46
N GLU F 210 32.50 24.81 -1.29
CA GLU F 210 32.89 26.20 -1.05
C GLU F 210 34.04 26.62 -1.94
N THR F 211 34.73 25.68 -2.57
CA THR F 211 35.72 26.02 -3.58
C THR F 211 35.08 26.31 -4.93
N PHE F 212 33.75 26.30 -5.03
CA PHE F 212 33.05 26.75 -6.23
C PHE F 212 32.35 28.09 -6.05
N GLY F 213 32.30 28.61 -4.83
CA GLY F 213 31.68 29.87 -4.56
C GLY F 213 30.33 29.78 -3.88
N ILE F 214 29.73 28.59 -3.88
CA ILE F 214 28.42 28.38 -3.28
C ILE F 214 28.51 28.63 -1.79
N PRO F 215 27.92 29.70 -1.27
CA PRO F 215 28.03 29.98 0.16
C PRO F 215 27.30 28.93 0.99
N SER F 216 27.62 28.88 2.27
CA SER F 216 27.00 27.88 3.14
C SER F 216 26.60 28.37 4.53
N ASP F 217 26.96 29.60 4.91
CA ASP F 217 26.60 30.07 6.23
C ASP F 217 25.11 30.40 6.37
N GLY F 218 24.41 30.59 5.26
CA GLY F 218 22.99 30.89 5.31
C GLY F 218 22.54 31.93 4.31
N SER F 219 23.47 32.44 3.50
CA SER F 219 23.15 33.41 2.47
C SER F 219 22.67 32.68 1.22
N LYS F 220 21.56 33.14 0.66
CA LYS F 220 20.97 32.48 -0.49
C LYS F 220 21.89 32.55 -1.69
N ILE F 221 21.96 31.45 -2.44
CA ILE F 221 22.79 31.40 -3.64
C ILE F 221 22.27 32.41 -4.64
N ALA F 222 23.14 33.31 -5.08
CA ALA F 222 22.65 34.51 -5.77
C ALA F 222 22.46 34.30 -7.26
N ILE F 223 21.79 33.22 -7.66
CA ILE F 223 21.07 33.18 -8.93
C ILE F 223 19.68 32.63 -8.68
N LEU F 224 19.60 31.45 -8.06
CA LEU F 224 18.33 30.79 -7.83
C LEU F 224 17.71 31.13 -6.48
N ASN F 225 18.34 32.00 -5.69
CA ASN F 225 17.70 32.63 -4.53
C ASN F 225 17.17 31.59 -3.54
N ILE F 226 18.10 30.81 -2.99
CA ILE F 226 17.77 29.80 -1.98
C ILE F 226 19.04 29.42 -1.25
N THR F 227 18.90 28.88 -0.04
CA THR F 227 20.04 28.47 0.78
C THR F 227 20.71 27.25 0.14
N ILE F 228 21.71 26.70 0.81
CA ILE F 228 22.26 25.42 0.36
C ILE F 228 21.65 24.25 1.13
N GLU F 229 21.32 24.43 2.42
CA GLU F 229 20.72 23.35 3.18
C GLU F 229 19.31 23.07 2.70
N ASP F 230 18.55 24.10 2.34
CA ASP F 230 17.21 23.87 1.81
C ASP F 230 17.26 23.30 0.41
N LEU F 231 18.27 23.67 -0.38
CA LEU F 231 18.46 23.02 -1.67
C LEU F 231 18.69 21.54 -1.49
N ILE F 232 19.52 21.15 -0.52
CA ILE F 232 19.74 19.73 -0.26
C ILE F 232 18.49 19.05 0.27
N LYS F 233 17.69 19.74 1.10
CA LYS F 233 16.47 19.12 1.62
C LYS F 233 15.45 18.87 0.51
N SER F 234 15.20 19.88 -0.33
CA SER F 234 14.29 19.67 -1.46
C SER F 234 14.87 18.67 -2.44
N LEU F 235 16.20 18.58 -2.53
CA LEU F 235 16.83 17.57 -3.35
C LEU F 235 16.59 16.17 -2.80
N GLU F 236 16.49 16.06 -1.48
CA GLU F 236 16.08 14.80 -0.86
C GLU F 236 14.62 14.49 -1.19
N LYS F 237 13.75 15.49 -1.13
CA LYS F 237 12.33 15.23 -1.39
C LYS F 237 12.09 14.77 -2.82
N ARG F 238 12.92 15.20 -3.76
CA ARG F 238 12.85 14.68 -5.12
C ARG F 238 13.53 13.33 -5.27
N GLU F 239 14.18 12.84 -4.21
CA GLU F 239 14.95 11.59 -4.22
C GLU F 239 15.99 11.58 -5.35
N TYR F 240 16.79 12.63 -5.37
CA TYR F 240 18.06 12.67 -6.10
C TYR F 240 19.22 12.15 -5.27
N ILE F 241 19.25 12.44 -3.97
CA ILE F 241 20.22 11.89 -3.03
C ILE F 241 19.48 11.46 -1.79
N VAL F 242 20.12 10.61 -1.00
CA VAL F 242 19.57 10.16 0.28
C VAL F 242 20.57 10.44 1.38
N ARG F 243 20.09 11.00 2.48
CA ARG F 243 20.92 11.32 3.63
C ARG F 243 20.70 10.27 4.71
N LEU F 244 21.76 9.92 5.41
CA LEU F 244 21.71 8.89 6.45
C LEU F 244 21.78 9.56 7.81
N GLU F 245 20.74 9.36 8.62
CA GLU F 245 20.61 9.98 9.93
C GLU F 245 21.19 9.07 11.00
N GLU F 246 22.02 9.64 11.88
CA GLU F 246 22.58 8.94 13.03
C GLU F 246 22.12 9.65 14.30
N LYS F 247 22.66 9.22 15.44
CA LYS F 247 22.29 9.84 16.71
C LYS F 247 23.38 9.56 17.73
N SER F 248 23.97 10.63 18.27
CA SER F 248 24.93 10.53 19.37
C SER F 248 24.71 11.73 20.28
N ASP F 249 24.22 11.48 21.49
CA ASP F 249 23.88 12.55 22.41
C ASP F 249 25.11 13.29 22.91
N THR F 250 26.26 12.61 22.96
CA THR F 250 27.47 13.23 23.48
C THR F 250 28.22 14.01 22.41
N ASP F 251 28.37 13.41 21.23
CA ASP F 251 29.14 14.03 20.15
C ASP F 251 28.26 14.83 19.20
N GLY F 252 27.30 14.18 18.57
CA GLY F 252 26.42 14.82 17.62
C GLY F 252 26.12 13.88 16.47
N GLU F 253 25.60 14.45 15.38
CA GLU F 253 25.19 13.68 14.21
C GLU F 253 26.06 14.05 13.02
N VAL F 254 26.44 13.04 12.24
CA VAL F 254 27.08 13.24 10.95
C VAL F 254 26.28 12.46 9.92
N ILE F 255 26.22 12.97 8.69
CA ILE F 255 25.36 12.42 7.66
C ILE F 255 26.16 12.27 6.37
N SER F 256 25.79 11.27 5.57
CA SER F 256 26.47 10.97 4.32
C SER F 256 25.50 11.10 3.15
N TYR F 257 26.04 11.37 1.96
CA TYR F 257 25.23 11.68 0.79
C TYR F 257 25.52 10.68 -0.33
N ARG F 258 24.80 9.56 -0.28
CA ARG F 258 24.88 8.52 -1.28
C ARG F 258 23.73 8.63 -2.27
N ILE F 259 24.01 8.25 -3.52
CA ILE F 259 23.04 8.41 -4.61
C ILE F 259 21.72 7.73 -4.26
N GLY F 260 20.63 8.40 -4.60
CA GLY F 260 19.31 7.83 -4.41
C GLY F 260 18.91 6.94 -5.57
N ARG F 261 17.63 6.96 -5.94
CA ARG F 261 17.12 6.12 -7.01
C ARG F 261 16.93 6.85 -8.31
N ARG F 262 16.47 8.11 -8.28
CA ARG F 262 16.17 8.80 -9.53
C ARG F 262 17.44 9.08 -10.32
N THR F 263 18.55 9.27 -9.63
CA THR F 263 19.82 9.54 -10.29
C THR F 263 20.45 8.26 -10.84
N GLN F 264 19.87 7.13 -10.47
CA GLN F 264 20.36 5.84 -10.93
C GLN F 264 19.58 5.37 -12.15
N ALA F 265 18.33 5.80 -12.26
CA ALA F 265 17.47 5.43 -13.38
C ALA F 265 17.47 6.49 -14.47
N GLU F 266 17.46 7.75 -14.08
CA GLU F 266 17.45 8.86 -15.04
C GLU F 266 18.85 9.38 -15.31
N LEU F 267 19.76 8.47 -15.65
CA LEU F 267 21.14 8.81 -15.95
C LEU F 267 21.78 7.64 -16.70
N GLY F 268 22.50 6.81 -15.96
CA GLY F 268 23.13 5.64 -16.56
C GLY F 268 24.60 5.77 -16.92
N LEU F 269 25.33 4.69 -16.71
CA LEU F 269 26.75 4.61 -17.01
C LEU F 269 27.01 4.82 -18.49
N GLU F 270 26.14 4.29 -19.35
CA GLU F 270 26.28 4.47 -20.79
C GLU F 270 26.23 5.93 -21.19
N SER F 271 25.71 6.81 -20.33
CA SER F 271 25.68 8.25 -20.54
C SER F 271 26.51 9.03 -19.53
N LEU F 272 26.75 8.49 -18.34
CA LEU F 272 27.74 9.09 -17.45
C LEU F 272 29.11 9.08 -18.08
N GLU F 273 29.41 8.05 -18.87
CA GLU F 273 30.63 8.07 -19.66
C GLU F 273 30.65 9.27 -20.61
N LYS F 274 29.50 9.61 -21.19
CA LYS F 274 29.43 10.77 -22.08
C LYS F 274 29.66 12.07 -21.32
N LEU F 275 28.98 12.23 -20.19
CA LEU F 275 29.15 13.44 -19.37
C LEU F 275 30.60 13.62 -18.97
N VAL F 276 31.20 12.61 -18.32
CA VAL F 276 32.57 12.73 -17.86
C VAL F 276 33.57 12.74 -19.02
N GLN F 277 33.20 12.22 -20.18
CA GLN F 277 34.05 12.34 -21.34
C GLN F 277 34.05 13.75 -21.90
N GLU F 278 32.96 14.49 -21.69
CA GLU F 278 32.94 15.88 -22.15
C GLU F 278 33.53 16.84 -21.12
N ILE F 279 33.34 16.58 -19.83
CA ILE F 279 33.87 17.47 -18.80
C ILE F 279 35.38 17.61 -18.94
N MET F 280 36.06 16.50 -19.23
CA MET F 280 37.50 16.54 -19.45
C MET F 280 37.87 17.00 -20.84
N GLY F 281 36.89 17.17 -21.73
CA GLY F 281 37.16 17.67 -23.06
C GLY F 281 38.08 16.80 -23.89
N LEU F 282 38.33 15.57 -23.45
CA LEU F 282 39.17 14.65 -24.20
C LEU F 282 38.32 13.86 -25.19
N GLU F 283 38.82 13.74 -26.41
CA GLU F 283 38.03 13.11 -27.45
C GLU F 283 38.08 11.58 -27.35
N LYS F 284 37.51 10.92 -28.35
CA LYS F 284 37.23 9.48 -28.31
C LYS F 284 38.46 8.60 -28.24
N GLU F 285 39.67 9.13 -28.45
CA GLU F 285 40.84 8.28 -28.43
C GLU F 285 41.29 7.97 -27.01
N GLN F 286 41.50 8.99 -26.19
CA GLN F 286 42.00 8.79 -24.83
C GLN F 286 40.86 8.64 -23.83
N THR F 287 39.89 7.76 -24.14
CA THR F 287 38.78 7.53 -23.23
C THR F 287 38.37 6.06 -23.15
N LYS F 288 39.15 5.14 -23.72
CA LYS F 288 38.75 3.74 -23.75
C LYS F 288 38.68 3.16 -22.34
N SER F 289 39.52 3.64 -21.44
CA SER F 289 39.58 3.08 -20.09
C SER F 289 38.43 3.54 -19.20
N LEU F 290 37.68 4.57 -19.62
CA LEU F 290 36.75 5.25 -18.72
C LEU F 290 35.76 4.30 -18.06
N HIS F 291 35.35 3.23 -18.76
CA HIS F 291 34.42 2.28 -18.18
C HIS F 291 34.96 1.70 -16.86
N ASP F 292 36.07 0.97 -16.94
CA ASP F 292 36.62 0.36 -15.74
C ASP F 292 37.20 1.41 -14.79
N ASP F 293 37.74 2.51 -15.32
CA ASP F 293 38.23 3.58 -14.45
C ASP F 293 37.13 4.09 -13.53
N ILE F 294 35.94 4.33 -14.10
CA ILE F 294 34.81 4.76 -13.28
C ILE F 294 34.37 3.64 -12.36
N ILE F 295 34.27 2.42 -12.89
CA ILE F 295 33.65 1.32 -12.15
C ILE F 295 34.45 0.98 -10.91
N LYS F 296 35.78 0.97 -11.02
CA LYS F 296 36.61 0.68 -9.84
C LYS F 296 36.78 1.88 -8.93
N SER F 297 36.04 2.97 -9.17
CA SER F 297 36.01 4.12 -8.27
C SER F 297 34.59 4.52 -7.89
N ILE F 298 33.58 3.80 -8.37
CA ILE F 298 32.18 4.19 -8.24
C ILE F 298 31.31 3.05 -7.76
N GLY F 299 31.90 1.87 -7.50
CA GLY F 299 31.24 0.58 -7.45
C GLY F 299 29.83 0.46 -6.90
N ASP F 300 29.61 0.84 -5.64
CA ASP F 300 28.35 0.61 -4.97
C ASP F 300 27.35 1.76 -5.15
N SER F 301 27.46 2.50 -6.25
CA SER F 301 26.51 3.56 -6.59
C SER F 301 25.44 3.10 -7.56
N TYR F 302 25.84 2.43 -8.64
CA TYR F 302 24.88 1.85 -9.57
C TYR F 302 24.38 0.51 -9.04
N SER F 303 23.92 0.49 -7.81
CA SER F 303 23.43 -0.72 -7.15
C SER F 303 21.97 -0.50 -6.75
N ILE F 304 21.43 -1.46 -6.01
CA ILE F 304 20.06 -1.35 -5.56
C ILE F 304 20.03 -1.21 -4.04
N ASP G 43 20.66 -22.09 35.95
CA ASP G 43 21.21 -20.99 36.73
C ASP G 43 20.65 -19.64 36.27
N PRO G 44 19.77 -19.04 37.08
CA PRO G 44 19.13 -17.79 36.66
C PRO G 44 20.03 -16.56 36.77
N GLN G 45 20.90 -16.51 37.78
CA GLN G 45 21.69 -15.31 38.04
C GLN G 45 22.61 -15.00 36.88
N LEU G 46 23.25 -16.03 36.32
CA LEU G 46 24.10 -15.85 35.16
C LEU G 46 23.33 -15.27 33.98
N GLU G 47 22.11 -15.77 33.76
CA GLU G 47 21.29 -15.24 32.66
C GLU G 47 20.94 -13.78 32.91
N PHE G 48 20.58 -13.45 34.15
CA PHE G 48 20.24 -12.06 34.49
C PHE G 48 21.41 -11.14 34.16
N LYS G 49 22.60 -11.48 34.65
CA LYS G 49 23.72 -10.57 34.52
C LYS G 49 24.21 -10.49 33.08
N VAL G 50 24.18 -11.61 32.35
CA VAL G 50 24.62 -11.56 30.96
C VAL G 50 23.60 -10.82 30.10
N LEU G 51 22.32 -10.84 30.49
CA LEU G 51 21.34 -10.01 29.81
C LEU G 51 21.61 -8.54 30.06
N GLN G 52 21.97 -8.18 31.29
CA GLN G 52 22.36 -6.80 31.58
C GLN G 52 23.55 -6.39 30.73
N GLY G 53 24.53 -7.29 30.56
CA GLY G 53 25.69 -6.97 29.74
C GLY G 53 25.32 -6.77 28.28
N TYR G 54 24.45 -7.63 27.75
CA TYR G 54 23.93 -7.43 26.41
C TYR G 54 23.25 -6.08 26.25
N ARG G 55 22.44 -5.69 27.24
CA ARG G 55 21.78 -4.38 27.17
C ARG G 55 22.80 -3.25 27.16
N ASP G 56 23.85 -3.36 27.97
CA ASP G 56 24.87 -2.32 28.00
C ASP G 56 25.57 -2.20 26.66
N LEU G 57 25.93 -3.33 26.05
CA LEU G 57 26.61 -3.26 24.76
C LEU G 57 25.70 -2.68 23.69
N GLU G 58 24.42 -3.05 23.72
CA GLU G 58 23.48 -2.48 22.75
C GLU G 58 23.29 -0.98 22.98
N SER G 59 23.43 -0.53 24.23
CA SER G 59 23.34 0.90 24.50
C SER G 59 24.52 1.65 23.90
N GLU G 60 25.73 1.15 24.11
CA GLU G 60 26.90 1.86 23.58
C GLU G 60 27.08 1.65 22.08
N MET G 61 26.29 0.74 21.48
CA MET G 61 26.42 0.47 20.06
C MET G 61 26.20 1.71 19.19
N HIS G 62 25.35 2.64 19.61
CA HIS G 62 25.09 3.80 18.76
C HIS G 62 26.31 4.71 18.69
N LYS G 63 26.98 4.93 19.82
CA LYS G 63 28.24 5.67 19.80
C LYS G 63 29.28 4.94 18.98
N GLY G 64 29.31 3.62 19.08
CA GLY G 64 30.20 2.84 18.23
C GLY G 64 29.93 3.08 16.75
N ARG G 65 28.66 3.08 16.36
CA ARG G 65 28.33 3.24 14.95
C ARG G 65 28.68 4.63 14.45
N ALA G 66 28.41 5.65 15.26
CA ALA G 66 28.79 7.00 14.86
C ALA G 66 30.30 7.12 14.71
N GLN G 67 31.06 6.52 15.63
CA GLN G 67 32.51 6.57 15.58
C GLN G 67 33.04 5.92 14.30
N VAL G 68 32.50 4.74 13.95
CA VAL G 68 32.99 4.09 12.74
C VAL G 68 32.50 4.83 11.50
N THR G 69 31.36 5.51 11.59
CA THR G 69 30.88 6.29 10.46
C THR G 69 31.81 7.47 10.17
N ARG G 70 32.35 8.09 11.21
CA ARG G 70 33.19 9.26 11.01
C ARG G 70 34.57 8.86 10.51
N THR G 71 35.26 8.00 11.25
CA THR G 71 36.68 7.75 11.00
C THR G 71 36.90 6.75 9.87
N GLY G 72 36.43 5.52 10.05
CA GLY G 72 36.67 4.46 9.07
C GLY G 72 37.62 3.41 9.59
N ASP G 73 37.58 3.15 10.89
CA ASP G 73 38.49 2.22 11.55
C ASP G 73 37.74 0.99 12.02
N ILE G 74 38.29 -0.18 11.70
CA ILE G 74 37.60 -1.45 11.96
C ILE G 74 37.68 -1.87 13.41
N GLY G 75 38.68 -1.37 14.16
CA GLY G 75 38.92 -1.89 15.50
C GLY G 75 37.74 -1.79 16.45
N VAL G 76 36.80 -0.89 16.15
CA VAL G 76 35.59 -0.81 16.96
C VAL G 76 34.65 -1.97 16.66
N ALA G 77 34.75 -2.58 15.49
CA ALA G 77 33.96 -3.78 15.22
C ALA G 77 34.46 -4.99 15.99
N MET G 78 35.69 -4.94 16.51
CA MET G 78 36.26 -6.05 17.26
C MET G 78 36.33 -5.79 18.76
N ASP G 79 36.47 -4.53 19.17
CA ASP G 79 36.46 -4.21 20.59
C ASP G 79 35.18 -4.66 21.25
N ASN G 80 34.07 -4.63 20.51
CA ASN G 80 32.80 -5.16 21.00
C ASN G 80 32.58 -6.61 20.59
N LEU G 81 33.24 -7.07 19.52
CA LEU G 81 33.13 -8.47 19.16
C LEU G 81 33.73 -9.37 20.23
N ASN G 82 34.84 -8.95 20.83
CA ASN G 82 35.41 -9.70 21.94
C ASN G 82 34.43 -9.77 23.11
N ALA G 83 33.78 -8.64 23.41
CA ALA G 83 32.84 -8.62 24.53
C ALA G 83 31.61 -9.46 24.25
N VAL G 84 31.13 -9.48 23.01
CA VAL G 84 29.93 -10.26 22.71
C VAL G 84 30.26 -11.76 22.67
N ASP G 85 31.45 -12.11 22.20
CA ASP G 85 31.89 -13.50 22.28
C ASP G 85 32.02 -13.93 23.73
N SER G 86 32.57 -13.06 24.58
CA SER G 86 32.64 -13.34 26.00
C SER G 86 31.26 -13.60 26.56
N LEU G 87 30.35 -12.63 26.43
CA LEU G 87 29.00 -12.75 26.98
C LEU G 87 28.24 -13.91 26.36
N PHE G 88 28.61 -14.36 25.17
CA PHE G 88 27.96 -15.53 24.61
C PHE G 88 28.44 -16.80 25.31
N ASN G 89 29.75 -16.97 25.41
CA ASN G 89 30.27 -18.19 26.02
C ASN G 89 30.12 -18.21 27.54
N LYS G 90 29.80 -17.07 28.17
CA LYS G 90 29.74 -17.03 29.63
C LYS G 90 28.58 -17.85 30.18
N VAL G 91 27.70 -18.35 29.32
CA VAL G 91 26.54 -19.09 29.78
C VAL G 91 26.64 -20.53 29.30
N ILE G 92 26.64 -21.48 30.24
CA ILE G 92 26.95 -22.86 29.94
C ILE G 92 25.95 -23.85 30.56
N GLY G 93 25.11 -23.40 31.50
CA GLY G 93 24.27 -24.36 32.19
C GLY G 93 22.83 -24.43 31.70
N ILE G 94 22.19 -23.28 31.50
CA ILE G 94 20.93 -23.26 30.79
C ILE G 94 21.11 -22.53 29.46
N LYS G 95 20.59 -23.12 28.40
CA LYS G 95 20.55 -22.47 27.09
C LYS G 95 19.18 -21.81 26.87
N ASN G 96 19.02 -20.66 27.50
CA ASN G 96 17.77 -19.91 27.63
C ASN G 96 17.58 -19.02 26.41
N ASN G 97 16.49 -19.23 25.68
CA ASN G 97 16.16 -18.36 24.57
C ASN G 97 15.92 -16.93 25.05
N GLY G 98 15.97 -16.00 24.11
CA GLY G 98 15.86 -14.60 24.42
C GLY G 98 17.24 -13.98 24.53
N LEU G 99 18.14 -14.68 25.23
CA LEU G 99 19.53 -14.25 25.23
C LEU G 99 20.16 -14.48 23.86
N PHE G 100 19.82 -15.60 23.23
CA PHE G 100 20.22 -15.79 21.84
C PHE G 100 19.60 -14.73 20.95
N ALA G 101 18.41 -14.23 21.29
CA ALA G 101 17.80 -13.18 20.47
C ALA G 101 18.57 -11.87 20.57
N HIS G 102 18.88 -11.45 21.80
CA HIS G 102 19.74 -10.29 21.98
C HIS G 102 21.07 -10.48 21.25
N ASP G 103 21.56 -11.71 21.28
CA ASP G 103 22.82 -12.03 20.62
C ASP G 103 22.67 -11.85 19.11
N ALA G 104 21.54 -12.27 18.56
CA ALA G 104 21.30 -12.12 17.13
C ALA G 104 21.26 -10.65 16.73
N ARG G 105 20.60 -9.83 17.55
CA ARG G 105 20.61 -8.40 17.28
C ARG G 105 22.01 -7.82 17.36
N ALA G 106 22.79 -8.23 18.37
CA ALA G 106 24.16 -7.78 18.47
C ALA G 106 24.98 -8.23 17.27
N MET G 107 24.71 -9.42 16.76
CA MET G 107 25.49 -9.94 15.64
C MET G 107 25.18 -9.19 14.34
N VAL G 108 23.90 -8.91 14.09
CA VAL G 108 23.59 -8.13 12.90
C VAL G 108 24.15 -6.73 13.03
N SER G 109 24.19 -6.19 14.24
CA SER G 109 24.79 -4.87 14.43
C SER G 109 26.29 -4.89 14.16
N ILE G 110 26.99 -5.92 14.63
CA ILE G 110 28.43 -6.00 14.42
C ILE G 110 28.73 -6.15 12.93
N SER G 111 27.95 -6.98 12.24
CA SER G 111 28.13 -7.10 10.79
C SER G 111 27.83 -5.79 10.10
N GLU G 112 26.90 -5.00 10.65
CA GLU G 112 26.61 -3.70 10.06
C GLU G 112 27.77 -2.74 10.22
N LEU G 113 28.41 -2.73 11.39
CA LEU G 113 29.59 -1.91 11.59
C LEU G 113 30.71 -2.35 10.67
N ALA G 114 30.84 -3.67 10.46
CA ALA G 114 31.82 -4.18 9.50
C ALA G 114 31.52 -3.68 8.09
N GLN G 115 30.24 -3.62 7.73
CA GLN G 115 29.85 -3.10 6.42
C GLN G 115 30.23 -1.63 6.28
N ILE G 116 29.90 -0.82 7.28
CA ILE G 116 30.22 0.60 7.26
C ILE G 116 31.73 0.80 7.11
N SER G 117 32.51 -0.03 7.80
CA SER G 117 33.95 0.12 7.76
C SER G 117 34.53 -0.35 6.42
N VAL G 118 34.01 -1.46 5.89
CA VAL G 118 34.56 -1.99 4.65
C VAL G 118 34.21 -1.10 3.47
N ARG G 119 33.16 -0.30 3.57
CA ARG G 119 32.90 0.63 2.47
C ARG G 119 33.92 1.76 2.41
N ASN G 120 34.67 2.02 3.49
CA ASN G 120 35.46 3.24 3.60
C ASN G 120 36.94 3.04 3.26
N LEU G 121 37.25 2.16 2.33
CA LEU G 121 38.62 2.00 1.85
C LEU G 121 38.79 2.74 0.54
N LYS G 122 39.92 3.42 0.38
CA LYS G 122 40.18 4.22 -0.81
C LYS G 122 41.62 4.00 -1.28
N PHE G 123 41.78 3.39 -2.44
CA PHE G 123 43.09 3.18 -3.06
C PHE G 123 43.21 4.07 -4.29
N ASP G 124 43.95 5.15 -4.17
CA ASP G 124 44.08 6.13 -5.25
C ASP G 124 45.30 5.81 -6.08
N ASP G 125 45.16 5.92 -7.39
CA ASP G 125 46.26 5.75 -8.32
C ASP G 125 46.83 7.11 -8.72
N SER G 126 47.99 7.07 -9.38
CA SER G 126 48.54 8.25 -10.01
C SER G 126 48.17 8.37 -11.48
N ARG G 127 47.79 7.26 -12.12
CA ARG G 127 47.43 7.25 -13.52
C ARG G 127 45.94 7.42 -13.76
N SER G 128 45.09 6.80 -12.95
CA SER G 128 43.65 6.82 -13.17
C SER G 128 43.12 8.25 -13.21
N MET G 129 42.69 8.69 -14.39
CA MET G 129 42.27 10.07 -14.59
C MET G 129 40.79 10.27 -14.29
N VAL G 130 40.34 9.73 -13.14
CA VAL G 130 39.00 9.98 -12.63
C VAL G 130 39.00 10.26 -11.14
N ASN G 131 40.17 10.42 -10.51
CA ASN G 131 40.21 10.73 -9.09
C ASN G 131 39.54 12.06 -8.80
N LEU G 132 39.17 12.25 -7.54
CA LEU G 132 38.29 13.36 -7.15
C LEU G 132 38.89 14.71 -7.51
N GLU G 133 40.06 15.03 -6.95
CA GLU G 133 40.71 16.30 -7.25
C GLU G 133 41.28 16.39 -8.65
N ASN G 134 40.96 15.47 -9.56
CA ASN G 134 41.23 15.65 -10.97
C ASN G 134 39.97 15.78 -11.80
N ILE G 135 38.80 15.49 -11.23
CA ILE G 135 37.55 15.74 -11.93
C ILE G 135 36.82 16.96 -11.39
N VAL G 136 37.02 17.34 -10.13
CA VAL G 136 36.45 18.61 -9.69
C VAL G 136 37.19 19.75 -10.34
N ASN G 137 38.49 19.57 -10.59
CA ASN G 137 39.29 20.52 -11.34
C ASN G 137 39.16 20.33 -12.84
N SER G 138 38.15 19.61 -13.29
CA SER G 138 37.72 19.65 -14.67
C SER G 138 36.30 20.15 -14.81
N LEU G 139 35.43 19.88 -13.83
CA LEU G 139 34.20 20.64 -13.70
C LEU G 139 34.51 22.13 -13.64
N LYS G 140 35.42 22.51 -12.75
CA LYS G 140 35.87 23.90 -12.64
C LYS G 140 36.73 24.33 -13.81
N ARG G 141 36.91 23.47 -14.81
CA ARG G 141 37.45 23.85 -16.10
C ARG G 141 36.35 24.16 -17.10
N TYR G 142 35.34 23.31 -17.18
CA TYR G 142 34.31 23.48 -18.21
C TYR G 142 33.35 24.60 -17.87
N MET G 143 33.05 24.80 -16.59
CA MET G 143 32.14 25.86 -16.18
C MET G 143 32.75 27.26 -16.30
N LEU G 144 33.93 27.42 -16.92
CA LEU G 144 34.45 28.77 -17.09
C LEU G 144 35.15 29.02 -18.43
N LYS G 145 34.95 28.19 -19.45
CA LYS G 145 35.57 28.50 -20.74
C LYS G 145 35.07 29.83 -21.29
N GLU G 146 33.77 30.08 -21.16
CA GLU G 146 33.22 31.37 -21.54
C GLU G 146 33.72 32.48 -20.64
N HIS G 147 34.03 32.18 -19.38
CA HIS G 147 34.60 33.19 -18.50
C HIS G 147 36.00 33.61 -18.96
N PHE G 148 36.82 32.63 -19.34
CA PHE G 148 38.15 32.94 -19.86
C PHE G 148 38.07 33.65 -21.20
N LYS G 149 37.03 33.38 -22.00
CA LYS G 149 36.90 34.16 -23.23
C LYS G 149 36.28 35.53 -23.01
N LEU G 150 35.53 35.71 -21.91
CA LEU G 150 34.87 36.99 -21.64
C LEU G 150 35.84 37.98 -21.00
N ASN G 151 36.42 37.62 -19.86
CA ASN G 151 37.41 38.50 -19.24
C ASN G 151 38.75 38.46 -19.94
N ASN G 152 38.86 37.72 -21.04
CA ASN G 152 40.04 37.71 -21.91
C ASN G 152 41.31 37.35 -21.15
N ILE G 153 41.18 36.55 -20.10
CA ILE G 153 42.33 36.04 -19.36
C ILE G 153 42.63 34.67 -19.95
N ALA G 154 43.46 34.65 -20.98
CA ALA G 154 43.73 33.45 -21.75
C ALA G 154 44.53 32.46 -20.92
N GLU G 155 44.50 31.20 -21.36
CA GLU G 155 45.18 30.11 -20.67
C GLU G 155 46.04 29.33 -21.65
N ASN G 156 47.21 28.91 -21.19
CA ASN G 156 48.17 28.20 -22.03
C ASN G 156 48.30 26.75 -21.58
N ARG G 157 49.18 26.02 -22.26
CA ARG G 157 49.46 24.62 -21.96
C ARG G 157 50.60 24.57 -20.95
N ASN G 158 50.30 24.14 -19.73
CA ASN G 158 51.33 23.95 -18.72
C ASN G 158 51.60 22.46 -18.49
N ALA G 192 43.14 -0.96 -24.67
CA ALA G 192 43.44 -1.31 -23.29
C ALA G 192 44.83 -0.84 -22.90
N THR G 193 44.95 0.43 -22.52
CA THR G 193 46.25 1.03 -22.23
C THR G 193 46.85 0.55 -20.91
N SER G 194 46.14 -0.27 -20.15
CA SER G 194 46.56 -0.89 -18.90
C SER G 194 46.81 0.11 -17.77
N SER G 195 46.65 1.41 -18.02
CA SER G 195 46.70 2.45 -17.00
C SER G 195 48.03 2.43 -16.23
N PHE G 196 49.10 2.78 -16.94
CA PHE G 196 50.43 2.74 -16.34
C PHE G 196 50.80 4.03 -15.61
N LYS G 197 50.89 5.15 -16.34
CA LYS G 197 51.37 6.40 -15.74
C LYS G 197 50.98 7.58 -16.61
N ALA G 198 50.23 8.52 -16.04
CA ALA G 198 49.97 9.82 -16.68
C ALA G 198 49.62 10.81 -15.56
N THR G 199 50.58 11.62 -15.17
CA THR G 199 50.27 12.59 -14.13
C THR G 199 50.57 14.02 -14.52
N SER G 200 51.64 14.28 -15.26
CA SER G 200 51.93 15.66 -15.66
C SER G 200 51.31 16.01 -17.00
N MET G 201 50.06 15.62 -17.19
CA MET G 201 49.18 16.18 -18.20
C MET G 201 47.76 16.37 -17.69
N ARG G 202 47.35 15.65 -16.66
CA ARG G 202 46.00 15.77 -16.10
C ARG G 202 46.04 16.13 -14.63
N HIS G 203 47.20 16.44 -14.08
CA HIS G 203 47.27 17.13 -12.80
C HIS G 203 48.29 18.26 -12.85
N SER G 204 48.98 18.45 -13.96
CA SER G 204 49.91 19.56 -14.11
C SER G 204 49.17 20.86 -14.38
N TYR G 205 48.42 20.92 -15.48
CA TYR G 205 47.73 22.15 -15.84
C TYR G 205 46.22 22.08 -15.66
N LEU G 206 45.66 20.95 -15.26
CA LEU G 206 44.29 20.93 -14.80
C LEU G 206 44.18 21.18 -13.32
N GLN G 207 45.17 21.80 -12.70
CA GLN G 207 45.09 22.17 -11.29
C GLN G 207 45.24 23.66 -11.05
N GLN G 208 45.58 24.43 -12.07
CA GLN G 208 45.68 25.89 -11.94
C GLN G 208 44.32 26.55 -11.78
N PHE G 209 43.24 25.85 -12.11
CA PHE G 209 41.89 26.38 -11.96
C PHE G 209 41.33 26.01 -10.58
N SER G 210 42.04 26.38 -9.51
CA SER G 210 41.69 25.87 -8.18
C SER G 210 41.66 26.96 -7.12
N HIS G 211 41.59 28.23 -7.51
CA HIS G 211 41.54 29.31 -6.52
C HIS G 211 40.36 30.26 -6.73
N TYR G 212 39.40 29.92 -7.58
CA TYR G 212 38.17 30.68 -7.69
C TYR G 212 37.18 30.20 -6.65
N ASN G 213 36.69 31.10 -5.82
CA ASN G 213 35.70 30.73 -4.81
C ASN G 213 34.61 31.78 -4.70
N GLU G 214 34.12 32.27 -5.85
CA GLU G 214 32.95 33.13 -5.87
C GLU G 214 31.97 32.61 -6.92
N PHE G 215 30.68 32.64 -6.59
CA PHE G 215 29.66 31.96 -7.38
C PHE G 215 29.56 32.55 -8.78
N SER G 216 29.60 33.88 -8.89
CA SER G 216 29.21 34.57 -10.10
C SER G 216 30.20 34.41 -11.25
N GLN G 217 31.28 33.66 -11.05
CA GLN G 217 32.32 33.57 -12.06
C GLN G 217 32.10 32.42 -13.03
N PHE G 218 31.37 31.39 -12.61
CA PHE G 218 31.17 30.19 -13.40
C PHE G 218 29.85 30.26 -14.15
N ASN G 219 29.83 29.80 -15.41
CA ASN G 219 28.56 29.80 -16.13
C ASN G 219 27.79 28.55 -15.74
N TRP G 220 27.11 28.62 -14.61
CA TRP G 220 26.28 27.50 -14.19
C TRP G 220 25.09 27.25 -15.13
N PHE G 221 24.99 28.03 -16.20
CA PHE G 221 24.11 27.74 -17.32
C PHE G 221 24.81 26.94 -18.40
N ARG G 222 25.87 26.19 -18.03
CA ARG G 222 26.49 25.27 -18.97
C ARG G 222 26.80 23.91 -18.37
N ILE G 223 26.65 23.74 -17.05
CA ILE G 223 26.62 22.41 -16.45
C ILE G 223 25.31 22.36 -15.66
N GLY G 224 24.33 23.10 -16.17
CA GLY G 224 22.95 22.84 -15.87
C GLY G 224 22.30 22.33 -17.13
N ALA G 225 22.82 22.79 -18.28
CA ALA G 225 22.36 22.35 -19.59
C ALA G 225 23.31 21.33 -20.21
N LEU G 226 24.13 20.68 -19.41
CA LEU G 226 24.81 19.46 -19.81
C LEU G 226 24.30 18.28 -19.00
N TYR G 227 23.39 18.51 -18.08
CA TYR G 227 22.63 17.46 -17.43
C TYR G 227 21.23 17.31 -18.01
N ASN G 228 20.76 18.26 -18.81
CA ASN G 228 19.42 18.19 -19.38
C ASN G 228 19.38 17.59 -20.77
N THR G 229 20.46 17.69 -21.54
CA THR G 229 20.54 17.04 -22.85
C THR G 229 21.53 15.90 -22.89
N ILE G 230 21.97 15.41 -21.73
CA ILE G 230 22.77 14.20 -21.62
C ILE G 230 22.07 13.14 -20.78
N SER G 231 21.44 13.55 -19.69
CA SER G 231 20.63 12.65 -18.90
C SER G 231 19.30 12.40 -19.59
N LYS G 232 18.35 11.84 -18.86
CA LYS G 232 17.06 11.52 -19.44
C LYS G 232 15.97 12.28 -18.70
N ASN G 233 16.17 13.59 -18.51
CA ASN G 233 15.18 14.44 -17.87
C ASN G 233 13.88 14.45 -18.69
N ALA G 234 12.78 14.76 -18.00
CA ALA G 234 11.44 14.74 -18.60
C ALA G 234 10.98 16.16 -18.87
N PRO G 235 11.22 16.72 -20.06
CA PRO G 235 10.97 18.14 -20.31
C PRO G 235 9.52 18.47 -20.68
N ILE G 236 8.68 18.67 -19.67
CA ILE G 236 7.30 19.09 -19.92
C ILE G 236 7.14 20.53 -19.43
N THR G 237 6.21 21.25 -20.06
CA THR G 237 5.99 22.66 -19.84
C THR G 237 4.75 22.91 -18.99
N ASP G 238 4.44 24.19 -18.83
CA ASP G 238 3.39 24.65 -17.92
C ASP G 238 2.26 25.25 -18.75
N HIS G 239 1.05 24.71 -18.55
CA HIS G 239 -0.13 25.14 -19.29
C HIS G 239 -1.04 25.92 -18.37
N LEU G 240 -1.65 26.97 -18.90
CA LEU G 240 -2.44 27.90 -18.10
C LEU G 240 -3.93 27.87 -18.41
N MET G 241 -4.35 27.15 -19.45
CA MET G 241 -5.78 27.03 -19.70
C MET G 241 -6.49 26.26 -18.59
N GLY G 242 -5.81 25.27 -18.02
CA GLY G 242 -6.39 24.47 -16.97
C GLY G 242 -6.38 25.11 -15.59
N PRO G 243 -5.18 25.36 -15.03
CA PRO G 243 -5.12 25.75 -13.61
C PRO G 243 -5.72 27.11 -13.34
N LEU G 244 -5.84 27.96 -14.35
CA LEU G 244 -6.43 29.27 -14.13
C LEU G 244 -7.92 29.19 -13.85
N SER G 245 -8.56 28.08 -14.18
CA SER G 245 -10.00 27.90 -14.00
C SER G 245 -10.32 26.95 -12.87
N ILE G 246 -9.55 26.94 -11.80
CA ILE G 246 -9.89 26.14 -10.64
C ILE G 246 -10.83 26.94 -9.76
N GLU G 247 -11.45 26.26 -8.80
CA GLU G 247 -12.37 26.91 -7.89
C GLU G 247 -11.64 27.47 -6.69
N LYS G 248 -12.18 28.55 -6.13
CA LYS G 248 -11.66 29.08 -4.88
C LYS G 248 -12.16 28.24 -3.71
N LYS G 249 -11.54 28.44 -2.55
CA LYS G 249 -11.83 27.64 -1.35
C LYS G 249 -12.19 28.56 -0.18
N PRO G 250 -13.44 29.00 -0.09
CA PRO G 250 -13.92 29.63 1.15
C PRO G 250 -14.59 28.64 2.11
N ARG G 251 -13.94 27.49 2.28
CA ARG G 251 -14.47 26.41 3.10
C ARG G 251 -13.81 26.26 4.47
N VAL G 252 -13.65 27.37 5.18
CA VAL G 252 -13.09 27.33 6.53
C VAL G 252 -13.98 26.41 7.36
N LEU G 253 -13.35 25.51 8.10
CA LEU G 253 -14.04 24.42 8.78
C LEU G 253 -15.02 24.96 9.81
N THR G 254 -15.92 24.07 10.24
CA THR G 254 -16.98 24.44 11.17
C THR G 254 -16.41 24.66 12.56
N GLN G 255 -16.78 25.78 13.18
CA GLN G 255 -16.46 26.00 14.58
C GLN G 255 -17.36 25.14 15.46
N ARG G 256 -16.73 24.46 16.42
CA ARG G 256 -17.40 23.55 17.35
C ARG G 256 -18.15 22.45 16.59
N ARG G 257 -17.39 21.64 15.86
CA ARG G 257 -17.94 20.40 15.33
C ARG G 257 -18.41 19.55 16.51
N ARG G 258 -17.46 19.18 17.37
CA ARG G 258 -17.77 18.68 18.71
C ARG G 258 -16.52 18.89 19.56
N ASN G 259 -16.59 19.85 20.48
CA ASN G 259 -15.50 20.08 21.42
C ASN G 259 -16.03 20.03 22.85
N ASN G 260 -15.10 19.89 23.79
CA ASN G 260 -15.36 19.94 25.22
C ASN G 260 -16.38 18.90 25.66
N ASP G 261 -16.05 17.63 25.41
CA ASP G 261 -16.85 16.55 25.98
C ASP G 261 -16.47 16.35 27.44
N GLN G 262 -15.26 15.84 27.67
CA GLN G 262 -14.56 15.80 28.97
C GLN G 262 -15.50 15.45 30.12
N VAL G 263 -16.37 14.48 29.88
CA VAL G 263 -17.54 14.28 30.73
C VAL G 263 -17.42 13.04 31.61
N GLY G 264 -16.39 12.22 31.42
CA GLY G 264 -16.23 10.94 32.10
C GLY G 264 -16.42 11.00 33.60
N GLU G 265 -17.48 10.36 34.09
CA GLU G 265 -17.94 10.55 35.45
C GLU G 265 -17.01 9.86 36.44
N LYS G 266 -16.33 10.67 37.26
CA LYS G 266 -15.38 10.14 38.24
C LYS G 266 -16.16 9.60 39.44
N ILE G 267 -16.71 8.40 39.25
CA ILE G 267 -17.35 7.66 40.33
C ILE G 267 -16.49 6.51 40.82
N THR G 285 -24.09 -28.19 44.23
CA THR G 285 -23.30 -29.30 43.73
C THR G 285 -23.28 -29.51 42.22
N PRO G 286 -22.58 -28.63 41.48
CA PRO G 286 -22.63 -28.70 40.01
C PRO G 286 -22.00 -29.96 39.43
N GLU G 287 -20.73 -30.22 39.73
CA GLU G 287 -20.07 -31.38 39.15
C GLU G 287 -20.61 -32.67 39.75
N GLN G 288 -20.35 -32.88 41.04
CA GLN G 288 -21.06 -33.84 41.91
C GLN G 288 -21.29 -35.20 41.24
N VAL G 289 -20.30 -35.65 40.49
CA VAL G 289 -20.35 -36.99 39.94
C VAL G 289 -19.99 -38.02 41.00
N LYS G 290 -19.07 -37.68 41.90
CA LYS G 290 -18.63 -38.61 42.94
C LYS G 290 -19.67 -38.83 44.03
N LYS G 291 -20.71 -38.01 44.10
CA LYS G 291 -21.76 -38.27 45.09
C LYS G 291 -22.49 -39.56 44.79
N CYS G 292 -22.81 -39.82 43.52
CA CYS G 292 -23.45 -41.07 43.16
C CYS G 292 -22.54 -42.26 43.45
N PHE G 293 -21.24 -42.09 43.25
CA PHE G 293 -20.30 -43.19 43.48
C PHE G 293 -20.14 -43.45 44.97
N LYS G 294 -20.14 -42.39 45.78
CA LYS G 294 -20.06 -42.52 47.23
C LYS G 294 -21.37 -42.96 47.85
N LYS G 295 -22.48 -42.88 47.11
CA LYS G 295 -23.69 -43.57 47.52
C LYS G 295 -23.68 -45.03 47.11
N LEU G 296 -23.19 -45.33 45.90
CA LEU G 296 -23.13 -46.69 45.40
C LEU G 296 -22.24 -47.57 46.27
N SER G 297 -20.94 -47.25 46.33
CA SER G 297 -20.05 -48.07 47.14
C SER G 297 -19.97 -47.56 48.57
N LYS G 298 -21.13 -47.23 49.13
CA LYS G 298 -21.36 -47.14 50.58
C LYS G 298 -22.70 -47.71 51.00
N LYS G 299 -23.69 -47.78 50.12
CA LYS G 299 -25.01 -48.29 50.43
C LYS G 299 -25.37 -49.56 49.67
N LEU G 300 -25.02 -49.64 48.39
CA LEU G 300 -25.37 -50.80 47.58
C LEU G 300 -24.49 -52.00 47.89
N GLY G 301 -23.17 -51.83 47.74
CA GLY G 301 -22.25 -52.92 47.90
C GLY G 301 -21.31 -53.03 46.72
N PRO G 302 -20.08 -53.47 46.97
CA PRO G 302 -19.06 -53.47 45.92
C PRO G 302 -19.37 -54.36 44.73
N GLU G 303 -20.37 -55.24 44.82
CA GLU G 303 -20.82 -56.01 43.67
C GLU G 303 -22.34 -56.10 43.63
N GLY G 304 -23.02 -55.01 43.99
CA GLY G 304 -24.47 -54.98 43.97
C GLY G 304 -25.02 -54.52 42.63
N SER G 305 -26.30 -54.79 42.41
CA SER G 305 -26.93 -54.53 41.12
C SER G 305 -28.29 -53.89 41.31
N ILE G 306 -28.52 -52.79 40.59
CA ILE G 306 -29.82 -52.14 40.49
C ILE G 306 -30.05 -51.78 39.03
N ASN G 307 -31.21 -51.19 38.75
CA ASN G 307 -31.67 -50.95 37.38
C ASN G 307 -32.13 -49.51 37.22
N LEU G 308 -32.57 -49.20 35.98
CA LEU G 308 -33.50 -48.09 35.78
C LEU G 308 -34.71 -48.22 36.67
N PHE G 309 -35.13 -49.46 36.95
CA PHE G 309 -36.27 -49.75 37.81
C PHE G 309 -36.04 -49.25 39.23
N LYS G 310 -34.81 -48.84 39.58
CA LYS G 310 -34.48 -48.47 40.94
C LYS G 310 -33.73 -47.15 41.09
N PHE G 311 -33.02 -46.67 40.08
CA PHE G 311 -32.05 -45.58 40.29
C PHE G 311 -32.48 -44.26 39.65
N ILE G 312 -32.71 -44.22 38.35
CA ILE G 312 -32.96 -42.96 37.67
C ILE G 312 -34.30 -42.35 38.06
N ILE G 313 -35.22 -43.18 38.54
CA ILE G 313 -36.58 -42.79 38.89
C ILE G 313 -36.60 -41.80 40.04
N ASP G 314 -37.69 -41.03 40.15
CA ASP G 314 -37.94 -40.14 41.28
C ASP G 314 -39.45 -39.97 41.38
N PRO G 315 -40.03 -40.10 42.58
CA PRO G 315 -41.49 -40.10 42.70
C PRO G 315 -42.13 -38.72 42.71
N ASN G 316 -41.36 -37.65 42.79
CA ASN G 316 -41.92 -36.31 42.85
C ASN G 316 -41.50 -35.41 41.70
N SER G 317 -40.23 -35.40 41.35
CA SER G 317 -39.70 -34.47 40.37
C SER G 317 -39.24 -35.19 39.11
N PHE G 318 -39.02 -34.40 38.06
CA PHE G 318 -38.41 -34.87 36.83
C PHE G 318 -37.00 -34.38 36.65
N SER G 319 -36.68 -33.21 37.20
CA SER G 319 -35.32 -32.69 37.17
C SER G 319 -34.37 -33.68 37.81
N ARG G 320 -34.55 -33.93 39.12
CA ARG G 320 -33.71 -34.88 39.84
C ARG G 320 -33.82 -36.29 39.28
N SER G 321 -34.82 -36.57 38.44
CA SER G 321 -34.98 -37.87 37.82
C SER G 321 -34.34 -37.95 36.44
N ILE G 322 -33.83 -36.85 35.91
CA ILE G 322 -33.01 -36.89 34.70
C ILE G 322 -31.56 -36.49 34.97
N GLU G 323 -31.30 -35.67 36.01
CA GLU G 323 -29.93 -35.39 36.39
C GLU G 323 -29.22 -36.67 36.81
N ASN G 324 -29.95 -37.59 37.45
CA ASN G 324 -29.38 -38.89 37.78
C ASN G 324 -28.97 -39.64 36.52
N LEU G 325 -29.77 -39.54 35.46
CA LEU G 325 -29.40 -40.19 34.21
C LEU G 325 -28.13 -39.59 33.63
N PHE G 326 -28.00 -38.27 33.69
CA PHE G 326 -26.79 -37.68 33.12
C PHE G 326 -25.56 -38.00 33.98
N TYR G 327 -25.73 -38.07 35.30
CA TYR G 327 -24.63 -38.49 36.15
C TYR G 327 -24.23 -39.93 35.84
N THR G 328 -25.22 -40.79 35.60
CA THR G 328 -24.93 -42.16 35.20
C THR G 328 -24.17 -42.20 33.88
N SER G 329 -24.53 -41.30 32.95
CA SER G 329 -23.82 -41.25 31.68
C SER G 329 -22.37 -40.84 31.89
N PHE G 330 -22.12 -39.85 32.75
CA PHE G 330 -20.75 -39.49 33.09
C PHE G 330 -19.99 -40.65 33.71
N LEU G 331 -20.62 -41.36 34.66
CA LEU G 331 -19.95 -42.46 35.34
C LEU G 331 -19.57 -43.57 34.36
N ILE G 332 -20.51 -43.99 33.53
CA ILE G 332 -20.22 -45.05 32.57
C ILE G 332 -19.30 -44.56 31.45
N LYS G 333 -19.21 -43.25 31.23
CA LYS G 333 -18.18 -42.73 30.35
C LYS G 333 -16.81 -42.85 31.00
N GLU G 334 -16.73 -42.66 32.31
CA GLU G 334 -15.48 -42.83 33.04
C GLU G 334 -15.07 -44.29 33.19
N GLY G 335 -15.91 -45.23 32.77
CA GLY G 335 -15.58 -46.63 32.87
C GLY G 335 -15.57 -47.15 34.29
N LYS G 336 -16.65 -46.90 35.02
CA LYS G 336 -16.75 -47.33 36.40
C LYS G 336 -18.07 -48.02 36.74
N LEU G 337 -18.93 -48.27 35.76
CA LEU G 337 -20.18 -49.00 35.98
C LEU G 337 -20.37 -50.00 34.85
N LEU G 338 -20.74 -51.23 35.21
CA LEU G 338 -20.96 -52.29 34.25
C LEU G 338 -22.43 -52.31 33.84
N MET G 339 -22.70 -52.03 32.57
CA MET G 339 -24.07 -51.92 32.06
C MET G 339 -24.23 -52.84 30.85
N GLU G 340 -24.50 -54.12 31.12
CA GLU G 340 -24.81 -55.08 30.07
C GLU G 340 -26.21 -55.62 30.32
N HIS G 341 -27.08 -55.53 29.32
CA HIS G 341 -28.48 -55.88 29.47
C HIS G 341 -28.67 -57.39 29.49
N ASP G 342 -29.25 -57.90 30.57
CA ASP G 342 -29.80 -59.24 30.57
C ASP G 342 -31.07 -59.26 29.72
N GLU G 343 -31.50 -60.47 29.35
CA GLU G 343 -32.64 -60.61 28.46
C GLU G 343 -33.98 -60.52 29.18
N GLU G 344 -33.99 -60.25 30.48
CA GLU G 344 -35.26 -60.02 31.17
C GLU G 344 -35.92 -58.73 30.71
N GLY G 345 -35.11 -57.73 30.36
CA GLY G 345 -35.61 -56.45 29.88
C GLY G 345 -35.05 -55.27 30.64
N LEU G 346 -34.90 -55.43 31.94
CA LEU G 346 -34.34 -54.38 32.78
C LEU G 346 -32.86 -54.18 32.48
N PRO G 347 -32.35 -52.96 32.67
CA PRO G 347 -30.90 -52.77 32.58
C PRO G 347 -30.23 -53.18 33.87
N THR G 348 -28.91 -53.39 33.79
CA THR G 348 -28.13 -53.84 34.94
C THR G 348 -26.93 -52.92 35.10
N ILE G 349 -26.99 -52.03 36.09
CA ILE G 349 -25.85 -51.21 36.46
C ILE G 349 -25.27 -51.75 37.76
N LYS G 350 -24.09 -52.37 37.66
CA LYS G 350 -23.38 -52.88 38.82
C LYS G 350 -22.01 -52.23 38.87
N ILE G 351 -21.53 -52.00 40.09
CA ILE G 351 -20.26 -51.30 40.28
C ILE G 351 -19.15 -52.15 39.71
N LYS G 352 -18.55 -51.70 38.60
CA LYS G 352 -17.42 -52.42 38.02
C LYS G 352 -16.27 -52.38 39.00
N GLN G 353 -16.01 -53.50 39.66
CA GLN G 353 -15.02 -53.60 40.72
C GLN G 353 -13.90 -54.50 40.22
N SER G 354 -12.91 -53.88 39.56
CA SER G 354 -11.68 -54.58 39.26
C SER G 354 -10.98 -54.91 40.56
N ILE G 355 -10.69 -56.20 40.78
CA ILE G 355 -9.97 -56.61 41.97
C ILE G 355 -8.64 -55.88 42.01
N SER G 356 -8.32 -55.30 43.17
CA SER G 356 -7.33 -54.23 43.23
C SER G 356 -5.94 -54.68 42.79
N HIS G 357 -5.58 -54.29 41.57
CA HIS G 357 -4.26 -54.57 41.02
C HIS G 357 -3.81 -53.33 40.27
N THR G 358 -2.81 -52.64 40.81
CA THR G 358 -2.34 -51.40 40.19
C THR G 358 -1.44 -51.63 38.98
N ASP G 359 -1.05 -52.88 38.71
CA ASP G 359 -0.24 -53.17 37.52
C ASP G 359 -1.06 -52.91 36.27
N SER G 360 -0.54 -52.11 35.36
CA SER G 360 -1.30 -51.68 34.19
C SER G 360 -0.69 -52.08 32.85
N ARG G 361 0.42 -52.81 32.84
CA ARG G 361 1.14 -53.11 31.61
C ARG G 361 0.27 -53.86 30.60
N SER G 362 -0.68 -54.66 31.07
CA SER G 362 -1.66 -55.28 30.19
C SER G 362 -3.08 -54.88 30.51
N LYS G 363 -3.35 -54.38 31.71
CA LYS G 363 -4.68 -53.87 32.01
C LYS G 363 -5.02 -52.66 31.16
N GLU G 364 -4.03 -51.82 30.84
CA GLU G 364 -4.27 -50.66 30.01
C GLU G 364 -4.69 -51.06 28.60
N ILE G 365 -3.96 -52.00 27.99
CA ILE G 365 -4.33 -52.45 26.64
C ILE G 365 -5.61 -53.27 26.68
N GLU G 366 -5.88 -53.97 27.79
CA GLU G 366 -7.15 -54.68 27.92
C GLU G 366 -8.32 -53.70 27.91
N ARG G 367 -8.22 -52.62 28.68
CA ARG G 367 -9.28 -51.62 28.68
C ARG G 367 -9.39 -50.92 27.32
N GLN G 368 -8.24 -50.60 26.71
CA GLN G 368 -8.25 -49.89 25.44
C GLN G 368 -8.87 -50.74 24.33
N ARG G 369 -8.59 -52.05 24.33
CA ARG G 369 -9.16 -52.93 23.31
C ARG G 369 -10.59 -53.33 23.65
N ARG G 370 -10.96 -53.36 24.93
CA ARG G 370 -12.35 -53.57 25.31
C ARG G 370 -13.22 -52.39 24.90
N ARG G 371 -12.65 -51.18 24.93
CA ARG G 371 -13.36 -50.03 24.35
C ARG G 371 -13.30 -50.09 22.83
N ALA G 372 -12.20 -50.60 22.27
CA ALA G 372 -12.14 -50.87 20.85
C ALA G 372 -13.11 -51.97 20.45
N ALA G 373 -13.49 -52.84 21.39
CA ALA G 373 -14.69 -53.67 21.23
C ALA G 373 -15.86 -52.70 21.44
N HIS G 374 -16.21 -52.03 20.34
CA HIS G 374 -16.83 -50.71 20.42
C HIS G 374 -18.20 -50.75 21.08
N GLN G 375 -18.38 -49.87 22.06
CA GLN G 375 -19.61 -49.79 22.83
C GLN G 375 -20.66 -49.03 22.01
N ASN G 376 -21.23 -49.73 21.02
CA ASN G 376 -22.33 -49.14 20.27
C ASN G 376 -23.46 -48.84 21.24
N HIS G 377 -23.68 -47.55 21.47
CA HIS G 377 -24.23 -47.06 22.71
C HIS G 377 -25.71 -47.42 22.85
N ILE G 378 -26.16 -47.49 24.09
CA ILE G 378 -27.57 -47.74 24.40
C ILE G 378 -28.24 -46.40 24.62
N ILE G 379 -28.97 -45.93 23.61
CA ILE G 379 -29.58 -44.61 23.64
C ILE G 379 -30.73 -44.62 24.63
N PHE G 380 -30.46 -44.16 25.85
CA PHE G 380 -31.39 -44.38 26.96
C PHE G 380 -32.42 -43.24 27.01
N GLN G 381 -33.34 -43.30 26.07
CA GLN G 381 -34.38 -42.27 25.92
C GLN G 381 -35.36 -42.37 27.07
N MET G 382 -35.64 -41.25 27.70
CA MET G 382 -36.69 -41.18 28.70
C MET G 382 -37.57 -39.97 28.43
N ASP G 383 -38.88 -40.19 28.42
CA ASP G 383 -39.84 -39.14 28.13
C ASP G 383 -40.47 -38.64 29.42
N MET G 384 -41.32 -37.62 29.29
CA MET G 384 -42.08 -37.09 30.42
C MET G 384 -43.31 -37.93 30.78
N PRO G 385 -44.16 -38.36 29.82
CA PRO G 385 -45.33 -39.13 30.24
C PRO G 385 -44.99 -40.50 30.77
N THR G 386 -44.01 -41.18 30.18
CA THR G 386 -43.60 -42.50 30.63
C THR G 386 -42.66 -42.45 31.82
N TRP G 387 -42.46 -41.26 32.41
CA TRP G 387 -41.82 -41.17 33.70
C TRP G 387 -42.70 -41.75 34.79
N ARG G 388 -44.02 -41.70 34.60
CA ARG G 388 -44.95 -42.21 35.59
C ARG G 388 -45.42 -43.63 35.29
N LYS G 389 -45.07 -44.19 34.13
CA LYS G 389 -45.40 -45.56 33.81
C LYS G 389 -44.38 -46.55 34.36
N LEU G 390 -43.09 -46.19 34.31
CA LEU G 390 -41.99 -47.02 34.79
C LEU G 390 -41.49 -46.56 36.15
N ILE G 391 -42.41 -46.21 37.05
CA ILE G 391 -42.03 -45.83 38.41
C ILE G 391 -41.14 -46.90 39.02
N LYS G 392 -41.68 -48.09 39.28
CA LYS G 392 -40.84 -49.26 39.43
C LYS G 392 -41.12 -50.29 38.34
N LYS G 393 -42.31 -50.87 38.32
CA LYS G 393 -42.92 -51.38 37.10
C LYS G 393 -44.41 -51.12 37.02
N TYR G 394 -45.09 -50.93 38.15
CA TYR G 394 -46.53 -50.69 38.21
C TYR G 394 -46.83 -49.60 39.22
N ASN G 395 -46.14 -48.46 39.08
CA ASN G 395 -46.47 -47.20 39.72
C ASN G 395 -46.22 -47.19 41.22
N ILE G 396 -45.18 -47.88 41.69
CA ILE G 396 -44.87 -47.85 43.12
C ILE G 396 -43.37 -47.95 43.44
N THR G 397 -42.75 -46.83 43.81
CA THR G 397 -41.52 -46.86 44.59
C THR G 397 -41.67 -46.19 45.94
N SER G 398 -42.00 -44.89 45.94
CA SER G 398 -42.23 -44.14 47.17
C SER G 398 -42.95 -42.83 46.85
N PRO G 399 -44.19 -42.87 46.34
CA PRO G 399 -44.88 -41.64 45.92
C PRO G 399 -45.19 -40.70 47.08
#